data_8J86
#
_entry.id   8J86
#
_cell.length_a   1.00
_cell.length_b   1.00
_cell.length_c   1.00
_cell.angle_alpha   90.00
_cell.angle_beta   90.00
_cell.angle_gamma   90.00
#
_symmetry.space_group_name_H-M   'P 1'
#
loop_
_entity.id
_entity.type
_entity.pdbx_description
1 polymer 'DNA polymerase'
2 polymer E4R
3 polymer 'DNA polymerase processivity factor component A20'
4 polymer "DNA (5'-D(P*AP*GP*CP*TP*GP*CP*TP*AP*TP*GP*TP*GP*AP*GP*AP*TP*TP*AP*AP*GP*TP*TP*AP*T)-3')"
5 polymer "DNA (5'-D(P*GP*TP*TP*TP*TP*TP*TP*TP*TP*TP*TP*TP*TP*GP*AP*TP*AP*AP*CP*TP*TP*AP*AP*TP*CP*TP*CP*AP*CP*AP*TP*AP*GP*CP*AP*GP*CP*TP*)-3')"
6 non-polymer 'CALCIUM ION'
#
loop_
_entity_poly.entity_id
_entity_poly.type
_entity_poly.pdbx_seq_one_letter_code
_entity_poly.pdbx_strand_id
1 'polypeptide(L)'
;MHHHHHHHHDYDIPTTENLYFQGMDVRCINWFESHGENRFLYLKSRCRNGETVFIRFPHYFYYVVTDEIYQSLSPPPFNA
RPMGKMRTIDIDETISYNLDIKDRKCSVADMWLIEEPKKRSIQNATMDEFFNISWFYISNGISPDGCYSLDEQYLTKINN
GCYHCDDPRNCFAKEIPRFDIPRSYLFLDIECHFDKKFPSVFINPISHTSYCYIDLSGKRLLFTLINEEMLTEQEIQEAV
DRGCLRIQSLMEMDYERELVLCSEIVLLRIAKQLLELTFDYVVTFNGHNFDLRYITNRLELLTGEKIIFRSPDKKEAVHL
CIYERNQSSHKGVCGMANTTFHVNNNNGTIFFDLYSFIQKSEKLDSYKLDSISKNAFSCMGKVLNRGVREMTFIGDDTTD
AKGKADTFAKVLTTGNYVTVDEDIICKVIRKDILENGFKVVLSCPTLPNDIYKLSFGKDDIDLAQMYKDYNLNIALDMAR
YCIHDACLCQYLWEYYGVETKTDAGAATYVLPQSMVFEYRASTIIKGPLLKLLLETKTILVRSETKQKFPYEGGKVFAPK
QKMFSNNVLIFDYNSLYPNVCIFGNLSPETLVGVVVSTNRLEEEINNQLLLQKYPPPRYITVHCEPRLPNLISEIAIFDR
SIEGTIPRLLRTFLAERARYKKMLKQATSSTEKAIYDSMQYTYKIVANSVYGLMGFRNSALYSYASAKSCTSIGRRMILY
LESVLNGAELSNGMLRFANTLSNPFYMDDRDINPIVKTSLPIDYRFRFRSVYGDTDSVFTEIDSQDVDKSIEIAKELERL
INSRVLFNNFKIEFEAVYKNLIMQSKKKYTTMKYSASSNSKSVPERINKGTSETRRDVSKFHKNMIKTYKTRLSEMLSEG
RMNSNQVCIDILRSLETDLRSEFDSRSSPLELFMLSRMHHSNYKSADNPNMYLVTEYNKNNPETIELGERYYFAYICPAN
VPWTKKLVNIKTYETIIDRSFKLGSNQRIFYEVYFKRLTSEIVNLLDNKVLCISFFQRMFGSRPTFYEA
;
A
2 'polypeptide(L)'
;MHHHHHHDYDIPTTENLYFQGASMNSVTISHAPYTITYHDDWEPVMSQLVEFYNEVASWLLRDETSPIPDKFFIQLKQPL
RNKRVCVCGIDPYPKDGTGVPFESPNFTKKSIKEIASSISRLTGVIDYKGYNLNIIDGVIPWNYYLSCKLGETKSHAIYW
DKISKLLLQHITKHVSVLYCLGKTDFSNIRAKLESPVTTIVGYHPAARDHQFEKDRSFEIINVLLELDNKTPINWAQGFI
Y
;
B
3 'polypeptide(L)'
;MTSSADLTNLKELLSLYKSLRFSDSVAIEKYNSLVEWGTSTYWKIGVQKVTNVETSISDYYDEVKNKPFNIDPGYYIFLP
VYFGSVFIYSKGKNMVELGSGNSFQIPDEIRSACNKVLDSDNGIDFLRFVLLNNRWIMEDAISKYQSPVNIFKLASEYGL
NIPNYLEIEIEEDTLFDDELYSIMERSFDDTFPKISISYIKLGELKRQVVDFFKFSFMYIESIKVDRIGDNIFIPSVITK
SGKKILVKDVDHLIRSKVREHTFVKVKKKNTFSILYDYDGNGTETRGEVIKRIIDTIGRDYYVNGKYFSKVGIAGLKQLT
NKLDINECATVDELVDEINKSGTVKRKIKNQSVFDLSRECLGYPEADFITLVNNMRFKIENCKVVNFNIENTNCLNNPSI
ETIYGNFNQFVSIFNTVTDVKKRLFE
;
C
4 'polydeoxyribonucleotide'
;(DA)(DG)(DC)(DT)(DG)(DC)(DT)(DA)(DT)(DG)(DT)(DG)(DA)(DG)(DA)(DT)(DT)(DA)(DA)(DG)
(DT)(DT)(DA)(DT)
;
P
5 'polydeoxyribonucleotide'
;(DG)(DT)(DT)(DT)(DT)(DT)(DT)(DT)(DT)(DT)(DT)(DT)(DT)(DG)(DA)(DT)(DA)(DA)(DC)(DT)
(DT)(DA)(DA)(DT)(DC)(DT)(DC)(DA)(DC)(DA)(DT)(DA)(DG)(DC)(DA)(DG)(DC)(DT)
;
T
#
loop_
_chem_comp.id
_chem_comp.type
_chem_comp.name
_chem_comp.formula
CA non-polymer 'CALCIUM ION' 'Ca 2'
DA DNA linking 2'-DEOXYADENOSINE-5'-MONOPHOSPHATE 'C10 H14 N5 O6 P'
DC DNA linking 2'-DEOXYCYTIDINE-5'-MONOPHOSPHATE 'C9 H14 N3 O7 P'
DG DNA linking 2'-DEOXYGUANOSINE-5'-MONOPHOSPHATE 'C10 H14 N5 O7 P'
DT DNA linking THYMIDINE-5'-MONOPHOSPHATE 'C10 H15 N2 O8 P'
#
# COMPACT_ATOMS: atom_id res chain seq x y z
N GLY A 23 45.02 6.02 8.19
CA GLY A 23 44.93 4.96 9.20
C GLY A 23 45.26 3.60 8.65
N MET A 24 45.99 3.58 7.53
CA MET A 24 46.38 2.34 6.83
C MET A 24 45.10 1.58 6.50
N ASP A 25 45.02 0.28 6.77
CA ASP A 25 43.84 -0.51 6.44
C ASP A 25 42.85 -0.46 7.60
N VAL A 26 41.66 0.11 7.36
CA VAL A 26 40.61 0.16 8.36
C VAL A 26 39.29 -0.23 7.70
N ARG A 27 38.47 -0.99 8.44
CA ARG A 27 37.20 -1.48 7.94
C ARG A 27 36.07 -0.61 8.43
N CYS A 28 35.20 -0.21 7.51
CA CYS A 28 34.08 0.68 7.86
C CYS A 28 33.04 -0.05 8.69
N ILE A 29 32.49 0.65 9.67
CA ILE A 29 31.49 0.11 10.58
C ILE A 29 30.14 0.79 10.41
N ASN A 30 30.14 2.11 10.22
CA ASN A 30 28.92 2.87 10.08
C ASN A 30 29.18 4.07 9.20
N TRP A 31 28.10 4.63 8.65
CA TRP A 31 28.14 5.85 7.86
C TRP A 31 27.07 6.80 8.37
N PHE A 32 27.38 8.10 8.32
CA PHE A 32 26.51 9.11 8.90
C PHE A 32 26.99 10.48 8.45
N GLU A 33 26.30 11.52 8.91
CA GLU A 33 26.65 12.90 8.58
C GLU A 33 26.21 13.80 9.70
N SER A 34 26.77 15.02 9.72
CA SER A 34 26.53 15.98 10.78
C SER A 34 25.54 17.05 10.31
N HIS A 35 24.50 17.26 11.10
CA HIS A 35 23.47 18.27 10.79
C HIS A 35 23.77 19.58 11.49
N GLY A 36 24.96 20.13 11.21
CA GLY A 36 25.39 21.38 11.78
C GLY A 36 25.27 22.54 10.81
N GLU A 37 25.91 23.65 11.18
CA GLU A 37 25.98 24.80 10.28
C GLU A 37 26.73 24.44 9.00
N ASN A 38 27.85 23.73 9.13
CA ASN A 38 28.56 23.15 8.00
C ASN A 38 28.38 21.65 8.05
N ARG A 39 27.95 21.06 6.94
CA ARG A 39 27.56 19.66 6.90
C ARG A 39 28.75 18.81 6.45
N PHE A 40 29.13 17.84 7.28
CA PHE A 40 30.22 16.92 6.98
C PHE A 40 29.69 15.49 7.01
N LEU A 41 30.15 14.68 6.06
CA LEU A 41 29.84 13.26 6.00
C LEU A 41 31.01 12.48 6.60
N TYR A 42 30.75 11.75 7.67
CA TYR A 42 31.81 11.07 8.41
C TYR A 42 31.90 9.61 8.00
N LEU A 43 32.81 8.91 8.69
CA LEU A 43 33.01 7.48 8.49
C LEU A 43 33.70 6.92 9.73
N LYS A 44 33.04 5.99 10.41
CA LYS A 44 33.65 5.29 11.54
C LYS A 44 34.23 3.98 11.04
N SER A 45 35.46 3.69 11.46
CA SER A 45 36.13 2.48 11.02
C SER A 45 36.93 1.90 12.18
N ARG A 46 37.23 0.62 12.07
CA ARG A 46 38.08 -0.08 13.03
C ARG A 46 39.31 -0.59 12.30
N CYS A 47 40.48 -0.35 12.87
CA CYS A 47 41.71 -0.89 12.33
C CYS A 47 41.83 -2.37 12.70
N ARG A 48 42.89 -3.02 12.25
CA ARG A 48 43.15 -4.39 12.66
C ARG A 48 43.35 -4.49 14.16
N ASN A 49 43.73 -3.39 14.82
CA ASN A 49 43.85 -3.33 16.26
C ASN A 49 42.48 -2.96 16.86
N GLY A 50 42.47 -2.61 18.14
CA GLY A 50 41.24 -2.28 18.82
C GLY A 50 40.98 -0.79 18.98
N GLU A 51 41.27 -0.01 17.93
CA GLU A 51 41.13 1.43 17.98
C GLU A 51 40.15 1.91 16.91
N THR A 52 39.43 2.99 17.23
CA THR A 52 38.44 3.57 16.33
C THR A 52 39.07 4.72 15.55
N VAL A 53 38.93 4.68 14.22
CA VAL A 53 39.46 5.72 13.35
C VAL A 53 38.28 6.39 12.66
N PHE A 54 38.17 7.70 12.81
CA PHE A 54 37.11 8.47 12.16
C PHE A 54 37.68 9.25 11.00
N ILE A 55 36.91 9.32 9.91
CA ILE A 55 37.27 10.10 8.74
C ILE A 55 36.14 11.07 8.48
N ARG A 56 36.47 12.23 7.92
CA ARG A 56 35.52 13.30 7.68
C ARG A 56 35.65 13.80 6.25
N PHE A 57 34.53 14.10 5.62
CA PHE A 57 34.53 14.61 4.27
C PHE A 57 33.53 15.75 4.16
N PRO A 58 33.74 16.68 3.23
CA PRO A 58 32.70 17.67 2.94
C PRO A 58 31.55 17.02 2.20
N HIS A 59 30.34 17.53 2.43
CA HIS A 59 29.14 17.02 1.80
C HIS A 59 28.40 18.14 1.08
N TYR A 60 27.86 17.82 -0.09
CA TYR A 60 27.18 18.81 -0.92
C TYR A 60 25.90 18.20 -1.47
N PHE A 61 24.99 19.08 -1.89
CA PHE A 61 23.84 18.65 -2.68
C PHE A 61 24.27 18.43 -4.14
N TYR A 62 23.73 17.39 -4.75
CA TYR A 62 24.13 16.99 -6.10
C TYR A 62 23.02 17.30 -7.09
N TYR A 63 23.40 17.89 -8.23
CA TYR A 63 22.47 18.16 -9.31
C TYR A 63 23.14 17.79 -10.63
N VAL A 64 22.36 17.20 -11.54
CA VAL A 64 22.89 16.67 -12.79
C VAL A 64 22.27 17.45 -13.94
N VAL A 65 22.03 18.75 -13.72
CA VAL A 65 21.41 19.57 -14.74
C VAL A 65 22.32 19.68 -15.98
N THR A 66 21.74 20.11 -17.08
CA THR A 66 22.46 20.22 -18.33
C THR A 66 23.29 21.49 -18.38
N ASP A 67 24.07 21.63 -19.45
CA ASP A 67 24.96 22.78 -19.61
C ASP A 67 24.21 24.08 -19.84
N GLU A 68 22.91 24.02 -20.10
CA GLU A 68 22.14 25.21 -20.46
C GLU A 68 21.26 25.73 -19.33
N ILE A 69 21.38 25.18 -18.12
CA ILE A 69 20.56 25.62 -17.00
C ILE A 69 21.44 26.16 -15.88
N TYR A 70 22.68 25.67 -15.80
CA TYR A 70 23.60 26.14 -14.78
C TYR A 70 24.67 27.09 -15.31
N GLN A 71 24.94 27.08 -16.61
CA GLN A 71 25.85 28.06 -17.18
C GLN A 71 25.28 29.47 -17.05
N SER A 72 23.95 29.58 -17.01
CA SER A 72 23.26 30.86 -16.84
C SER A 72 22.67 30.88 -15.43
N LEU A 73 23.48 31.31 -14.47
CA LEU A 73 23.04 31.46 -13.09
C LEU A 73 23.98 32.43 -12.39
N SER A 74 23.54 32.94 -11.24
CA SER A 74 24.33 33.93 -10.52
C SER A 74 25.70 33.41 -10.12
N PRO A 75 25.86 32.24 -9.51
CA PRO A 75 27.20 31.75 -9.19
C PRO A 75 27.74 30.87 -10.30
N PRO A 76 29.04 30.91 -10.54
CA PRO A 76 29.66 29.97 -11.47
C PRO A 76 29.71 28.58 -10.86
N PRO A 77 29.97 27.53 -11.67
CA PRO A 77 30.06 26.18 -11.11
C PRO A 77 31.11 26.07 -10.00
N PHE A 78 30.65 25.82 -8.78
CA PHE A 78 31.58 25.65 -7.67
C PHE A 78 32.47 24.42 -7.87
N ASN A 79 31.88 23.32 -8.32
CA ASN A 79 32.64 22.13 -8.66
C ASN A 79 31.83 21.32 -9.67
N ALA A 80 32.50 20.84 -10.72
CA ALA A 80 31.83 20.09 -11.77
C ALA A 80 32.67 18.87 -12.12
N ARG A 81 32.00 17.87 -12.68
CA ARG A 81 32.63 16.61 -13.05
C ARG A 81 32.28 16.24 -14.47
N PRO A 82 33.15 15.49 -15.16
CA PRO A 82 32.82 15.00 -16.52
C PRO A 82 31.92 13.76 -16.48
N MET A 83 30.64 14.01 -16.23
CA MET A 83 29.68 12.91 -16.12
C MET A 83 29.55 12.16 -17.44
N GLY A 84 29.51 12.89 -18.55
CA GLY A 84 29.43 12.29 -19.87
C GLY A 84 28.12 12.62 -20.57
N LYS A 85 28.05 12.22 -21.84
CA LYS A 85 26.87 12.45 -22.66
C LYS A 85 25.73 11.56 -22.17
N MET A 86 24.74 12.16 -21.52
CA MET A 86 23.62 11.43 -20.95
C MET A 86 22.45 11.41 -21.93
N ARG A 87 21.76 10.28 -21.98
CA ARG A 87 20.59 10.09 -22.82
C ARG A 87 19.34 10.08 -21.95
N THR A 88 18.37 10.92 -22.31
CA THR A 88 17.11 11.01 -21.58
C THR A 88 15.98 10.54 -22.48
N ILE A 89 15.19 9.60 -21.98
CA ILE A 89 14.04 9.05 -22.69
C ILE A 89 12.78 9.39 -21.89
N ASP A 90 11.82 10.01 -22.56
CA ASP A 90 10.55 10.34 -21.91
C ASP A 90 9.65 9.10 -21.90
N ILE A 91 9.32 8.63 -20.71
CA ILE A 91 8.50 7.43 -20.55
C ILE A 91 7.07 7.87 -20.25
N ASP A 92 6.15 7.50 -21.14
CA ASP A 92 4.75 7.88 -20.97
C ASP A 92 3.88 6.85 -21.69
N GLU A 93 2.63 6.78 -21.25
CA GLU A 93 1.64 5.89 -21.84
C GLU A 93 0.43 6.69 -22.25
N THR A 94 -0.02 6.47 -23.49
CA THR A 94 -1.17 7.20 -24.03
C THR A 94 -2.02 6.25 -24.85
N ILE A 95 -3.34 6.36 -24.69
CA ILE A 95 -4.26 5.56 -25.50
C ILE A 95 -4.13 5.98 -26.96
N SER A 96 -4.35 5.01 -27.85
CA SER A 96 -4.21 5.26 -29.30
C SER A 96 -5.30 4.47 -30.01
N TYR A 97 -6.36 5.16 -30.45
CA TYR A 97 -7.42 4.51 -31.19
C TYR A 97 -7.02 4.39 -32.66
N ASN A 98 -5.80 3.93 -32.93
CA ASN A 98 -5.26 3.92 -34.28
C ASN A 98 -3.93 3.17 -34.24
N LEU A 99 -3.25 3.14 -35.39
CA LEU A 99 -1.90 2.59 -35.50
C LEU A 99 -0.83 3.68 -35.54
N ASP A 100 -1.23 4.94 -35.43
CA ASP A 100 -0.30 6.07 -35.50
C ASP A 100 0.21 6.35 -34.10
N ILE A 101 1.42 5.87 -33.82
CA ILE A 101 2.08 6.08 -32.53
C ILE A 101 3.41 6.78 -32.80
N LYS A 102 3.60 7.93 -32.18
CA LYS A 102 4.85 8.66 -32.33
C LYS A 102 5.97 7.98 -31.56
N ASP A 103 7.18 8.00 -32.13
CA ASP A 103 8.32 7.39 -31.48
C ASP A 103 8.69 8.13 -30.20
N ARG A 104 9.29 7.40 -29.27
CA ARG A 104 9.73 8.00 -28.01
C ARG A 104 10.85 8.99 -28.26
N LYS A 105 10.76 10.16 -27.64
CA LYS A 105 11.75 11.21 -27.84
C LYS A 105 12.94 10.98 -26.91
N CYS A 106 14.13 10.85 -27.49
CA CYS A 106 15.36 10.64 -26.74
C CYS A 106 16.31 11.81 -27.02
N SER A 107 16.86 12.38 -25.96
CA SER A 107 17.75 13.53 -26.04
C SER A 107 19.12 13.14 -25.50
N VAL A 108 20.15 13.24 -26.34
CA VAL A 108 21.52 12.99 -25.93
C VAL A 108 22.18 14.34 -25.71
N ALA A 109 22.72 14.56 -24.50
CA ALA A 109 23.27 15.86 -24.15
C ALA A 109 24.52 15.64 -23.30
N ASP A 110 24.97 16.71 -22.67
CA ASP A 110 26.24 16.75 -21.93
C ASP A 110 25.99 17.23 -20.50
N MET A 111 25.02 16.61 -19.83
CA MET A 111 24.74 16.93 -18.44
C MET A 111 25.97 16.75 -17.58
N TRP A 112 26.19 17.69 -16.66
CA TRP A 112 27.38 17.72 -15.84
C TRP A 112 27.04 17.42 -14.39
N LEU A 113 27.86 16.57 -13.76
CA LEU A 113 27.68 16.22 -12.35
C LEU A 113 28.16 17.38 -11.50
N ILE A 114 27.24 18.07 -10.84
CA ILE A 114 27.52 19.33 -10.16
C ILE A 114 27.26 19.16 -8.67
N GLU A 115 28.18 19.65 -7.85
CA GLU A 115 28.06 19.63 -6.40
C GLU A 115 27.97 21.07 -5.90
N GLU A 116 27.01 21.34 -5.02
CA GLU A 116 26.83 22.68 -4.46
C GLU A 116 26.60 22.54 -2.95
N PRO A 117 27.36 23.27 -2.13
CA PRO A 117 27.21 23.12 -0.67
C PRO A 117 25.92 23.68 -0.11
N LYS A 118 25.02 24.19 -0.95
CA LYS A 118 23.75 24.75 -0.47
C LYS A 118 22.64 24.33 -1.42
N LYS A 119 21.43 24.23 -0.88
CA LYS A 119 20.28 23.82 -1.66
C LYS A 119 19.85 24.95 -2.60
N ARG A 120 19.86 24.69 -3.90
CA ARG A 120 19.44 25.64 -4.90
C ARG A 120 18.29 25.06 -5.71
N SER A 121 17.29 25.89 -5.99
CA SER A 121 16.13 25.47 -6.78
C SER A 121 16.43 25.72 -8.24
N ILE A 122 16.96 24.68 -8.90
CA ILE A 122 17.31 24.79 -10.31
C ILE A 122 16.07 24.57 -11.17
N GLN A 123 16.10 25.13 -12.38
CA GLN A 123 14.96 25.03 -13.28
C GLN A 123 14.85 23.65 -13.92
N ASN A 124 15.98 23.02 -14.22
CA ASN A 124 15.96 21.72 -14.90
C ASN A 124 15.44 20.62 -13.98
N ALA A 125 16.16 20.36 -12.89
CA ALA A 125 15.79 19.35 -11.91
C ALA A 125 15.65 17.96 -12.55
N THR A 126 16.77 17.47 -13.08
CA THR A 126 16.82 16.16 -13.71
C THR A 126 17.44 15.13 -12.77
N MET A 127 17.10 13.87 -12.99
CA MET A 127 17.59 12.74 -12.21
C MET A 127 17.29 12.93 -10.72
N ASP A 128 16.02 13.17 -10.42
CA ASP A 128 15.56 13.39 -9.05
C ASP A 128 15.37 12.07 -8.32
N GLU A 129 14.64 12.11 -7.21
CA GLU A 129 14.26 10.94 -6.39
C GLU A 129 15.48 10.13 -5.94
N PHE A 130 16.57 10.83 -5.63
CA PHE A 130 17.70 10.27 -4.91
C PHE A 130 18.07 11.27 -3.82
N PHE A 131 18.14 10.80 -2.57
CA PHE A 131 18.07 11.76 -1.47
C PHE A 131 19.34 12.59 -1.31
N ASN A 132 20.39 12.00 -0.75
CA ASN A 132 21.69 12.67 -0.77
C ASN A 132 22.86 11.70 -0.84
N ILE A 133 22.64 10.48 -0.35
CA ILE A 133 23.74 9.62 0.09
C ILE A 133 24.24 8.70 -1.01
N SER A 134 23.31 8.05 -1.73
CA SER A 134 23.72 7.25 -2.87
C SER A 134 24.44 8.11 -3.91
N TRP A 135 24.06 9.38 -4.00
CA TRP A 135 24.79 10.32 -4.85
C TRP A 135 26.26 10.35 -4.47
N PHE A 136 26.55 10.52 -3.18
CA PHE A 136 27.94 10.51 -2.73
C PHE A 136 28.61 9.17 -3.04
N TYR A 137 27.94 8.08 -2.67
CA TYR A 137 28.54 6.75 -2.79
C TYR A 137 28.89 6.40 -4.22
N ILE A 138 28.14 6.91 -5.19
CA ILE A 138 28.39 6.54 -6.58
C ILE A 138 29.25 7.58 -7.27
N SER A 139 29.13 8.85 -6.87
CA SER A 139 29.99 9.89 -7.42
C SER A 139 31.44 9.65 -7.05
N ASN A 140 31.70 9.24 -5.81
CA ASN A 140 33.06 8.96 -5.38
C ASN A 140 33.42 7.49 -5.59
N GLY A 141 32.62 6.60 -5.01
CA GLY A 141 32.81 5.16 -5.13
C GLY A 141 33.23 4.56 -3.81
N ILE A 142 32.26 4.05 -3.06
CA ILE A 142 32.48 3.47 -1.74
C ILE A 142 31.40 2.42 -1.50
N SER A 143 31.81 1.24 -1.09
CA SER A 143 30.87 0.29 -0.51
C SER A 143 30.66 0.67 0.95
N PRO A 144 29.42 0.92 1.40
CA PRO A 144 29.22 1.38 2.78
C PRO A 144 29.69 0.39 3.83
N ASP A 145 29.83 -0.89 3.47
CA ASP A 145 30.49 -1.87 4.32
C ASP A 145 31.74 -2.37 3.61
N GLY A 146 32.86 -2.34 4.31
CA GLY A 146 34.11 -2.80 3.73
C GLY A 146 35.29 -2.17 4.43
N CYS A 147 36.47 -2.51 3.93
CA CYS A 147 37.73 -2.01 4.46
C CYS A 147 38.53 -1.36 3.35
N TYR A 148 39.15 -0.23 3.69
CA TYR A 148 39.93 0.55 2.73
C TYR A 148 41.26 0.93 3.35
N SER A 149 42.24 1.17 2.48
CA SER A 149 43.55 1.70 2.86
C SER A 149 43.48 3.22 2.75
N LEU A 150 43.13 3.87 3.85
CA LEU A 150 43.03 5.33 3.90
C LEU A 150 44.41 5.92 3.69
N ASP A 151 44.63 6.53 2.52
CA ASP A 151 45.93 7.09 2.20
C ASP A 151 46.25 8.27 3.11
N GLU A 152 47.50 8.31 3.59
CA GLU A 152 47.94 9.39 4.46
C GLU A 152 48.30 10.66 3.70
N GLN A 153 48.36 10.60 2.35
CA GLN A 153 48.70 11.79 1.58
C GLN A 153 47.64 12.88 1.77
N TYR A 154 46.37 12.50 1.79
CA TYR A 154 45.30 13.47 1.95
C TYR A 154 44.86 13.63 3.40
N LEU A 155 44.96 12.56 4.20
CA LEU A 155 44.43 12.57 5.55
C LEU A 155 45.12 13.63 6.40
N THR A 156 44.33 14.39 7.16
CA THR A 156 44.85 15.42 8.05
C THR A 156 44.31 15.17 9.45
N LYS A 157 45.20 15.19 10.43
CA LYS A 157 44.83 14.94 11.84
C LYS A 157 44.09 16.17 12.37
N ILE A 158 42.81 16.26 12.02
CA ILE A 158 42.01 17.41 12.41
C ILE A 158 41.69 17.40 13.90
N ASN A 159 41.86 16.26 14.57
CA ASN A 159 41.59 16.16 15.99
C ASN A 159 42.29 14.90 16.51
N ASN A 160 41.96 14.51 17.75
CA ASN A 160 42.55 13.34 18.38
C ASN A 160 41.90 12.09 17.81
N GLY A 161 42.53 11.53 16.78
CA GLY A 161 42.06 10.32 16.14
C GLY A 161 41.20 10.54 14.91
N CYS A 162 40.73 11.75 14.68
CA CYS A 162 39.92 12.07 13.51
C CYS A 162 40.81 12.54 12.38
N TYR A 163 40.84 11.79 11.28
CA TYR A 163 41.69 12.10 10.13
C TYR A 163 40.77 12.55 9.00
N HIS A 164 40.69 13.87 8.80
CA HIS A 164 39.83 14.46 7.78
C HIS A 164 40.62 14.80 6.54
N CYS A 165 40.14 14.34 5.39
CA CYS A 165 40.73 14.66 4.10
C CYS A 165 39.62 15.14 3.15
N ASP A 166 40.03 15.81 2.08
CA ASP A 166 39.09 16.56 1.24
C ASP A 166 38.31 15.63 0.30
N ASP A 167 38.99 15.00 -0.64
CA ASP A 167 38.30 14.31 -1.72
C ASP A 167 38.12 12.85 -1.35
N PRO A 168 36.87 12.35 -1.26
CA PRO A 168 36.65 10.91 -1.04
C PRO A 168 36.62 10.11 -2.33
N ARG A 169 37.51 10.41 -3.27
CA ARG A 169 37.50 9.72 -4.55
C ARG A 169 38.74 8.89 -4.78
N ASN A 170 39.93 9.49 -4.69
CA ASN A 170 41.18 8.76 -4.78
C ASN A 170 41.64 8.20 -3.45
N CYS A 171 41.01 8.59 -2.35
CA CYS A 171 41.38 8.06 -1.03
C CYS A 171 40.97 6.61 -0.85
N PHE A 172 40.00 6.12 -1.63
CA PHE A 172 39.57 4.74 -1.60
C PHE A 172 39.85 4.06 -2.94
N ALA A 173 41.03 4.33 -3.50
CA ALA A 173 41.37 3.79 -4.81
C ALA A 173 41.48 2.28 -4.79
N LYS A 174 42.06 1.72 -3.73
CA LYS A 174 42.27 0.29 -3.62
C LYS A 174 41.45 -0.26 -2.45
N GLU A 175 40.72 -1.35 -2.71
CA GLU A 175 39.97 -2.04 -1.68
C GLU A 175 40.54 -3.44 -1.50
N ILE A 176 40.45 -3.94 -0.27
CA ILE A 176 41.05 -5.22 0.11
C ILE A 176 39.97 -6.08 0.76
N PRO A 177 40.17 -7.40 0.79
CA PRO A 177 39.19 -8.27 1.47
C PRO A 177 39.06 -7.91 2.94
N ARG A 178 37.85 -8.06 3.46
CA ARG A 178 37.57 -7.71 4.84
C ARG A 178 38.24 -8.67 5.81
N PHE A 179 38.35 -8.23 7.06
CA PHE A 179 39.01 -9.00 8.11
C PHE A 179 38.14 -8.99 9.37
N ASP A 180 38.29 -10.03 10.18
CA ASP A 180 37.50 -10.17 11.39
C ASP A 180 37.97 -9.18 12.46
N ILE A 181 37.36 -8.01 12.51
CA ILE A 181 37.72 -6.98 13.48
C ILE A 181 37.23 -7.40 14.87
N PRO A 182 37.86 -6.94 15.95
CA PRO A 182 37.34 -7.21 17.28
C PRO A 182 36.11 -6.36 17.58
N ARG A 183 34.95 -6.80 17.13
CA ARG A 183 33.72 -6.04 17.31
C ARG A 183 33.39 -5.89 18.78
N SER A 184 32.80 -4.75 19.12
CA SER A 184 32.41 -4.44 20.49
C SER A 184 30.89 -4.38 20.57
N TYR A 185 30.31 -5.13 21.50
CA TYR A 185 28.87 -5.25 21.63
C TYR A 185 28.42 -4.80 23.02
N LEU A 186 27.27 -4.13 23.07
CA LEU A 186 26.60 -3.84 24.34
C LEU A 186 25.18 -4.40 24.22
N PHE A 187 25.02 -5.68 24.53
CA PHE A 187 23.71 -6.30 24.63
C PHE A 187 23.14 -5.95 25.99
N LEU A 188 22.26 -4.94 26.04
CA LEU A 188 21.79 -4.45 27.32
C LEU A 188 20.29 -4.68 27.45
N ASP A 189 19.86 -5.08 28.64
CA ASP A 189 18.44 -5.23 28.94
C ASP A 189 18.23 -4.81 30.38
N ILE A 190 17.19 -4.03 30.64
CA ILE A 190 16.92 -3.50 31.96
C ILE A 190 15.59 -4.06 32.45
N GLU A 191 15.56 -4.41 33.73
CA GLU A 191 14.34 -4.86 34.39
C GLU A 191 13.92 -3.78 35.37
N CYS A 192 12.67 -3.33 35.26
CA CYS A 192 12.10 -2.22 36.00
C CYS A 192 11.02 -2.74 36.95
N HIS A 193 10.33 -1.81 37.61
CA HIS A 193 9.31 -2.16 38.59
C HIS A 193 7.94 -2.10 37.92
N PHE A 194 7.39 -3.27 37.58
CA PHE A 194 6.06 -3.36 36.99
C PHE A 194 5.04 -3.53 38.11
N ASP A 195 4.74 -2.43 38.77
CA ASP A 195 3.83 -2.46 39.92
C ASP A 195 2.44 -2.96 39.51
N LYS A 196 1.76 -2.22 38.64
CA LYS A 196 0.48 -2.65 38.11
C LYS A 196 0.27 -2.32 36.64
N LYS A 197 0.97 -1.36 36.07
CA LYS A 197 0.82 -0.94 34.69
C LYS A 197 2.16 -1.02 33.97
N PHE A 198 2.20 -0.53 32.75
CA PHE A 198 3.46 -0.51 31.99
C PHE A 198 4.45 0.43 32.66
N PRO A 199 5.73 0.07 32.73
CA PRO A 199 6.71 0.93 33.38
C PRO A 199 6.85 2.26 32.67
N SER A 200 7.09 3.32 33.44
CA SER A 200 7.24 4.67 32.92
C SER A 200 8.51 5.29 33.48
N VAL A 201 9.11 6.20 32.70
CA VAL A 201 10.35 6.84 33.10
C VAL A 201 10.17 7.84 34.23
N PHE A 202 8.93 8.15 34.60
CA PHE A 202 8.65 9.19 35.58
C PHE A 202 8.41 8.67 36.99
N ILE A 203 7.87 7.46 37.12
CA ILE A 203 7.53 6.94 38.45
C ILE A 203 8.10 5.56 38.73
N ASN A 204 8.54 4.80 37.73
CA ASN A 204 9.05 3.46 37.97
C ASN A 204 10.56 3.49 38.03
N PRO A 205 11.18 3.14 39.15
CA PRO A 205 12.64 3.12 39.22
C PRO A 205 13.23 1.94 38.47
N ILE A 206 14.46 2.11 37.99
CA ILE A 206 15.16 1.01 37.36
C ILE A 206 15.68 0.07 38.44
N SER A 207 15.74 -1.22 38.12
CA SER A 207 16.20 -2.21 39.10
C SER A 207 17.44 -2.97 38.65
N HIS A 208 17.41 -3.58 37.47
CA HIS A 208 18.32 -4.68 37.15
C HIS A 208 18.94 -4.55 35.77
N THR A 209 19.54 -3.39 35.48
CA THR A 209 20.25 -3.22 34.21
C THR A 209 21.36 -4.26 34.07
N SER A 210 21.30 -5.03 32.98
CA SER A 210 22.28 -6.07 32.69
C SER A 210 22.90 -5.81 31.33
N TYR A 211 24.22 -5.95 31.26
CA TYR A 211 25.00 -5.73 30.05
C TYR A 211 25.84 -6.97 29.74
N CYS A 212 25.82 -7.40 28.49
CA CYS A 212 26.75 -8.40 28.00
C CYS A 212 27.90 -7.69 27.27
N TYR A 213 28.68 -6.97 28.05
CA TYR A 213 29.72 -6.10 27.50
C TYR A 213 30.80 -6.93 26.82
N ILE A 214 30.98 -6.70 25.52
CA ILE A 214 32.02 -7.37 24.75
C ILE A 214 32.92 -6.26 24.20
N ASP A 215 34.01 -5.99 24.91
CA ASP A 215 34.95 -4.96 24.50
C ASP A 215 35.83 -5.48 23.37
N LEU A 216 36.86 -4.70 23.00
CA LEU A 216 37.71 -5.05 21.87
C LEU A 216 38.88 -5.92 22.31
N SER A 217 38.58 -6.92 23.13
CA SER A 217 39.61 -7.88 23.54
C SER A 217 39.09 -9.31 23.57
N GLY A 218 37.89 -9.58 23.06
CA GLY A 218 37.29 -10.89 23.23
C GLY A 218 36.99 -11.22 24.66
N LYS A 219 36.63 -10.23 25.47
CA LYS A 219 36.42 -10.38 26.90
C LYS A 219 34.96 -10.14 27.20
N ARG A 220 34.16 -11.22 27.12
CA ARG A 220 32.76 -11.14 27.50
C ARG A 220 32.64 -10.87 29.00
N LEU A 221 31.84 -9.88 29.36
CA LEU A 221 31.66 -9.48 30.74
C LEU A 221 30.17 -9.32 31.00
N LEU A 222 29.64 -10.15 31.88
CA LEU A 222 28.21 -10.14 32.20
C LEU A 222 28.01 -9.32 33.46
N PHE A 223 27.21 -8.26 33.36
CA PHE A 223 26.92 -7.37 34.47
C PHE A 223 25.42 -7.35 34.72
N THR A 224 25.03 -7.36 35.98
CA THR A 224 23.63 -7.36 36.40
C THR A 224 23.39 -6.34 37.50
N LEU A 225 23.85 -5.11 37.27
CA LEU A 225 23.95 -4.11 38.32
C LEU A 225 22.62 -3.84 39.00
N ILE A 226 22.52 -4.22 40.28
CA ILE A 226 21.30 -3.98 41.04
C ILE A 226 21.32 -2.57 41.60
N ASN A 227 20.20 -1.86 41.49
CA ASN A 227 20.04 -0.62 42.22
C ASN A 227 19.96 -0.90 43.71
N GLU A 228 20.75 -0.16 44.50
CA GLU A 228 20.85 -0.42 45.93
C GLU A 228 19.79 0.34 46.75
N GLU A 229 19.02 1.22 46.13
CA GLU A 229 18.00 1.96 46.87
C GLU A 229 16.83 1.09 47.29
N MET A 230 16.70 -0.12 46.73
CA MET A 230 15.64 -1.05 47.12
C MET A 230 16.10 -2.10 48.11
N LEU A 231 17.38 -2.51 48.06
CA LEU A 231 17.90 -3.51 48.97
C LEU A 231 18.27 -2.87 50.31
N THR A 232 18.28 -3.71 51.35
CA THR A 232 18.64 -3.26 52.69
C THR A 232 20.11 -3.53 52.96
N GLU A 233 20.58 -3.07 54.13
CA GLU A 233 21.99 -3.23 54.48
C GLU A 233 22.38 -4.69 54.64
N GLN A 234 21.51 -5.49 55.24
CA GLN A 234 21.82 -6.90 55.43
C GLN A 234 21.96 -7.63 54.10
N GLU A 235 21.08 -7.33 53.14
CA GLU A 235 21.12 -8.01 51.85
C GLU A 235 22.39 -7.67 51.08
N ILE A 236 22.75 -6.39 51.04
CA ILE A 236 23.95 -5.98 50.32
C ILE A 236 25.20 -6.51 51.00
N GLN A 237 25.21 -6.54 52.34
CA GLN A 237 26.35 -7.11 53.06
C GLN A 237 26.48 -8.60 52.76
N GLU A 238 25.37 -9.33 52.72
CA GLU A 238 25.41 -10.75 52.41
C GLU A 238 25.89 -10.98 50.98
N ALA A 239 25.44 -10.13 50.04
CA ALA A 239 25.91 -10.25 48.67
C ALA A 239 27.41 -9.98 48.56
N VAL A 240 27.90 -8.97 49.29
CA VAL A 240 29.33 -8.68 49.31
C VAL A 240 30.09 -9.87 49.87
N ASP A 241 29.57 -10.48 50.93
CA ASP A 241 30.19 -11.68 51.47
C ASP A 241 30.22 -12.81 50.44
N ARG A 242 29.16 -12.93 49.65
CA ARG A 242 29.11 -13.93 48.59
C ARG A 242 30.09 -13.65 47.47
N GLY A 243 30.64 -12.44 47.39
CA GLY A 243 31.59 -12.11 46.34
C GLY A 243 31.13 -11.02 45.40
N CYS A 244 30.35 -10.07 45.91
CA CYS A 244 29.83 -8.95 45.13
C CYS A 244 30.47 -7.65 45.59
N LEU A 245 30.11 -6.56 44.90
CA LEU A 245 30.69 -5.24 45.16
C LEU A 245 29.61 -4.27 45.59
N ARG A 246 30.06 -3.16 46.18
CA ARG A 246 29.20 -2.05 46.58
C ARG A 246 29.85 -0.73 46.16
N ILE A 247 30.24 -0.63 44.88
CA ILE A 247 30.92 0.55 44.38
C ILE A 247 30.09 1.80 44.65
N GLN A 248 30.79 2.93 44.79
CA GLN A 248 30.15 4.23 45.01
C GLN A 248 30.59 5.27 43.99
N SER A 249 31.39 4.88 43.00
CA SER A 249 31.85 5.81 41.98
C SER A 249 32.04 5.06 40.68
N LEU A 250 32.02 5.81 39.58
CA LEU A 250 32.18 5.21 38.25
C LEU A 250 33.59 4.69 38.03
N MET A 251 34.60 5.38 38.58
CA MET A 251 35.98 5.02 38.32
C MET A 251 36.43 3.76 39.06
N GLU A 252 35.75 3.41 40.15
CA GLU A 252 36.15 2.27 40.98
C GLU A 252 35.48 0.97 40.56
N MET A 253 34.62 0.99 39.55
CA MET A 253 33.95 -0.22 39.12
C MET A 253 34.92 -1.15 38.39
N ASP A 254 34.82 -2.44 38.66
CA ASP A 254 35.65 -3.45 38.02
C ASP A 254 34.87 -4.11 36.89
N TYR A 255 35.48 -4.16 35.70
CA TYR A 255 34.82 -4.77 34.55
C TYR A 255 34.80 -6.29 34.60
N GLU A 256 35.65 -6.91 35.42
CA GLU A 256 35.77 -8.36 35.46
C GLU A 256 34.79 -9.02 36.42
N ARG A 257 34.03 -8.24 37.19
CA ARG A 257 33.08 -8.80 38.14
C ARG A 257 31.84 -9.30 37.41
N GLU A 258 30.89 -9.85 38.18
CA GLU A 258 29.65 -10.38 37.62
C GLU A 258 28.41 -9.86 38.32
N LEU A 259 28.53 -9.15 39.43
CA LEU A 259 27.38 -8.56 40.10
C LEU A 259 27.85 -7.30 40.84
N VAL A 260 27.03 -6.26 40.76
CA VAL A 260 27.30 -4.99 41.43
C VAL A 260 26.03 -4.55 42.15
N LEU A 261 26.20 -3.77 43.20
CA LEU A 261 25.10 -3.32 44.05
C LEU A 261 25.04 -1.81 44.11
N CYS A 262 25.04 -1.16 42.94
CA CYS A 262 25.28 0.27 42.88
C CYS A 262 23.99 1.06 43.16
N SER A 263 24.12 2.38 43.22
CA SER A 263 22.99 3.26 43.43
C SER A 263 22.38 3.68 42.10
N GLU A 264 21.24 4.37 42.18
CA GLU A 264 20.52 4.76 40.97
C GLU A 264 21.30 5.77 40.14
N ILE A 265 21.78 6.83 40.79
CA ILE A 265 22.51 7.87 40.07
C ILE A 265 23.83 7.32 39.51
N VAL A 266 24.54 6.53 40.31
CA VAL A 266 25.78 5.92 39.84
C VAL A 266 25.51 4.95 38.70
N LEU A 267 24.40 4.22 38.79
CA LEU A 267 24.02 3.32 37.70
C LEU A 267 23.75 4.10 36.41
N LEU A 268 23.05 5.23 36.53
CA LEU A 268 22.79 6.04 35.35
C LEU A 268 24.07 6.62 34.77
N ARG A 269 25.00 7.02 35.64
CA ARG A 269 26.29 7.51 35.16
C ARG A 269 27.07 6.42 34.43
N ILE A 270 27.05 5.20 34.97
CA ILE A 270 27.71 4.08 34.32
C ILE A 270 27.06 3.80 32.97
N ALA A 271 25.73 3.86 32.91
CA ALA A 271 25.02 3.65 31.65
C ALA A 271 25.39 4.71 30.63
N LYS A 272 25.48 5.97 31.06
CA LYS A 272 25.89 7.05 30.16
C LYS A 272 27.32 6.83 29.66
N GLN A 273 28.22 6.44 30.55
CA GLN A 273 29.60 6.20 30.14
C GLN A 273 29.68 5.05 29.14
N LEU A 274 28.92 3.98 29.36
CA LEU A 274 28.91 2.87 28.42
C LEU A 274 28.32 3.28 27.08
N LEU A 275 27.21 4.04 27.09
CA LEU A 275 26.55 4.41 25.84
C LEU A 275 27.40 5.38 25.02
N GLU A 276 28.04 6.34 25.69
CA GLU A 276 28.87 7.30 24.99
C GLU A 276 30.08 6.66 24.33
N LEU A 277 30.47 5.47 24.78
CA LEU A 277 31.62 4.78 24.22
C LEU A 277 31.38 4.42 22.76
N THR A 278 32.47 4.31 22.01
CA THR A 278 32.39 4.01 20.57
C THR A 278 32.12 2.53 20.34
N PHE A 279 30.97 2.09 20.85
CA PHE A 279 30.54 0.71 20.64
C PHE A 279 30.21 0.47 19.18
N ASP A 280 30.57 -0.71 18.68
CA ASP A 280 30.14 -1.09 17.35
C ASP A 280 28.63 -1.26 17.29
N TYR A 281 28.04 -1.84 18.34
CA TYR A 281 26.61 -2.09 18.38
C TYR A 281 26.11 -1.96 19.81
N VAL A 282 24.94 -1.34 19.96
CA VAL A 282 24.19 -1.36 21.21
C VAL A 282 22.86 -2.02 20.91
N VAL A 283 22.61 -3.19 21.51
CA VAL A 283 21.50 -4.04 21.14
C VAL A 283 20.54 -4.19 22.31
N THR A 284 19.25 -4.18 22.00
CA THR A 284 18.19 -4.29 22.98
C THR A 284 17.04 -5.08 22.36
N PHE A 285 16.01 -5.35 23.17
CA PHE A 285 14.74 -5.89 22.71
C PHE A 285 13.65 -4.94 23.17
N ASN A 286 12.88 -4.41 22.22
CA ASN A 286 11.97 -3.30 22.48
C ASN A 286 12.73 -2.14 23.14
N GLY A 287 13.89 -1.85 22.59
CA GLY A 287 14.83 -0.93 23.21
C GLY A 287 14.68 0.53 22.84
N HIS A 288 14.65 0.81 21.54
CA HIS A 288 14.46 2.19 21.10
C HIS A 288 13.13 2.75 21.61
N ASN A 289 12.08 1.92 21.56
CA ASN A 289 10.80 2.36 22.08
C ASN A 289 10.80 2.40 23.61
N PHE A 290 11.36 1.38 24.25
CA PHE A 290 11.29 1.29 25.72
C PHE A 290 12.66 1.37 26.38
N ASP A 291 13.60 0.48 26.07
CA ASP A 291 14.78 0.33 26.91
C ASP A 291 15.69 1.56 26.84
N LEU A 292 16.22 1.86 25.65
CA LEU A 292 17.15 2.97 25.52
C LEU A 292 16.49 4.30 25.86
N ARG A 293 15.24 4.48 25.42
CA ARG A 293 14.50 5.68 25.80
C ARG A 293 14.32 5.75 27.31
N TYR A 294 14.06 4.62 27.96
CA TYR A 294 13.90 4.61 29.41
C TYR A 294 15.19 5.05 30.08
N ILE A 295 16.31 4.46 29.66
CA ILE A 295 17.61 4.79 30.24
C ILE A 295 17.90 6.28 30.07
N THR A 296 17.73 6.78 28.85
CA THR A 296 17.99 8.20 28.58
C THR A 296 17.11 9.07 29.46
N ASN A 297 15.79 9.01 29.24
CA ASN A 297 14.87 9.90 29.96
C ASN A 297 15.09 9.82 31.47
N ARG A 298 15.36 8.63 32.01
CA ARG A 298 15.68 8.51 33.42
C ARG A 298 16.97 9.26 33.77
N LEU A 299 17.97 9.19 32.90
CA LEU A 299 19.25 9.84 33.18
C LEU A 299 19.09 11.35 33.22
N GLU A 300 18.41 11.93 32.23
CA GLU A 300 18.17 13.37 32.30
C GLU A 300 17.18 13.76 33.40
N LEU A 301 16.31 12.84 33.81
CA LEU A 301 15.35 13.17 34.85
C LEU A 301 15.97 13.18 36.24
N LEU A 302 16.93 12.27 36.49
CA LEU A 302 17.47 12.12 37.84
C LEU A 302 18.75 12.93 38.02
N THR A 303 19.78 12.63 37.24
CA THR A 303 21.07 13.30 37.42
C THR A 303 21.10 14.69 36.80
N GLY A 304 20.37 14.89 35.70
CA GLY A 304 20.47 16.09 34.92
C GLY A 304 21.50 16.04 33.82
N GLU A 305 22.34 15.01 33.79
CA GLU A 305 23.30 14.86 32.71
C GLU A 305 22.60 14.43 31.42
N LYS A 306 23.24 14.73 30.30
CA LYS A 306 22.73 14.37 28.99
C LYS A 306 23.80 13.59 28.25
N ILE A 307 23.37 12.57 27.49
CA ILE A 307 24.30 11.77 26.73
C ILE A 307 24.75 12.58 25.52
N ILE A 308 25.92 13.21 25.63
CA ILE A 308 26.44 14.05 24.56
C ILE A 308 27.32 13.19 23.66
N PHE A 309 26.79 12.83 22.49
CA PHE A 309 27.55 12.06 21.51
C PHE A 309 28.41 13.02 20.72
N ARG A 310 29.66 13.17 21.16
CA ARG A 310 30.59 14.07 20.49
C ARG A 310 30.79 13.62 19.05
N SER A 311 30.83 14.59 18.14
CA SER A 311 31.09 14.30 16.75
C SER A 311 32.51 13.76 16.60
N PRO A 312 32.79 13.04 15.50
CA PRO A 312 34.15 12.51 15.31
C PRO A 312 35.25 13.55 15.40
N ASP A 313 35.01 14.76 14.90
CA ASP A 313 35.98 15.84 14.99
C ASP A 313 35.67 16.80 16.15
N LYS A 314 34.73 16.43 17.02
CA LYS A 314 34.41 17.21 18.22
C LYS A 314 33.92 18.62 17.86
N LYS A 315 32.81 18.67 17.12
CA LYS A 315 32.23 19.94 16.71
C LYS A 315 30.74 20.06 16.98
N GLU A 316 30.00 18.96 17.08
CA GLU A 316 28.55 19.00 17.25
C GLU A 316 28.12 18.09 18.38
N ALA A 317 27.32 18.62 19.29
CA ALA A 317 26.71 17.87 20.38
C ALA A 317 25.23 17.68 20.09
N VAL A 318 24.75 16.44 20.25
CA VAL A 318 23.40 16.10 19.80
C VAL A 318 22.38 15.99 20.93
N HIS A 319 22.81 15.69 22.16
CA HIS A 319 21.90 15.58 23.30
C HIS A 319 20.83 14.51 23.02
N LEU A 320 21.30 13.26 22.98
CA LEU A 320 20.60 12.10 22.44
C LEU A 320 19.08 12.12 22.64
N CYS A 321 18.35 11.92 21.54
CA CYS A 321 16.89 11.82 21.56
C CYS A 321 16.47 10.89 20.44
N ILE A 322 15.61 9.92 20.77
CA ILE A 322 15.16 8.91 19.82
C ILE A 322 13.95 9.43 19.06
N TYR A 323 14.02 9.39 17.73
CA TYR A 323 12.96 9.93 16.89
C TYR A 323 12.09 8.83 16.32
N GLU A 324 10.83 9.17 16.06
CA GLU A 324 9.84 8.21 15.59
C GLU A 324 9.63 8.39 14.09
N ARG A 325 9.66 7.29 13.34
CA ARG A 325 9.44 7.28 11.90
C ARG A 325 8.17 6.51 11.59
N ASN A 326 7.28 7.11 10.81
CA ASN A 326 5.99 6.52 10.49
C ASN A 326 5.96 6.13 9.02
N GLN A 327 5.53 4.90 8.75
CA GLN A 327 5.33 4.41 7.38
C GLN A 327 3.96 3.77 7.30
N SER A 328 3.10 4.31 6.44
CA SER A 328 1.74 3.83 6.29
C SER A 328 1.40 3.64 4.82
N SER A 329 0.56 2.65 4.55
CA SER A 329 0.13 2.34 3.18
C SER A 329 -1.28 2.85 2.97
N HIS A 330 -1.53 3.38 1.77
CA HIS A 330 -2.86 3.90 1.45
C HIS A 330 -3.91 2.80 1.47
N LYS A 331 -3.57 1.63 0.94
CA LYS A 331 -4.50 0.50 0.91
C LYS A 331 -4.37 -0.34 2.17
N ASN A 338 2.74 1.92 10.63
CA ASN A 338 3.90 1.27 11.22
C ASN A 338 4.89 2.31 11.75
N THR A 339 5.06 2.35 13.06
CA THR A 339 5.94 3.30 13.72
C THR A 339 7.19 2.59 14.22
N THR A 340 8.36 3.12 13.88
CA THR A 340 9.63 2.57 14.32
C THR A 340 10.45 3.67 14.97
N PHE A 341 11.04 3.38 16.13
CA PHE A 341 11.86 4.34 16.85
C PHE A 341 13.32 4.13 16.50
N HIS A 342 14.04 5.23 16.28
CA HIS A 342 15.41 5.17 15.81
C HIS A 342 16.28 6.16 16.58
N VAL A 343 17.57 5.88 16.58
CA VAL A 343 18.57 6.67 17.30
C VAL A 343 19.07 7.79 16.41
N ASN A 344 19.52 8.88 17.03
CA ASN A 344 19.98 10.06 16.31
C ASN A 344 21.45 10.36 16.55
N ASN A 345 22.20 9.44 17.14
CA ASN A 345 23.60 9.70 17.43
C ASN A 345 24.41 9.84 16.15
N ASN A 346 25.47 10.65 16.22
CA ASN A 346 26.33 10.94 15.09
C ASN A 346 27.79 10.66 15.42
N ASN A 347 28.03 9.61 16.22
CA ASN A 347 29.39 9.23 16.59
C ASN A 347 29.78 7.87 16.05
N GLY A 348 28.93 7.24 15.24
CA GLY A 348 29.26 5.98 14.61
C GLY A 348 28.60 4.76 15.22
N THR A 349 28.05 4.86 16.43
CA THR A 349 27.40 3.72 17.03
C THR A 349 26.08 3.42 16.32
N ILE A 350 25.70 2.15 16.33
CA ILE A 350 24.65 1.61 15.45
C ILE A 350 23.48 1.12 16.29
N PHE A 351 23.13 1.86 17.35
CA PHE A 351 22.06 1.50 18.28
C PHE A 351 20.91 0.78 17.59
N PHE A 352 20.53 -0.38 18.12
CA PHE A 352 19.63 -1.30 17.42
C PHE A 352 18.52 -1.77 18.34
N ASP A 353 17.38 -2.08 17.74
CA ASP A 353 16.23 -2.65 18.45
C ASP A 353 15.79 -3.93 17.75
N LEU A 354 15.51 -4.96 18.54
CA LEU A 354 15.17 -6.27 18.00
C LEU A 354 13.68 -6.46 17.78
N TYR A 355 12.82 -5.74 18.51
CA TYR A 355 11.38 -5.90 18.35
C TYR A 355 10.94 -5.53 16.94
N SER A 356 11.39 -4.36 16.46
CA SER A 356 10.99 -3.91 15.14
C SER A 356 11.53 -4.83 14.04
N PHE A 357 12.77 -5.29 14.19
CA PHE A 357 13.34 -6.21 13.22
C PHE A 357 12.58 -7.53 13.21
N ILE A 358 12.19 -8.03 14.39
CA ILE A 358 11.45 -9.28 14.46
C ILE A 358 10.09 -9.13 13.79
N GLN A 359 9.40 -8.02 14.02
CA GLN A 359 8.15 -7.80 13.32
C GLN A 359 8.39 -7.25 11.92
N LYS A 360 9.30 -7.88 11.18
CA LYS A 360 9.54 -7.52 9.78
C LYS A 360 9.79 -8.71 8.87
N SER A 361 10.13 -9.89 9.39
CA SER A 361 10.61 -10.99 8.58
C SER A 361 9.61 -12.15 8.61
N GLU A 362 9.40 -12.74 7.44
CA GLU A 362 8.49 -13.87 7.26
C GLU A 362 7.09 -13.54 7.77
N LYS A 363 6.42 -14.53 8.37
CA LYS A 363 5.08 -14.31 8.90
C LYS A 363 4.83 -15.37 9.96
N LEU A 364 4.66 -14.94 11.21
CA LEU A 364 4.43 -15.86 12.31
C LEU A 364 3.79 -15.10 13.45
N ASP A 365 3.15 -15.85 14.36
CA ASP A 365 2.54 -15.26 15.54
C ASP A 365 3.54 -15.01 16.67
N SER A 366 4.74 -15.57 16.57
CA SER A 366 5.74 -15.40 17.62
C SER A 366 6.34 -14.00 17.58
N TYR A 367 5.70 -13.06 18.29
CA TYR A 367 6.16 -11.67 18.37
C TYR A 367 6.33 -11.25 19.82
N LYS A 368 6.85 -12.15 20.64
CA LYS A 368 7.11 -11.85 22.05
C LYS A 368 8.36 -12.61 22.48
N LEU A 369 9.05 -12.07 23.49
CA LEU A 369 10.34 -12.61 23.88
C LEU A 369 10.21 -14.08 24.31
N ASP A 370 9.29 -14.35 25.23
CA ASP A 370 9.08 -15.74 25.67
C ASP A 370 8.58 -16.61 24.52
N SER A 371 7.66 -16.08 23.72
CA SER A 371 7.13 -16.85 22.59
C SER A 371 8.22 -17.12 21.55
N ILE A 372 9.05 -16.12 21.25
CA ILE A 372 10.11 -16.31 20.27
C ILE A 372 11.16 -17.28 20.79
N SER A 373 11.48 -17.21 22.08
CA SER A 373 12.42 -18.16 22.66
C SER A 373 11.86 -19.57 22.62
N LYS A 374 10.57 -19.73 22.90
CA LYS A 374 9.94 -21.05 22.80
C LYS A 374 9.97 -21.57 21.38
N ASN A 375 9.70 -20.70 20.40
CA ASN A 375 9.66 -21.11 19.00
C ASN A 375 11.05 -21.31 18.42
N ALA A 376 12.10 -20.82 19.06
CA ALA A 376 13.45 -20.89 18.51
C ALA A 376 14.36 -21.87 19.22
N PHE A 377 14.20 -22.06 20.53
CA PHE A 377 15.08 -22.94 21.31
C PHE A 377 14.29 -24.18 21.72
N SER A 378 14.57 -25.30 21.07
CA SER A 378 13.89 -26.55 21.35
C SER A 378 14.81 -27.71 21.02
N CYS A 379 14.51 -28.86 21.62
CA CYS A 379 15.31 -30.07 21.44
C CYS A 379 14.51 -31.24 22.00
N MET A 380 15.08 -32.45 21.86
CA MET A 380 14.48 -33.66 22.38
C MET A 380 15.33 -34.21 23.52
N GLY A 381 14.67 -34.76 24.54
CA GLY A 381 15.38 -35.27 25.70
C GLY A 381 14.88 -36.62 26.18
N LYS A 382 15.81 -37.50 26.55
CA LYS A 382 15.50 -38.83 27.04
C LYS A 382 15.65 -38.88 28.56
N VAL A 383 14.63 -39.41 29.24
CA VAL A 383 14.63 -39.46 30.70
C VAL A 383 15.54 -40.61 31.12
N LEU A 384 16.78 -40.29 31.48
CA LEU A 384 17.74 -41.31 31.91
C LEU A 384 17.61 -41.66 33.38
N ASN A 385 16.85 -40.90 34.16
CA ASN A 385 16.67 -41.18 35.58
C ASN A 385 15.42 -40.47 36.06
N ARG A 386 14.61 -41.17 36.85
CA ARG A 386 13.40 -40.61 37.43
C ARG A 386 13.63 -40.29 38.90
N GLY A 387 12.57 -39.90 39.59
CA GLY A 387 12.66 -39.56 41.00
C GLY A 387 11.34 -39.04 41.50
N VAL A 388 11.35 -38.58 42.75
CA VAL A 388 10.14 -37.99 43.33
C VAL A 388 9.72 -36.75 42.54
N ARG A 389 10.69 -35.89 42.22
CA ARG A 389 10.48 -34.78 41.31
C ARG A 389 11.57 -34.62 40.27
N GLU A 390 12.78 -35.14 40.51
CA GLU A 390 13.91 -34.92 39.63
C GLU A 390 13.87 -35.94 38.50
N MET A 391 13.63 -35.48 37.28
CA MET A 391 13.63 -36.32 36.09
C MET A 391 14.76 -35.84 35.18
N THR A 392 15.90 -36.53 35.26
CA THR A 392 17.08 -36.13 34.49
C THR A 392 16.84 -36.36 33.00
N PHE A 393 17.14 -35.36 32.18
CA PHE A 393 17.07 -35.46 30.73
C PHE A 393 18.47 -35.43 30.14
N ILE A 394 18.56 -35.79 28.87
CA ILE A 394 19.82 -35.76 28.13
C ILE A 394 19.56 -35.21 26.73
N GLY A 395 20.45 -34.33 26.28
CA GLY A 395 20.36 -33.80 24.94
C GLY A 395 21.70 -33.83 24.24
N ASP A 396 21.72 -34.31 23.00
CA ASP A 396 22.94 -34.42 22.22
C ASP A 396 22.55 -34.69 20.77
N ASP A 397 23.52 -35.04 19.94
CA ASP A 397 23.25 -35.42 18.56
C ASP A 397 22.43 -36.70 18.46
N THR A 398 22.33 -37.48 19.54
CA THR A 398 21.54 -38.71 19.50
C THR A 398 20.05 -38.41 19.43
N THR A 399 19.58 -37.44 20.21
CA THR A 399 18.15 -37.14 20.24
C THR A 399 17.74 -36.24 19.08
N ASP A 400 18.30 -35.04 19.01
CA ASP A 400 18.00 -34.11 17.94
C ASP A 400 19.03 -34.25 16.82
N ALA A 401 18.74 -33.58 15.70
CA ALA A 401 19.60 -33.67 14.53
C ALA A 401 20.99 -33.12 14.82
N LYS A 402 21.09 -31.82 15.09
CA LYS A 402 22.36 -31.15 15.37
C LYS A 402 22.06 -29.71 15.74
N GLY A 403 23.02 -29.07 16.40
CA GLY A 403 22.93 -27.64 16.68
C GLY A 403 21.99 -27.21 17.79
N LYS A 404 20.75 -27.73 17.78
CA LYS A 404 19.76 -27.31 18.76
C LYS A 404 20.20 -27.68 20.18
N ALA A 405 20.89 -28.81 20.33
CA ALA A 405 21.39 -29.18 21.66
C ALA A 405 22.44 -28.18 22.16
N ASP A 406 23.35 -27.75 21.28
CA ASP A 406 24.35 -26.76 21.67
C ASP A 406 23.71 -25.43 22.02
N THR A 407 22.73 -24.99 21.23
CA THR A 407 22.01 -23.77 21.54
C THR A 407 21.23 -23.92 22.85
N PHE A 408 20.65 -25.09 23.08
CA PHE A 408 19.95 -25.33 24.33
C PHE A 408 20.90 -25.20 25.52
N ALA A 409 22.10 -25.77 25.40
CA ALA A 409 23.09 -25.64 26.46
C ALA A 409 23.52 -24.19 26.66
N LYS A 410 23.71 -23.46 25.55
CA LYS A 410 24.12 -22.07 25.65
C LYS A 410 23.08 -21.23 26.38
N VAL A 411 21.80 -21.43 26.07
CA VAL A 411 20.76 -20.71 26.78
C VAL A 411 20.66 -21.18 28.22
N LEU A 412 20.86 -22.48 28.46
CA LEU A 412 20.82 -23.03 29.81
C LEU A 412 21.97 -22.53 30.67
N THR A 413 23.04 -22.00 30.05
CA THR A 413 24.14 -21.45 30.83
C THR A 413 23.65 -20.40 31.81
N THR A 414 22.64 -19.62 31.41
CA THR A 414 21.99 -18.67 32.30
C THR A 414 20.49 -18.89 32.45
N GLY A 415 19.89 -19.75 31.62
CA GLY A 415 18.47 -20.02 31.74
C GLY A 415 18.18 -21.00 32.86
N ASN A 416 17.01 -20.81 33.49
CA ASN A 416 16.63 -21.63 34.64
C ASN A 416 15.14 -21.98 34.61
N TYR A 417 14.56 -22.16 33.42
CA TYR A 417 13.18 -22.58 33.30
C TYR A 417 13.00 -23.23 31.94
N VAL A 418 12.56 -24.48 31.91
CA VAL A 418 12.40 -25.25 30.68
C VAL A 418 10.99 -25.79 30.60
N THR A 419 10.37 -25.64 29.44
CA THR A 419 9.00 -26.11 29.20
C THR A 419 9.04 -27.47 28.53
N VAL A 420 8.26 -28.42 29.06
CA VAL A 420 8.16 -29.76 28.50
C VAL A 420 6.70 -30.04 28.17
N ASP A 421 6.50 -30.88 27.14
CA ASP A 421 5.18 -31.30 26.65
C ASP A 421 4.21 -30.13 26.50
N GLU A 422 4.76 -28.93 26.23
CA GLU A 422 4.00 -27.76 25.82
C GLU A 422 3.10 -27.22 26.93
N ASP A 423 3.04 -27.92 28.07
CA ASP A 423 2.17 -27.49 29.15
C ASP A 423 2.79 -27.61 30.54
N ILE A 424 4.00 -28.14 30.66
CA ILE A 424 4.65 -28.31 31.96
C ILE A 424 5.96 -27.54 31.94
N ILE A 425 6.13 -26.64 32.92
CA ILE A 425 7.32 -25.83 33.05
C ILE A 425 7.93 -26.11 34.42
N CYS A 426 9.20 -26.49 34.43
CA CYS A 426 9.89 -26.88 35.66
C CYS A 426 11.17 -26.08 35.82
N LYS A 427 11.43 -25.63 37.04
CA LYS A 427 12.67 -24.91 37.34
C LYS A 427 13.85 -25.88 37.29
N VAL A 428 14.92 -25.47 36.63
CA VAL A 428 16.11 -26.30 36.50
C VAL A 428 16.82 -26.36 37.85
N ILE A 429 16.68 -27.50 38.54
CA ILE A 429 17.31 -27.66 39.84
C ILE A 429 18.82 -27.73 39.70
N ARG A 430 19.30 -28.53 38.75
CA ARG A 430 20.74 -28.70 38.53
C ARG A 430 21.01 -28.78 37.04
N LYS A 431 22.07 -28.10 36.60
CA LYS A 431 22.45 -28.07 35.20
C LYS A 431 23.93 -28.40 35.07
N ASP A 432 24.28 -29.03 33.95
CA ASP A 432 25.68 -29.40 33.70
C ASP A 432 25.87 -29.61 32.22
N ILE A 433 26.72 -28.80 31.60
CA ILE A 433 27.06 -28.92 30.19
C ILE A 433 28.44 -29.55 30.11
N LEU A 434 28.50 -30.83 29.72
CA LEU A 434 29.78 -31.54 29.75
C LEU A 434 30.68 -31.15 28.58
N GLU A 435 30.28 -31.54 27.37
CA GLU A 435 30.99 -31.06 26.19
C GLU A 435 30.10 -30.69 25.01
N ASN A 436 28.91 -31.28 24.87
CA ASN A 436 28.07 -31.03 23.71
C ASN A 436 26.58 -30.98 24.00
N GLY A 437 26.16 -31.11 25.26
CA GLY A 437 24.74 -31.17 25.59
C GLY A 437 24.46 -30.60 26.95
N PHE A 438 23.52 -31.22 27.66
CA PHE A 438 23.11 -30.72 28.96
C PHE A 438 22.64 -31.88 29.82
N LYS A 439 22.62 -31.65 31.14
CA LYS A 439 22.17 -32.60 32.13
C LYS A 439 21.11 -31.98 33.02
N VAL A 440 20.11 -31.35 32.38
CA VAL A 440 19.10 -30.60 33.11
C VAL A 440 18.31 -31.53 34.01
N VAL A 441 18.11 -31.10 35.26
CA VAL A 441 17.36 -31.86 36.25
C VAL A 441 16.14 -31.01 36.60
N LEU A 442 14.98 -31.40 36.08
CA LEU A 442 13.76 -30.62 36.21
C LEU A 442 13.00 -31.04 37.46
N SER A 443 11.76 -30.56 37.59
CA SER A 443 10.88 -30.91 38.69
C SER A 443 9.60 -31.56 38.17
N CYS A 444 9.75 -32.47 37.21
CA CYS A 444 8.60 -33.14 36.61
C CYS A 444 7.98 -34.13 37.60
N PRO A 445 6.65 -34.28 37.59
CA PRO A 445 5.98 -35.20 38.51
C PRO A 445 5.88 -36.62 37.96
N THR A 446 7.04 -37.24 37.75
CA THR A 446 7.14 -38.62 37.25
C THR A 446 6.35 -38.80 35.96
N LEU A 447 6.79 -38.08 34.93
CA LEU A 447 6.12 -38.13 33.64
C LEU A 447 6.32 -39.50 32.99
N PRO A 448 5.33 -39.97 32.23
CA PRO A 448 5.48 -41.26 31.54
C PRO A 448 6.39 -41.18 30.33
N ASN A 449 6.46 -42.28 29.56
CA ASN A 449 7.24 -42.35 28.33
C ASN A 449 8.73 -42.17 28.60
N ASP A 450 9.50 -41.93 27.54
CA ASP A 450 10.96 -41.83 27.68
C ASP A 450 11.50 -40.57 27.01
N ILE A 451 10.83 -40.09 25.97
CA ILE A 451 11.29 -38.96 25.17
C ILE A 451 10.32 -37.80 25.34
N TYR A 452 10.85 -36.62 25.61
CA TYR A 452 10.06 -35.41 25.80
C TYR A 452 10.66 -34.27 24.99
N LYS A 453 9.87 -33.20 24.84
CA LYS A 453 10.28 -32.02 24.10
C LYS A 453 10.78 -30.96 25.09
N LEU A 454 12.08 -30.72 25.08
CA LEU A 454 12.72 -29.77 25.99
C LEU A 454 12.87 -28.44 25.26
N SER A 455 12.14 -27.42 25.69
CA SER A 455 12.17 -26.12 25.05
C SER A 455 12.21 -25.01 26.09
N PHE A 456 12.91 -23.92 25.75
CA PHE A 456 12.93 -22.72 26.58
C PHE A 456 11.69 -21.88 26.28
N GLY A 457 10.58 -22.28 26.88
CA GLY A 457 9.35 -21.53 26.80
C GLY A 457 9.29 -20.43 27.83
N LYS A 458 8.09 -19.93 28.06
CA LYS A 458 7.89 -18.92 29.08
C LYS A 458 8.18 -19.50 30.46
N ASP A 459 8.19 -18.62 31.46
CA ASP A 459 8.52 -19.01 32.82
C ASP A 459 7.29 -18.83 33.72
N ASP A 460 7.23 -19.61 34.78
CA ASP A 460 6.17 -19.49 35.77
C ASP A 460 6.37 -18.31 36.70
N ILE A 461 7.29 -17.40 36.38
CA ILE A 461 7.62 -16.29 37.24
C ILE A 461 6.54 -15.23 37.16
N ASP A 462 6.12 -14.73 38.32
CA ASP A 462 5.15 -13.65 38.43
C ASP A 462 5.89 -12.36 38.80
N LEU A 463 6.20 -11.55 37.78
CA LEU A 463 7.07 -10.40 37.97
C LEU A 463 6.46 -9.39 38.94
N ALA A 464 5.17 -9.11 38.82
CA ALA A 464 4.54 -8.13 39.71
C ALA A 464 4.59 -8.60 41.15
N GLN A 465 4.28 -9.87 41.39
CA GLN A 465 4.36 -10.40 42.75
C GLN A 465 5.80 -10.50 43.24
N MET A 466 6.73 -10.81 42.33
CA MET A 466 8.14 -10.87 42.72
C MET A 466 8.63 -9.51 43.18
N TYR A 467 8.24 -8.45 42.48
CA TYR A 467 8.59 -7.10 42.90
C TYR A 467 7.76 -6.63 44.09
N LYS A 468 6.63 -7.27 44.35
CA LYS A 468 5.79 -6.87 45.48
C LYS A 468 6.51 -7.05 46.80
N ASP A 469 7.18 -8.18 46.98
CA ASP A 469 7.97 -8.47 48.19
C ASP A 469 9.41 -8.71 47.76
N TYR A 470 10.24 -7.68 47.84
CA TYR A 470 11.59 -7.70 47.29
C TYR A 470 12.57 -8.02 48.42
N ASN A 471 13.21 -9.18 48.34
CA ASN A 471 14.22 -9.60 49.31
C ASN A 471 15.49 -10.01 48.57
N LEU A 472 16.51 -10.39 49.34
CA LEU A 472 17.82 -10.68 48.76
C LEU A 472 17.78 -11.86 47.82
N ASN A 473 17.08 -12.94 48.22
CA ASN A 473 17.00 -14.11 47.36
C ASN A 473 16.22 -13.80 46.08
N ILE A 474 15.12 -13.07 46.21
CA ILE A 474 14.37 -12.65 45.02
C ILE A 474 15.19 -11.66 44.21
N ALA A 475 15.99 -10.82 44.86
CA ALA A 475 16.87 -9.91 44.12
C ALA A 475 17.88 -10.69 43.28
N LEU A 476 18.48 -11.74 43.86
CA LEU A 476 19.43 -12.56 43.10
C LEU A 476 18.73 -13.30 41.98
N ASP A 477 17.52 -13.81 42.22
CA ASP A 477 16.76 -14.48 41.18
C ASP A 477 16.44 -13.52 40.03
N MET A 478 16.05 -12.29 40.37
CA MET A 478 15.77 -11.29 39.33
C MET A 478 17.04 -10.90 38.60
N ALA A 479 18.18 -10.86 39.28
CA ALA A 479 19.44 -10.62 38.61
C ALA A 479 19.75 -11.72 37.61
N ARG A 480 19.51 -12.97 38.00
CA ARG A 480 19.67 -14.08 37.07
C ARG A 480 18.72 -13.93 35.88
N TYR A 481 17.48 -13.53 36.14
CA TYR A 481 16.51 -13.36 35.06
C TYR A 481 16.91 -12.25 34.11
N CYS A 482 17.43 -11.13 34.64
CA CYS A 482 17.78 -10.00 33.79
C CYS A 482 19.04 -10.27 33.00
N ILE A 483 20.04 -10.92 33.61
CA ILE A 483 21.22 -11.29 32.85
C ILE A 483 20.86 -12.34 31.80
N HIS A 484 19.90 -13.21 32.10
CA HIS A 484 19.40 -14.14 31.09
C HIS A 484 18.68 -13.39 29.98
N ASP A 485 17.98 -12.31 30.30
CA ASP A 485 17.31 -11.52 29.28
C ASP A 485 18.32 -10.85 28.35
N ALA A 486 19.39 -10.30 28.91
CA ALA A 486 20.44 -9.69 28.08
C ALA A 486 21.13 -10.75 27.22
N CYS A 487 21.50 -11.87 27.83
CA CYS A 487 22.09 -12.95 27.05
C CYS A 487 21.11 -13.50 26.02
N LEU A 488 19.81 -13.40 26.30
CA LEU A 488 18.80 -13.87 25.35
C LEU A 488 18.69 -12.91 24.17
N CYS A 489 18.83 -11.61 24.42
CA CYS A 489 18.97 -10.66 23.32
C CYS A 489 20.19 -11.02 22.47
N GLN A 490 21.29 -11.39 23.13
CA GLN A 490 22.47 -11.82 22.38
C GLN A 490 22.18 -13.09 21.57
N TYR A 491 21.47 -14.05 22.17
CA TYR A 491 21.19 -15.31 21.48
C TYR A 491 20.24 -15.11 20.32
N LEU A 492 19.27 -14.21 20.47
CA LEU A 492 18.40 -13.86 19.35
C LEU A 492 19.18 -13.15 18.25
N TRP A 493 20.13 -12.30 18.64
CA TRP A 493 21.01 -11.66 17.66
C TRP A 493 21.81 -12.70 16.88
N GLU A 494 22.30 -13.72 17.57
CA GLU A 494 23.07 -14.76 16.90
C GLU A 494 22.19 -15.65 16.04
N TYR A 495 20.98 -15.97 16.51
CA TYR A 495 20.08 -16.85 15.78
C TYR A 495 19.58 -16.17 14.50
N TYR A 496 19.11 -14.93 14.62
CA TYR A 496 18.63 -14.21 13.44
C TYR A 496 19.77 -13.78 12.54
N GLY A 497 21.00 -13.75 13.04
CA GLY A 497 22.12 -13.24 12.26
C GLY A 497 21.96 -11.77 11.94
N VAL A 498 21.57 -10.98 12.94
CA VAL A 498 21.24 -9.58 12.70
C VAL A 498 22.44 -8.82 12.18
N GLU A 499 23.62 -9.06 12.77
CA GLU A 499 24.83 -8.42 12.26
C GLU A 499 25.08 -8.79 10.80
N THR A 500 24.91 -10.07 10.48
CA THR A 500 24.97 -10.48 9.08
C THR A 500 23.89 -9.80 8.26
N LYS A 501 22.69 -9.68 8.82
CA LYS A 501 21.61 -9.02 8.10
C LYS A 501 21.92 -7.56 7.85
N THR A 502 22.45 -6.85 8.86
CA THR A 502 22.77 -5.44 8.69
C THR A 502 23.91 -5.25 7.68
N ASP A 503 24.94 -6.09 7.75
CA ASP A 503 26.03 -6.00 6.79
C ASP A 503 25.54 -6.28 5.38
N ALA A 504 24.69 -7.30 5.22
CA ALA A 504 24.15 -7.62 3.90
C ALA A 504 23.29 -6.49 3.36
N GLY A 505 22.48 -5.88 4.23
CA GLY A 505 21.71 -4.72 3.80
C GLY A 505 22.58 -3.56 3.36
N ALA A 506 23.63 -3.27 4.13
CA ALA A 506 24.54 -2.21 3.74
C ALA A 506 25.19 -2.51 2.38
N ALA A 507 25.62 -3.76 2.17
CA ALA A 507 26.27 -4.11 0.91
C ALA A 507 25.31 -4.08 -0.27
N THR A 508 24.06 -4.50 -0.07
CA THR A 508 23.12 -4.63 -1.16
C THR A 508 22.50 -3.28 -1.52
N TYR A 509 21.99 -2.56 -0.51
CA TYR A 509 21.15 -1.41 -0.78
C TYR A 509 21.93 -0.13 -1.03
N VAL A 510 23.25 -0.16 -0.82
CA VAL A 510 24.10 1.02 -0.90
C VAL A 510 23.52 2.06 0.04
N LEU A 511 23.54 1.77 1.33
CA LEU A 511 22.99 2.62 2.37
C LEU A 511 23.88 2.55 3.60
N PRO A 512 23.83 3.58 4.46
CA PRO A 512 24.54 3.48 5.74
C PRO A 512 23.97 2.35 6.58
N GLN A 513 24.85 1.76 7.40
CA GLN A 513 24.45 0.62 8.22
C GLN A 513 23.32 0.98 9.18
N SER A 514 23.20 2.25 9.56
CA SER A 514 22.14 2.65 10.46
C SER A 514 20.77 2.70 9.79
N MET A 515 20.72 2.61 8.46
CA MET A 515 19.45 2.65 7.71
C MET A 515 19.44 1.45 6.76
N VAL A 516 19.05 0.29 7.28
CA VAL A 516 18.90 -0.90 6.45
C VAL A 516 17.54 -1.54 6.73
N PHE A 517 17.00 -1.31 7.93
CA PHE A 517 15.77 -1.93 8.37
C PHE A 517 14.67 -0.91 8.62
N GLU A 518 14.72 0.22 7.89
CA GLU A 518 13.66 1.22 8.02
C GLU A 518 13.24 1.80 6.67
N TYR A 519 13.67 1.23 5.56
CA TYR A 519 13.31 1.68 4.23
C TYR A 519 12.53 0.59 3.51
N ARG A 520 11.38 0.95 2.95
CA ARG A 520 10.55 -0.01 2.25
C ARG A 520 11.09 -0.26 0.85
N ALA A 521 10.37 -1.08 0.08
CA ALA A 521 10.85 -1.50 -1.24
C ALA A 521 10.98 -0.35 -2.22
N SER A 522 10.25 0.75 -2.00
CA SER A 522 10.31 1.87 -2.95
C SER A 522 11.69 2.52 -2.95
N THR A 523 12.26 2.75 -1.77
CA THR A 523 13.53 3.46 -1.66
C THR A 523 14.74 2.55 -1.65
N ILE A 524 14.59 1.29 -1.24
CA ILE A 524 15.74 0.41 -1.17
C ILE A 524 16.24 0.03 -2.57
N ILE A 525 15.40 0.17 -3.59
CA ILE A 525 15.85 -0.11 -4.94
C ILE A 525 16.54 1.09 -5.58
N LYS A 526 16.41 2.28 -4.99
CA LYS A 526 16.93 3.49 -5.61
C LYS A 526 18.45 3.44 -5.76
N GLY A 527 19.15 2.92 -4.76
CA GLY A 527 20.58 2.78 -4.81
C GLY A 527 21.07 1.94 -5.97
N PRO A 528 20.68 0.66 -6.01
CA PRO A 528 21.01 -0.17 -7.17
C PRO A 528 20.45 0.37 -8.47
N LEU A 529 19.25 0.96 -8.44
CA LEU A 529 18.72 1.58 -9.65
C LEU A 529 19.58 2.76 -10.09
N LEU A 530 20.05 3.56 -9.14
CA LEU A 530 20.92 4.69 -9.51
C LEU A 530 22.24 4.19 -10.09
N LYS A 531 22.80 3.13 -9.51
CA LYS A 531 24.02 2.56 -10.08
C LYS A 531 23.79 2.05 -11.48
N LEU A 532 22.67 1.35 -11.71
CA LEU A 532 22.36 0.85 -13.05
C LEU A 532 22.17 1.99 -14.04
N LEU A 533 21.47 3.05 -13.62
CA LEU A 533 21.24 4.18 -14.51
C LEU A 533 22.55 4.88 -14.85
N LEU A 534 23.43 5.08 -13.86
CA LEU A 534 24.69 5.75 -14.12
C LEU A 534 25.64 4.89 -14.95
N GLU A 535 25.53 3.55 -14.83
CA GLU A 535 26.29 2.70 -15.73
C GLU A 535 25.73 2.75 -17.14
N THR A 536 24.41 2.89 -17.28
CA THR A 536 23.76 2.97 -18.57
C THR A 536 23.60 4.41 -19.06
N LYS A 537 23.85 5.40 -18.21
CA LYS A 537 23.77 6.82 -18.57
C LYS A 537 22.39 7.16 -19.15
N THR A 538 21.37 7.00 -18.30
CA THR A 538 20.00 7.31 -18.68
C THR A 538 19.31 7.99 -17.51
N ILE A 539 18.54 9.04 -17.81
CA ILE A 539 17.86 9.83 -16.79
C ILE A 539 16.40 9.43 -16.65
N LEU A 540 15.71 9.18 -17.77
CA LEU A 540 14.32 8.73 -17.78
C LEU A 540 13.41 9.75 -17.09
N VAL A 541 13.33 10.93 -17.70
CA VAL A 541 12.43 11.98 -17.20
C VAL A 541 10.98 11.55 -17.40
N ARG A 542 10.18 11.70 -16.36
CA ARG A 542 8.79 11.27 -16.35
C ARG A 542 7.90 12.50 -16.36
N SER A 543 7.06 12.62 -17.38
CA SER A 543 6.13 13.74 -17.46
C SER A 543 4.92 13.48 -16.59
N GLU A 544 4.21 14.55 -16.25
CA GLU A 544 3.04 14.45 -15.39
C GLU A 544 1.89 13.77 -16.12
N THR A 545 0.98 13.19 -15.33
CA THR A 545 -0.21 12.49 -15.83
C THR A 545 0.19 11.36 -16.78
N LYS A 546 0.91 10.39 -16.23
CA LYS A 546 1.34 9.24 -17.01
C LYS A 546 0.23 8.20 -17.11
N GLN A 547 -0.19 7.64 -15.98
CA GLN A 547 -1.25 6.64 -15.95
C GLN A 547 -2.05 6.80 -14.66
N LYS A 548 -3.35 6.51 -14.75
CA LYS A 548 -4.22 6.60 -13.59
C LYS A 548 -5.24 5.47 -13.50
N PHE A 549 -5.17 4.47 -14.37
CA PHE A 549 -6.17 3.42 -14.39
C PHE A 549 -6.04 2.53 -13.15
N PRO A 550 -7.17 1.97 -12.67
CA PRO A 550 -7.18 1.36 -11.33
C PRO A 550 -6.21 0.20 -11.11
N TYR A 551 -6.35 -0.88 -11.88
CA TYR A 551 -5.56 -2.07 -11.66
C TYR A 551 -5.71 -2.99 -12.87
N GLU A 552 -5.21 -4.22 -12.74
CA GLU A 552 -5.31 -5.24 -13.77
C GLU A 552 -6.16 -6.41 -13.27
N GLY A 553 -6.67 -7.19 -14.23
CA GLY A 553 -7.55 -8.28 -13.90
C GLY A 553 -6.84 -9.51 -13.35
N GLY A 554 -7.64 -10.42 -12.80
CA GLY A 554 -7.12 -11.66 -12.24
C GLY A 554 -8.20 -12.72 -12.24
N LYS A 555 -7.81 -13.93 -11.83
CA LYS A 555 -8.74 -15.05 -11.81
C LYS A 555 -8.27 -16.08 -10.78
N VAL A 556 -9.23 -16.79 -10.21
CA VAL A 556 -8.98 -17.90 -9.30
C VAL A 556 -9.81 -19.09 -9.75
N PHE A 557 -9.21 -20.27 -9.77
CA PHE A 557 -9.86 -21.49 -10.25
C PHE A 557 -10.28 -22.35 -9.07
N ALA A 558 -11.54 -22.79 -9.09
CA ALA A 558 -12.04 -23.68 -8.06
C ALA A 558 -11.50 -25.09 -8.27
N PRO A 559 -11.38 -25.89 -7.20
CA PRO A 559 -10.91 -27.27 -7.35
C PRO A 559 -11.97 -28.18 -7.95
N LYS A 560 -11.60 -29.44 -8.21
CA LYS A 560 -12.54 -30.39 -8.79
C LYS A 560 -13.54 -30.89 -7.74
N GLN A 561 -13.04 -31.43 -6.64
CA GLN A 561 -13.90 -31.92 -5.57
C GLN A 561 -13.21 -31.69 -4.24
N LYS A 562 -13.94 -31.93 -3.15
CA LYS A 562 -13.48 -31.63 -1.80
C LYS A 562 -12.82 -32.82 -1.11
N MET A 563 -12.68 -33.96 -1.78
CA MET A 563 -12.11 -35.14 -1.14
C MET A 563 -11.28 -35.92 -2.16
N PHE A 564 -10.03 -36.20 -1.82
CA PHE A 564 -9.15 -36.97 -2.69
C PHE A 564 -8.65 -38.25 -2.06
N SER A 565 -8.11 -38.18 -0.84
CA SER A 565 -7.56 -39.32 -0.11
C SER A 565 -6.43 -40.02 -0.86
N ASN A 566 -5.94 -39.42 -1.95
CA ASN A 566 -4.88 -39.99 -2.76
C ASN A 566 -3.70 -39.03 -2.80
N ASN A 567 -2.60 -39.49 -3.42
CA ASN A 567 -1.44 -38.63 -3.60
C ASN A 567 -1.75 -37.52 -4.61
N VAL A 568 -1.33 -36.31 -4.26
CA VAL A 568 -1.45 -35.16 -5.16
C VAL A 568 -0.09 -34.50 -5.26
N LEU A 569 0.34 -34.22 -6.49
CA LEU A 569 1.69 -33.79 -6.77
C LEU A 569 1.69 -32.28 -6.98
N ILE A 570 2.66 -31.61 -6.36
CA ILE A 570 2.70 -30.15 -6.32
C ILE A 570 3.91 -29.67 -7.12
N PHE A 571 3.67 -28.83 -8.12
CA PHE A 571 4.73 -28.23 -8.92
C PHE A 571 4.69 -26.72 -8.75
N ASP A 572 5.86 -26.10 -8.59
CA ASP A 572 5.95 -24.69 -8.27
C ASP A 572 6.94 -23.99 -9.20
N TYR A 573 6.55 -22.81 -9.68
CA TYR A 573 7.45 -22.02 -10.50
C TYR A 573 8.56 -21.41 -9.65
N ASN A 574 9.59 -20.93 -10.33
CA ASN A 574 10.76 -20.32 -9.67
C ASN A 574 10.68 -18.82 -9.87
N SER A 575 10.05 -18.14 -8.91
CA SER A 575 9.91 -16.68 -8.93
C SER A 575 9.27 -16.22 -10.24
N LEU A 576 8.01 -16.60 -10.40
CA LEU A 576 7.33 -16.43 -11.69
C LEU A 576 7.25 -14.97 -12.10
N TYR A 577 6.91 -14.07 -11.17
CA TYR A 577 6.71 -12.67 -11.56
C TYR A 577 8.00 -11.98 -12.00
N PRO A 578 9.10 -12.04 -11.24
CA PRO A 578 10.36 -11.49 -11.80
C PRO A 578 10.79 -12.17 -13.08
N ASN A 579 10.51 -13.47 -13.20
CA ASN A 579 10.92 -14.20 -14.40
C ASN A 579 10.16 -13.72 -15.63
N VAL A 580 8.86 -13.46 -15.50
CA VAL A 580 8.11 -12.94 -16.64
C VAL A 580 8.49 -11.49 -16.89
N CYS A 581 8.78 -10.71 -15.84
CA CYS A 581 9.21 -9.34 -16.05
C CYS A 581 10.51 -9.28 -16.85
N ILE A 582 11.43 -10.21 -16.60
CA ILE A 582 12.65 -10.24 -17.41
C ILE A 582 12.41 -10.90 -18.76
N PHE A 583 11.41 -11.78 -18.86
CA PHE A 583 11.12 -12.44 -20.14
C PHE A 583 10.56 -11.46 -21.15
N GLY A 584 9.58 -10.65 -20.74
CA GLY A 584 8.93 -9.73 -21.65
C GLY A 584 9.55 -8.37 -21.79
N ASN A 585 10.65 -8.09 -21.07
CA ASN A 585 11.28 -6.77 -21.08
C ASN A 585 10.28 -5.67 -20.76
N LEU A 586 9.43 -5.92 -19.78
CA LEU A 586 8.32 -5.04 -19.44
C LEU A 586 8.87 -3.82 -18.70
N SER A 587 9.28 -2.81 -19.46
CA SER A 587 9.79 -1.57 -18.91
C SER A 587 9.12 -0.38 -19.58
N PRO A 588 8.92 0.71 -18.85
CA PRO A 588 8.25 1.88 -19.46
C PRO A 588 8.99 2.45 -20.66
N GLU A 589 10.32 2.43 -20.66
CA GLU A 589 11.06 2.92 -21.81
C GLU A 589 10.95 2.00 -23.01
N THR A 590 10.60 0.73 -22.80
CA THR A 590 10.40 -0.22 -23.87
C THR A 590 8.94 -0.33 -24.31
N LEU A 591 8.05 0.42 -23.66
CA LEU A 591 6.64 0.41 -24.05
C LEU A 591 6.45 1.21 -25.34
N VAL A 592 5.87 0.56 -26.34
CA VAL A 592 5.63 1.20 -27.63
C VAL A 592 4.28 1.88 -27.68
N GLY A 593 3.23 1.18 -27.25
CA GLY A 593 1.90 1.75 -27.24
C GLY A 593 0.83 0.76 -26.83
N VAL A 594 -0.31 1.26 -26.38
CA VAL A 594 -1.45 0.44 -25.99
C VAL A 594 -2.57 0.71 -27.00
N VAL A 595 -2.67 -0.14 -28.00
CA VAL A 595 -3.69 0.00 -29.03
C VAL A 595 -5.00 -0.58 -28.49
N VAL A 596 -6.03 0.25 -28.41
CA VAL A 596 -7.30 -0.15 -27.83
C VAL A 596 -8.40 0.05 -28.85
N SER A 597 -9.46 -0.75 -28.74
CA SER A 597 -10.57 -0.70 -29.66
C SER A 597 -11.88 -0.66 -28.88
N THR A 598 -12.89 0.00 -29.47
CA THR A 598 -14.20 0.13 -28.85
C THR A 598 -15.28 -0.71 -29.53
N ASN A 599 -15.06 -1.14 -30.76
CA ASN A 599 -16.01 -2.00 -31.46
C ASN A 599 -15.27 -3.15 -32.12
N ARG A 600 -15.98 -3.99 -32.88
CA ARG A 600 -15.36 -5.09 -33.58
C ARG A 600 -15.16 -4.83 -35.07
N LEU A 601 -15.75 -3.76 -35.60
CA LEU A 601 -15.53 -3.40 -37.00
C LEU A 601 -14.15 -2.78 -37.20
N GLU A 602 -13.59 -2.18 -36.17
CA GLU A 602 -12.22 -1.66 -36.21
C GLU A 602 -11.23 -2.54 -35.48
N GLU A 603 -11.71 -3.39 -34.56
CA GLU A 603 -10.80 -4.26 -33.80
C GLU A 603 -10.09 -5.24 -34.72
N GLU A 604 -10.80 -5.81 -35.69
CA GLU A 604 -10.16 -6.75 -36.61
C GLU A 604 -9.09 -6.05 -37.45
N ILE A 605 -9.38 -4.84 -37.93
CA ILE A 605 -8.43 -4.12 -38.78
C ILE A 605 -7.16 -3.79 -38.01
N ASN A 606 -7.31 -3.18 -36.84
CA ASN A 606 -6.13 -2.80 -36.07
C ASN A 606 -5.40 -4.02 -35.52
N ASN A 607 -6.12 -5.10 -35.25
CA ASN A 607 -5.46 -6.34 -34.84
C ASN A 607 -4.59 -6.90 -35.96
N GLN A 608 -5.12 -6.90 -37.19
CA GLN A 608 -4.30 -7.34 -38.32
C GLN A 608 -3.11 -6.41 -38.53
N LEU A 609 -3.32 -5.10 -38.35
CA LEU A 609 -2.21 -4.16 -38.48
C LEU A 609 -1.13 -4.42 -37.44
N LEU A 610 -1.54 -4.67 -36.19
CA LEU A 610 -0.57 -4.99 -35.14
C LEU A 610 0.18 -6.28 -35.46
N LEU A 611 -0.54 -7.29 -35.97
CA LEU A 611 0.11 -8.55 -36.29
C LEU A 611 1.10 -8.42 -37.45
N GLN A 612 0.78 -7.59 -38.45
CA GLN A 612 1.62 -7.49 -39.63
C GLN A 612 2.74 -6.48 -39.50
N LYS A 613 2.59 -5.46 -38.65
CA LYS A 613 3.59 -4.40 -38.55
C LYS A 613 4.63 -4.66 -37.46
N TYR A 614 4.32 -5.48 -36.47
CA TYR A 614 5.23 -5.75 -35.36
C TYR A 614 5.62 -7.23 -35.37
N PRO A 615 6.82 -7.57 -35.82
CA PRO A 615 7.25 -8.96 -35.79
C PRO A 615 7.26 -9.48 -34.36
N PRO A 616 6.96 -10.76 -34.16
CA PRO A 616 6.82 -11.30 -32.80
C PRO A 616 8.11 -11.18 -31.99
N PRO A 617 9.25 -11.76 -32.44
CA PRO A 617 10.39 -11.83 -31.51
C PRO A 617 11.24 -10.57 -31.49
N ARG A 618 10.58 -9.41 -31.56
CA ARG A 618 11.17 -8.14 -31.12
C ARG A 618 10.18 -7.24 -30.41
N TYR A 619 8.88 -7.48 -30.55
CA TYR A 619 7.83 -6.74 -29.85
C TYR A 619 6.85 -7.76 -29.29
N ILE A 620 6.67 -7.75 -27.99
CA ILE A 620 5.69 -8.64 -27.36
C ILE A 620 4.38 -7.89 -27.21
N THR A 621 3.31 -8.49 -27.71
CA THR A 621 1.97 -7.92 -27.68
C THR A 621 1.14 -8.70 -26.67
N VAL A 622 0.63 -8.01 -25.67
CA VAL A 622 -0.12 -8.63 -24.58
C VAL A 622 -1.56 -8.15 -24.64
N HIS A 623 -2.50 -9.09 -24.72
CA HIS A 623 -3.93 -8.78 -24.77
C HIS A 623 -4.44 -8.58 -23.35
N CYS A 624 -4.02 -7.47 -22.75
CA CYS A 624 -4.48 -7.12 -21.42
C CYS A 624 -5.97 -6.77 -21.47
N GLU A 625 -6.60 -6.81 -20.29
CA GLU A 625 -7.99 -6.40 -20.20
C GLU A 625 -8.09 -4.91 -20.51
N PRO A 626 -9.16 -4.47 -21.19
CA PRO A 626 -9.25 -3.06 -21.58
C PRO A 626 -9.21 -2.14 -20.37
N ARG A 627 -8.45 -1.05 -20.50
CA ARG A 627 -8.31 -0.09 -19.42
C ARG A 627 -9.58 0.72 -19.20
N LEU A 628 -10.33 0.99 -20.27
CA LEU A 628 -11.55 1.78 -20.17
C LEU A 628 -12.77 0.88 -20.34
N PRO A 629 -13.88 1.18 -19.66
CA PRO A 629 -15.07 0.32 -19.76
C PRO A 629 -15.65 0.23 -21.16
N ASN A 630 -15.56 1.30 -21.96
CA ASN A 630 -16.15 1.32 -23.29
C ASN A 630 -15.23 0.72 -24.35
N LEU A 631 -14.27 -0.10 -23.94
CA LEU A 631 -13.36 -0.77 -24.85
C LEU A 631 -13.50 -2.28 -24.71
N ILE A 632 -13.38 -2.99 -25.84
CA ILE A 632 -13.47 -4.44 -25.81
C ILE A 632 -12.12 -5.13 -25.91
N SER A 633 -11.12 -4.49 -26.51
CA SER A 633 -9.81 -5.10 -26.67
C SER A 633 -8.73 -4.06 -26.44
N GLU A 634 -7.66 -4.48 -25.77
CA GLU A 634 -6.51 -3.62 -25.50
C GLU A 634 -5.25 -4.47 -25.64
N ILE A 635 -4.36 -4.06 -26.53
CA ILE A 635 -3.10 -4.77 -26.76
C ILE A 635 -1.96 -3.81 -26.42
N ALA A 636 -1.15 -4.20 -25.44
CA ALA A 636 0.03 -3.42 -25.05
C ALA A 636 1.25 -4.00 -25.74
N ILE A 637 2.07 -3.13 -26.34
CA ILE A 637 3.23 -3.54 -27.11
C ILE A 637 4.49 -3.14 -26.35
N PHE A 638 5.39 -4.10 -26.14
CA PHE A 638 6.65 -3.85 -25.45
C PHE A 638 7.80 -4.20 -26.37
N ASP A 639 8.77 -3.30 -26.48
CA ASP A 639 9.91 -3.48 -27.38
C ASP A 639 11.00 -4.27 -26.65
N ARG A 640 11.17 -5.52 -27.04
CA ARG A 640 12.20 -6.37 -26.45
C ARG A 640 13.51 -6.28 -27.23
N SER A 641 13.98 -5.06 -27.46
CA SER A 641 15.21 -4.79 -28.19
C SER A 641 16.35 -4.37 -27.28
N ILE A 642 16.14 -3.36 -26.46
CA ILE A 642 17.11 -2.89 -25.47
C ILE A 642 16.54 -3.15 -24.08
N GLU A 643 17.35 -3.73 -23.21
CA GLU A 643 16.88 -4.13 -21.88
C GLU A 643 16.49 -2.90 -21.07
N GLY A 644 15.36 -3.01 -20.38
CA GLY A 644 14.85 -1.93 -19.58
C GLY A 644 15.49 -1.86 -18.21
N THR A 645 15.00 -0.91 -17.42
CA THR A 645 15.54 -0.74 -16.07
C THR A 645 15.11 -1.88 -15.15
N ILE A 646 13.83 -2.26 -15.21
CA ILE A 646 13.31 -3.36 -14.41
C ILE A 646 13.93 -4.71 -14.79
N PRO A 647 13.95 -5.09 -16.08
CA PRO A 647 14.54 -6.40 -16.43
C PRO A 647 16.03 -6.50 -16.17
N ARG A 648 16.73 -5.38 -15.99
CA ARG A 648 18.13 -5.43 -15.62
C ARG A 648 18.32 -5.37 -14.11
N LEU A 649 17.49 -4.58 -13.41
CA LEU A 649 17.58 -4.50 -11.97
C LEU A 649 17.27 -5.85 -11.33
N LEU A 650 16.16 -6.48 -11.73
CA LEU A 650 15.84 -7.77 -11.12
C LEU A 650 16.77 -8.87 -11.60
N ARG A 651 17.31 -8.74 -12.82
CA ARG A 651 18.34 -9.69 -13.26
C ARG A 651 19.57 -9.61 -12.37
N THR A 652 20.02 -8.39 -12.06
CA THR A 652 21.14 -8.21 -11.15
C THR A 652 20.82 -8.79 -9.77
N PHE A 653 19.60 -8.55 -9.28
CA PHE A 653 19.22 -9.07 -7.98
C PHE A 653 19.24 -10.61 -7.96
N LEU A 654 18.72 -11.23 -9.01
CA LEU A 654 18.71 -12.70 -9.08
C LEU A 654 20.12 -13.26 -9.17
N ALA A 655 20.98 -12.63 -9.97
CA ALA A 655 22.37 -13.11 -10.08
C ALA A 655 23.08 -12.96 -8.74
N GLU A 656 22.85 -11.85 -8.04
CA GLU A 656 23.48 -11.66 -6.73
C GLU A 656 22.99 -12.69 -5.72
N ARG A 657 21.70 -12.98 -5.72
CA ARG A 657 21.17 -14.00 -4.80
C ARG A 657 21.76 -15.36 -5.11
N ALA A 658 21.88 -15.70 -6.40
CA ALA A 658 22.46 -16.98 -6.78
C ALA A 658 23.92 -17.08 -6.38
N ARG A 659 24.67 -15.98 -6.53
CA ARG A 659 26.09 -16.00 -6.20
C ARG A 659 26.35 -15.98 -4.70
N TYR A 660 25.48 -15.34 -3.93
CA TYR A 660 25.70 -15.18 -2.50
C TYR A 660 25.01 -16.26 -1.66
N LYS A 661 24.35 -17.22 -2.30
CA LYS A 661 23.80 -18.38 -1.59
C LYS A 661 24.63 -19.62 -1.76
N LYS A 662 25.55 -19.65 -2.73
CA LYS A 662 26.45 -20.77 -2.90
C LYS A 662 27.66 -20.72 -1.99
N MET A 663 27.92 -19.57 -1.36
CA MET A 663 29.09 -19.43 -0.50
C MET A 663 28.86 -20.13 0.85
N LEU A 664 27.63 -20.09 1.36
CA LEU A 664 27.33 -20.82 2.59
C LEU A 664 27.46 -22.32 2.40
N LYS A 665 27.30 -22.81 1.17
CA LYS A 665 27.61 -24.20 0.85
C LYS A 665 29.10 -24.47 0.75
N GLN A 666 29.93 -23.41 0.70
CA GLN A 666 31.37 -23.55 0.64
C GLN A 666 32.08 -23.08 1.90
N ALA A 667 31.55 -22.05 2.57
CA ALA A 667 32.18 -21.54 3.77
C ALA A 667 31.92 -22.48 4.95
N THR A 668 32.98 -22.79 5.69
CA THR A 668 32.89 -23.68 6.84
C THR A 668 33.06 -22.98 8.17
N SER A 669 33.63 -21.78 8.19
CA SER A 669 33.83 -21.03 9.42
C SER A 669 32.53 -20.35 9.84
N SER A 670 32.61 -19.44 10.82
CA SER A 670 31.44 -18.69 11.23
C SER A 670 30.95 -17.76 10.12
N THR A 671 31.82 -17.39 9.18
CA THR A 671 31.42 -16.50 8.09
C THR A 671 30.24 -17.07 7.31
N GLU A 672 30.16 -18.39 7.20
CA GLU A 672 29.04 -19.10 6.58
C GLU A 672 27.71 -18.52 7.03
N LYS A 673 27.61 -18.13 8.30
CA LYS A 673 26.46 -17.39 8.80
C LYS A 673 26.79 -15.94 9.16
N ALA A 674 28.06 -15.62 9.37
CA ALA A 674 28.42 -14.26 9.76
C ALA A 674 28.39 -13.30 8.58
N ILE A 675 28.71 -13.77 7.38
CA ILE A 675 28.75 -12.91 6.20
C ILE A 675 27.87 -13.47 5.10
N TYR A 676 28.17 -14.68 4.64
CA TYR A 676 27.54 -15.24 3.44
C TYR A 676 26.27 -16.01 3.76
N ASP A 677 25.36 -15.43 4.55
CA ASP A 677 24.07 -16.05 4.80
C ASP A 677 22.89 -15.12 4.66
N SER A 678 23.05 -13.81 4.80
CA SER A 678 21.95 -12.88 4.67
C SER A 678 21.98 -12.10 3.36
N MET A 679 23.09 -12.13 2.63
CA MET A 679 23.13 -11.50 1.32
C MET A 679 22.08 -12.10 0.39
N GLN A 680 22.04 -13.43 0.33
CA GLN A 680 21.07 -14.10 -0.54
C GLN A 680 19.64 -13.84 -0.07
N TYR A 681 19.42 -13.78 1.23
CA TYR A 681 18.08 -13.50 1.76
C TYR A 681 17.63 -12.09 1.37
N THR A 682 18.51 -11.10 1.52
CA THR A 682 18.16 -9.73 1.13
C THR A 682 17.93 -9.60 -0.36
N TYR A 683 18.75 -10.27 -1.17
CA TYR A 683 18.56 -10.22 -2.62
C TYR A 683 17.27 -10.92 -3.03
N LYS A 684 16.91 -12.00 -2.35
CA LYS A 684 15.63 -12.63 -2.59
C LYS A 684 14.48 -11.67 -2.26
N ILE A 685 14.59 -10.97 -1.13
CA ILE A 685 13.54 -10.01 -0.76
C ILE A 685 13.40 -8.94 -1.83
N VAL A 686 14.52 -8.36 -2.28
CA VAL A 686 14.43 -7.27 -3.24
C VAL A 686 13.91 -7.76 -4.60
N ALA A 687 14.28 -8.97 -5.00
CA ALA A 687 13.74 -9.50 -6.24
C ALA A 687 12.25 -9.81 -6.12
N ASN A 688 11.78 -10.16 -4.92
CA ASN A 688 10.39 -10.52 -4.71
C ASN A 688 9.47 -9.31 -4.53
N SER A 689 9.94 -8.10 -4.82
CA SER A 689 9.09 -6.92 -4.74
C SER A 689 9.17 -6.04 -5.98
N VAL A 690 9.93 -6.45 -7.00
CA VAL A 690 10.03 -5.66 -8.23
C VAL A 690 8.68 -5.57 -8.91
N TYR A 691 7.96 -6.70 -8.98
CA TYR A 691 6.64 -6.70 -9.61
C TYR A 691 5.67 -5.82 -8.85
N GLY A 692 5.70 -5.88 -7.51
CA GLY A 692 4.83 -5.02 -6.74
C GLY A 692 5.15 -3.55 -6.93
N LEU A 693 6.43 -3.22 -7.08
CA LEU A 693 6.82 -1.83 -7.34
C LEU A 693 6.42 -1.40 -8.75
N MET A 694 6.38 -2.35 -9.69
CA MET A 694 6.08 -2.04 -11.08
C MET A 694 4.64 -1.58 -11.29
N GLY A 695 3.77 -1.75 -10.30
CA GLY A 695 2.40 -1.29 -10.42
C GLY A 695 2.06 -0.21 -9.42
N PHE A 696 3.01 0.12 -8.55
CA PHE A 696 2.80 1.16 -7.54
C PHE A 696 2.89 2.53 -8.19
N ARG A 697 1.91 3.39 -7.91
CA ARG A 697 1.72 4.61 -8.70
C ARG A 697 2.93 5.52 -8.62
N ASN A 698 3.23 6.06 -7.43
CA ASN A 698 4.35 6.97 -7.27
C ASN A 698 5.59 6.20 -6.84
N SER A 699 6.16 5.50 -7.81
CA SER A 699 7.39 4.75 -7.63
C SER A 699 8.33 5.02 -8.81
N ALA A 700 9.62 4.77 -8.59
CA ALA A 700 10.60 4.99 -9.64
C ALA A 700 10.54 3.95 -10.74
N LEU A 701 9.78 2.87 -10.55
CA LEU A 701 9.66 1.81 -11.55
C LEU A 701 8.21 1.58 -11.96
N TYR A 702 7.37 2.60 -11.81
CA TYR A 702 5.95 2.45 -12.14
C TYR A 702 5.76 2.31 -13.64
N SER A 703 4.98 1.29 -14.04
CA SER A 703 4.63 1.10 -15.44
C SER A 703 3.34 0.29 -15.46
N TYR A 704 2.22 0.97 -15.70
CA TYR A 704 0.91 0.32 -15.65
C TYR A 704 0.80 -0.78 -16.70
N ALA A 705 1.23 -0.51 -17.92
CA ALA A 705 1.19 -1.52 -18.97
C ALA A 705 2.08 -2.71 -18.64
N SER A 706 3.22 -2.45 -17.98
CA SER A 706 4.11 -3.55 -17.59
C SER A 706 3.46 -4.44 -16.54
N ALA A 707 2.79 -3.85 -15.55
CA ALA A 707 2.07 -4.65 -14.56
C ALA A 707 0.94 -5.45 -15.21
N LYS A 708 0.19 -4.81 -16.11
CA LYS A 708 -0.88 -5.51 -16.81
C LYS A 708 -0.34 -6.70 -17.59
N SER A 709 0.75 -6.49 -18.34
CA SER A 709 1.33 -7.56 -19.14
C SER A 709 1.89 -8.67 -18.26
N CYS A 710 2.51 -8.31 -17.14
CA CYS A 710 3.06 -9.32 -16.24
C CYS A 710 1.95 -10.20 -15.67
N THR A 711 0.87 -9.57 -15.18
CA THR A 711 -0.23 -10.36 -14.63
C THR A 711 -0.89 -11.21 -15.71
N SER A 712 -1.10 -10.65 -16.90
CA SER A 712 -1.72 -11.42 -17.98
C SER A 712 -0.88 -12.61 -18.39
N ILE A 713 0.45 -12.42 -18.50
CA ILE A 713 1.30 -13.52 -18.90
C ILE A 713 1.41 -14.56 -17.79
N GLY A 714 1.37 -14.14 -16.52
CA GLY A 714 1.32 -15.11 -15.44
C GLY A 714 0.06 -15.96 -15.47
N ARG A 715 -1.08 -15.32 -15.72
CA ARG A 715 -2.33 -16.07 -15.86
C ARG A 715 -2.28 -17.00 -17.07
N ARG A 716 -1.69 -16.55 -18.17
CA ARG A 716 -1.54 -17.42 -19.33
C ARG A 716 -0.65 -18.61 -19.00
N MET A 717 0.41 -18.38 -18.22
CA MET A 717 1.31 -19.47 -17.86
C MET A 717 0.63 -20.50 -16.96
N ILE A 718 -0.15 -20.03 -15.97
CA ILE A 718 -0.85 -20.98 -15.12
C ILE A 718 -1.91 -21.74 -15.91
N LEU A 719 -2.61 -21.07 -16.83
CA LEU A 719 -3.57 -21.76 -17.68
C LEU A 719 -2.88 -22.80 -18.56
N TYR A 720 -1.73 -22.45 -19.13
CA TYR A 720 -0.98 -23.36 -19.97
C TYR A 720 -0.53 -24.59 -19.18
N LEU A 721 -0.07 -24.39 -17.95
CA LEU A 721 0.35 -25.53 -17.14
C LEU A 721 -0.84 -26.39 -16.73
N GLU A 722 -1.95 -25.76 -16.32
CA GLU A 722 -3.10 -26.51 -15.87
C GLU A 722 -3.70 -27.34 -17.01
N SER A 723 -3.99 -26.71 -18.14
CA SER A 723 -4.61 -27.44 -19.24
C SER A 723 -3.57 -28.07 -20.15
N VAL A 724 -2.59 -28.74 -19.53
CA VAL A 724 -1.68 -29.65 -20.22
C VAL A 724 -1.56 -30.89 -19.35
N LEU A 725 -1.93 -30.74 -18.08
CA LEU A 725 -1.87 -31.83 -17.10
C LEU A 725 -3.25 -32.25 -16.62
N ASN A 726 -4.31 -31.74 -17.23
CA ASN A 726 -5.68 -32.06 -16.83
C ASN A 726 -6.13 -33.28 -17.64
N GLY A 727 -5.84 -34.46 -17.10
CA GLY A 727 -6.22 -35.69 -17.77
C GLY A 727 -5.06 -36.33 -18.50
N ALA A 728 -3.89 -36.37 -17.88
CA ALA A 728 -2.69 -36.97 -18.46
C ALA A 728 -2.58 -38.42 -18.01
N GLU A 729 -2.41 -39.32 -18.96
CA GLU A 729 -2.41 -40.74 -18.69
C GLU A 729 -0.99 -41.29 -18.72
N LEU A 730 -0.58 -41.94 -17.64
CA LEU A 730 0.75 -42.57 -17.57
C LEU A 730 0.65 -44.03 -18.05
N SER A 731 0.24 -44.17 -19.31
CA SER A 731 0.12 -45.48 -19.91
C SER A 731 1.50 -46.07 -20.17
N ASN A 732 1.68 -47.34 -19.78
CA ASN A 732 2.95 -48.05 -19.93
C ASN A 732 4.07 -47.27 -19.24
N GLY A 733 4.86 -46.53 -20.01
CA GLY A 733 5.94 -45.76 -19.45
C GLY A 733 6.04 -44.35 -20.01
N MET A 734 4.97 -43.86 -20.62
CA MET A 734 4.93 -42.53 -21.21
C MET A 734 3.70 -41.78 -20.68
N LEU A 735 3.83 -40.45 -20.63
CA LEU A 735 2.73 -39.59 -20.22
C LEU A 735 2.21 -38.82 -21.43
N ARG A 736 0.90 -38.84 -21.62
CA ARG A 736 0.23 -38.12 -22.69
C ARG A 736 -0.37 -36.86 -22.10
N PHE A 737 0.20 -35.70 -22.43
CA PHE A 737 -0.30 -34.44 -21.90
C PHE A 737 -1.69 -34.14 -22.45
N ALA A 738 -2.46 -33.37 -21.68
CA ALA A 738 -3.87 -33.12 -22.01
C ALA A 738 -4.00 -32.42 -23.36
N ASN A 739 -3.46 -31.21 -23.47
CA ASN A 739 -3.53 -30.42 -24.69
C ASN A 739 -2.18 -30.39 -25.37
N THR A 740 -2.09 -29.64 -26.47
CA THR A 740 -0.84 -29.51 -27.19
C THR A 740 0.12 -28.60 -26.44
N LEU A 741 1.41 -28.77 -26.72
CA LEU A 741 2.48 -27.99 -26.10
C LEU A 741 2.84 -26.86 -27.04
N SER A 742 2.12 -25.75 -26.92
CA SER A 742 2.34 -24.57 -27.76
C SER A 742 2.51 -23.35 -26.89
N ASN A 743 3.31 -22.41 -27.38
CA ASN A 743 3.55 -21.16 -26.67
C ASN A 743 2.27 -20.33 -26.64
N PRO A 744 1.80 -19.91 -25.46
CA PRO A 744 0.52 -19.20 -25.36
C PRO A 744 0.58 -17.72 -25.76
N PHE A 745 1.71 -17.24 -26.27
CA PHE A 745 1.84 -15.84 -26.66
C PHE A 745 2.10 -15.66 -28.15
N TYR A 746 3.09 -16.36 -28.68
CA TYR A 746 3.42 -16.26 -30.10
C TYR A 746 3.99 -17.60 -30.55
N MET A 747 4.61 -17.62 -31.73
CA MET A 747 5.18 -18.83 -32.29
C MET A 747 6.60 -18.98 -31.77
N ASP A 748 6.77 -19.87 -30.80
CA ASP A 748 8.08 -20.14 -30.21
C ASP A 748 8.77 -21.25 -31.00
N ASP A 749 9.86 -21.78 -30.45
CA ASP A 749 10.64 -22.82 -31.10
C ASP A 749 10.59 -24.11 -30.29
N ARG A 750 9.40 -24.49 -29.85
CA ARG A 750 9.20 -25.70 -29.07
C ARG A 750 8.30 -26.68 -29.82
N ASP A 751 8.52 -27.97 -29.60
CA ASP A 751 7.69 -29.00 -30.19
C ASP A 751 6.31 -29.01 -29.56
N ILE A 752 5.33 -29.48 -30.32
CA ILE A 752 3.93 -29.51 -29.88
C ILE A 752 3.46 -30.92 -29.58
N ASN A 753 4.36 -31.88 -29.48
CA ASN A 753 3.99 -33.26 -29.20
C ASN A 753 3.62 -33.40 -27.72
N PRO A 754 2.39 -33.78 -27.39
CA PRO A 754 2.00 -33.88 -25.97
C PRO A 754 2.49 -35.14 -25.28
N ILE A 755 2.95 -36.15 -26.02
CA ILE A 755 3.46 -37.37 -25.40
C ILE A 755 4.92 -37.16 -25.02
N VAL A 756 5.32 -37.80 -23.91
CA VAL A 756 6.69 -37.64 -23.43
C VAL A 756 7.39 -38.99 -23.39
N LYS A 757 8.64 -39.00 -22.95
CA LYS A 757 9.47 -40.20 -22.87
C LYS A 757 10.03 -40.35 -21.46
N THR A 758 9.16 -40.22 -20.45
CA THR A 758 9.58 -40.37 -19.08
C THR A 758 10.02 -41.80 -18.80
N SER A 759 10.75 -41.97 -17.70
CA SER A 759 11.40 -43.24 -17.36
C SER A 759 10.83 -43.85 -16.09
N LEU A 760 9.51 -43.80 -15.91
CA LEU A 760 8.91 -44.51 -14.80
C LEU A 760 8.90 -46.01 -15.07
N PRO A 761 8.72 -46.84 -14.04
CA PRO A 761 8.56 -48.27 -14.28
C PRO A 761 7.38 -48.54 -15.22
N ILE A 762 7.58 -49.52 -16.11
CA ILE A 762 6.62 -49.76 -17.18
C ILE A 762 5.28 -50.27 -16.67
N ASP A 763 5.23 -50.79 -15.44
CA ASP A 763 3.98 -51.30 -14.89
C ASP A 763 3.21 -50.22 -14.12
N TYR A 764 2.98 -49.08 -14.78
CA TYR A 764 2.29 -47.95 -14.18
C TYR A 764 1.04 -47.61 -14.98
N ARG A 765 -0.05 -47.36 -14.27
CA ARG A 765 -1.32 -46.96 -14.88
C ARG A 765 -1.97 -45.94 -13.96
N PHE A 766 -1.78 -44.65 -14.28
CA PHE A 766 -2.30 -43.58 -13.44
C PHE A 766 -2.88 -42.47 -14.33
N ARG A 767 -3.81 -41.72 -13.75
CA ARG A 767 -4.47 -40.62 -14.43
C ARG A 767 -4.29 -39.35 -13.61
N PHE A 768 -3.86 -38.28 -14.26
CA PHE A 768 -3.63 -36.99 -13.63
C PHE A 768 -4.73 -36.03 -14.04
N ARG A 769 -5.32 -35.36 -13.06
CA ARG A 769 -6.38 -34.38 -13.29
C ARG A 769 -5.98 -33.09 -12.60
N SER A 770 -5.75 -32.04 -13.39
CA SER A 770 -5.36 -30.74 -12.84
C SER A 770 -6.50 -30.17 -12.02
N VAL A 771 -6.31 -30.11 -10.70
CA VAL A 771 -7.38 -29.75 -9.78
C VAL A 771 -7.33 -28.27 -9.44
N TYR A 772 -6.21 -27.83 -8.87
CA TYR A 772 -6.10 -26.46 -8.36
C TYR A 772 -4.80 -25.84 -8.81
N GLY A 773 -4.81 -24.52 -8.93
CA GLY A 773 -3.62 -23.77 -9.26
C GLY A 773 -3.62 -22.37 -8.68
N ASP A 774 -2.56 -22.05 -7.95
CA ASP A 774 -2.32 -20.69 -7.47
C ASP A 774 -1.25 -20.06 -8.35
N THR A 775 -0.97 -18.78 -8.09
CA THR A 775 -0.19 -17.92 -8.99
C THR A 775 0.95 -18.65 -9.70
N ASP A 776 1.72 -19.46 -8.96
CA ASP A 776 2.84 -20.19 -9.55
C ASP A 776 2.87 -21.66 -9.14
N SER A 777 1.77 -22.19 -8.62
CA SER A 777 1.71 -23.57 -8.14
C SER A 777 0.57 -24.31 -8.80
N VAL A 778 0.81 -25.57 -9.14
CA VAL A 778 -0.19 -26.44 -9.78
C VAL A 778 -0.23 -27.76 -9.03
N PHE A 779 -1.45 -28.22 -8.71
CA PHE A 779 -1.68 -29.50 -8.04
C PHE A 779 -2.27 -30.46 -9.06
N THR A 780 -1.72 -31.67 -9.13
CA THR A 780 -2.27 -32.71 -10.00
C THR A 780 -2.49 -33.98 -9.19
N GLU A 781 -3.72 -34.47 -9.19
CA GLU A 781 -4.06 -35.65 -8.40
C GLU A 781 -3.72 -36.92 -9.16
N ILE A 782 -3.34 -37.96 -8.42
CA ILE A 782 -2.93 -39.23 -9.00
C ILE A 782 -3.74 -40.36 -8.37
N ASP A 783 -3.80 -41.48 -9.09
CA ASP A 783 -4.58 -42.63 -8.61
C ASP A 783 -3.86 -43.36 -7.48
N SER A 784 -2.53 -43.31 -7.45
CA SER A 784 -1.78 -44.07 -6.46
C SER A 784 -2.00 -43.50 -5.07
N GLN A 785 -1.71 -44.33 -4.06
CA GLN A 785 -1.86 -43.94 -2.66
C GLN A 785 -0.57 -44.02 -1.86
N ASP A 786 0.37 -44.87 -2.26
CA ASP A 786 1.64 -44.98 -1.54
C ASP A 786 2.57 -43.83 -1.90
N VAL A 787 3.41 -43.46 -0.92
CA VAL A 787 4.18 -42.22 -1.04
C VAL A 787 5.29 -42.36 -2.08
N ASP A 788 6.00 -43.49 -2.09
CA ASP A 788 7.22 -43.61 -2.88
C ASP A 788 6.93 -43.50 -4.38
N LYS A 789 5.88 -44.18 -4.85
CA LYS A 789 5.54 -44.10 -6.27
C LYS A 789 5.18 -42.68 -6.66
N SER A 790 4.42 -41.99 -5.80
CA SER A 790 4.07 -40.60 -6.07
C SER A 790 5.31 -39.72 -6.13
N ILE A 791 6.27 -39.94 -5.22
CA ILE A 791 7.47 -39.12 -5.20
C ILE A 791 8.29 -39.31 -6.47
N GLU A 792 8.51 -40.58 -6.87
CA GLU A 792 9.29 -40.80 -8.07
C GLU A 792 8.57 -40.27 -9.32
N ILE A 793 7.25 -40.47 -9.38
CA ILE A 793 6.47 -39.97 -10.51
C ILE A 793 6.58 -38.45 -10.58
N ALA A 794 6.42 -37.77 -9.45
CA ALA A 794 6.48 -36.32 -9.42
C ALA A 794 7.86 -35.81 -9.79
N LYS A 795 8.92 -36.46 -9.29
CA LYS A 795 10.26 -36.00 -9.61
C LYS A 795 10.54 -36.11 -11.09
N GLU A 796 10.16 -37.22 -11.72
CA GLU A 796 10.44 -37.35 -13.14
C GLU A 796 9.50 -36.48 -13.98
N LEU A 797 8.27 -36.24 -13.49
CA LEU A 797 7.41 -35.28 -14.18
C LEU A 797 8.00 -33.88 -14.12
N GLU A 798 8.55 -33.48 -12.98
CA GLU A 798 9.19 -32.18 -12.87
C GLU A 798 10.40 -32.07 -13.77
N ARG A 799 11.23 -33.12 -13.82
CA ARG A 799 12.39 -33.08 -14.69
C ARG A 799 12.02 -33.12 -16.17
N LEU A 800 10.82 -33.61 -16.50
CA LEU A 800 10.36 -33.58 -17.89
C LEU A 800 9.63 -32.29 -18.26
N ILE A 801 9.01 -31.61 -17.29
CA ILE A 801 8.23 -30.42 -17.59
C ILE A 801 9.15 -29.29 -18.05
N ASN A 802 10.23 -29.05 -17.31
CA ASN A 802 11.15 -27.97 -17.67
C ASN A 802 11.81 -28.21 -19.02
N SER A 803 12.00 -29.48 -19.38
CA SER A 803 12.62 -29.79 -20.66
C SER A 803 11.66 -29.60 -21.84
N ARG A 804 10.36 -29.83 -21.62
CA ARG A 804 9.38 -29.81 -22.71
C ARG A 804 8.34 -28.73 -22.54
N VAL A 805 7.69 -28.64 -21.38
CA VAL A 805 6.55 -27.73 -21.22
C VAL A 805 7.02 -26.28 -21.22
N LEU A 806 7.89 -25.94 -20.29
CA LEU A 806 8.31 -24.55 -20.13
C LEU A 806 9.39 -24.18 -21.14
N PHE A 807 9.64 -22.88 -21.26
CA PHE A 807 10.51 -22.34 -22.29
C PHE A 807 11.33 -21.19 -21.73
N ASN A 808 12.47 -20.93 -22.39
CA ASN A 808 13.34 -19.80 -22.11
C ASN A 808 13.78 -19.85 -20.65
N ASN A 809 13.46 -18.86 -19.81
CA ASN A 809 13.93 -18.79 -18.44
C ASN A 809 12.87 -19.24 -17.44
N PHE A 810 11.80 -19.89 -17.90
CA PHE A 810 10.75 -20.38 -17.02
C PHE A 810 11.14 -21.78 -16.54
N LYS A 811 11.43 -21.89 -15.24
CA LYS A 811 11.82 -23.15 -14.62
C LYS A 811 10.79 -23.54 -13.58
N ILE A 812 10.64 -24.85 -13.36
CA ILE A 812 9.71 -25.39 -12.38
C ILE A 812 10.44 -26.35 -11.47
N GLU A 813 9.89 -26.56 -10.28
CA GLU A 813 10.47 -27.46 -9.30
C GLU A 813 9.36 -28.19 -8.56
N PHE A 814 9.61 -29.46 -8.23
CA PHE A 814 8.63 -30.29 -7.54
C PHE A 814 8.70 -30.00 -6.05
N GLU A 815 7.60 -29.52 -5.47
CA GLU A 815 7.62 -29.09 -4.08
C GLU A 815 7.58 -30.28 -3.13
N ALA A 816 6.48 -31.04 -3.17
CA ALA A 816 6.28 -32.18 -2.27
C ALA A 816 5.05 -32.95 -2.73
N VAL A 817 4.90 -34.17 -2.23
CA VAL A 817 3.72 -34.98 -2.48
C VAL A 817 2.70 -34.67 -1.40
N TYR A 818 1.50 -34.26 -1.83
CA TYR A 818 0.44 -33.86 -0.92
C TYR A 818 -0.65 -34.93 -0.96
N LYS A 819 -0.47 -35.99 -0.17
CA LYS A 819 -1.51 -36.99 -0.06
C LYS A 819 -2.55 -36.55 0.95
N ASN A 820 -3.70 -37.22 0.93
CA ASN A 820 -4.83 -36.88 1.78
C ASN A 820 -5.27 -35.43 1.55
N LEU A 821 -5.21 -34.99 0.30
CA LEU A 821 -5.58 -33.62 -0.02
C LEU A 821 -7.08 -33.43 0.15
N ILE A 822 -7.46 -32.38 0.88
CA ILE A 822 -8.85 -32.02 1.08
C ILE A 822 -8.94 -30.53 0.81
N MET A 823 -9.49 -30.16 -0.35
CA MET A 823 -9.63 -28.76 -0.74
C MET A 823 -10.77 -28.15 0.07
N GLN A 824 -10.44 -27.68 1.27
CA GLN A 824 -11.46 -27.16 2.18
C GLN A 824 -12.22 -25.99 1.57
N SER A 825 -11.57 -25.21 0.72
CA SER A 825 -12.21 -24.07 0.08
C SER A 825 -11.59 -23.92 -1.31
N LYS A 826 -11.80 -22.75 -1.93
CA LYS A 826 -11.19 -22.49 -3.23
C LYS A 826 -9.67 -22.51 -3.13
N LYS A 827 -9.12 -21.92 -2.08
CA LYS A 827 -7.67 -21.87 -1.88
C LYS A 827 -7.20 -22.64 -0.65
N LYS A 828 -8.03 -22.76 0.37
CA LYS A 828 -7.62 -23.43 1.61
C LYS A 828 -7.68 -24.94 1.45
N TYR A 829 -6.66 -25.64 1.93
CA TYR A 829 -6.63 -27.09 1.86
C TYR A 829 -5.64 -27.62 2.89
N THR A 830 -5.86 -28.87 3.30
CA THR A 830 -5.00 -29.56 4.25
C THR A 830 -4.46 -30.83 3.59
N THR A 831 -3.18 -31.10 3.78
CA THR A 831 -2.52 -32.22 3.11
C THR A 831 -1.57 -32.91 4.08
N MET A 832 -0.83 -33.88 3.56
CA MET A 832 0.23 -34.58 4.29
C MET A 832 1.50 -34.43 3.46
N LYS A 833 2.33 -33.44 3.82
CA LYS A 833 3.47 -33.07 3.00
C LYS A 833 4.53 -34.17 3.01
N TYR A 834 5.06 -34.47 1.82
CA TYR A 834 6.10 -35.48 1.63
C TYR A 834 7.04 -34.96 0.55
N SER A 835 8.21 -34.46 0.97
CA SER A 835 9.16 -33.89 0.03
C SER A 835 9.80 -34.99 -0.81
N ALA A 836 10.74 -34.57 -1.67
CA ALA A 836 11.45 -35.52 -2.53
C ALA A 836 12.36 -36.47 -1.76
N SER A 837 12.61 -36.20 -0.48
CA SER A 837 13.46 -37.05 0.35
C SER A 837 12.70 -37.91 1.34
N SER A 838 11.62 -37.38 1.92
CA SER A 838 10.83 -38.12 2.91
C SER A 838 10.04 -39.21 2.19
N ASN A 839 10.52 -40.45 2.28
CA ASN A 839 9.94 -41.57 1.55
C ASN A 839 9.24 -42.51 2.52
N SER A 840 7.96 -42.76 2.28
CA SER A 840 7.18 -43.79 2.95
C SER A 840 7.26 -43.68 4.48
N LYS A 841 8.15 -44.45 5.09
CA LYS A 841 8.22 -44.57 6.54
C LYS A 841 8.67 -43.29 7.22
N SER A 842 9.16 -42.30 6.48
CA SER A 842 9.56 -41.03 7.07
C SER A 842 8.37 -40.37 7.74
N VAL A 843 8.60 -39.75 8.89
CA VAL A 843 7.51 -39.09 9.62
C VAL A 843 6.99 -37.93 8.78
N PRO A 844 5.68 -37.82 8.56
CA PRO A 844 5.15 -36.75 7.72
C PRO A 844 4.88 -35.47 8.49
N GLU A 845 4.73 -34.39 7.72
CA GLU A 845 4.36 -33.09 8.26
C GLU A 845 3.12 -32.60 7.52
N ARG A 846 2.19 -32.01 8.28
CA ARG A 846 0.94 -31.51 7.70
C ARG A 846 1.11 -30.07 7.23
N ILE A 847 2.01 -29.89 6.28
CA ILE A 847 2.26 -28.58 5.69
C ILE A 847 1.10 -28.22 4.77
N ASN A 848 0.49 -27.07 5.00
CA ASN A 848 -0.71 -26.65 4.29
C ASN A 848 -0.47 -25.27 3.69
N LYS A 849 -1.48 -24.77 2.98
CA LYS A 849 -1.36 -23.49 2.28
C LYS A 849 -2.61 -22.64 2.51
N GLY A 850 -3.06 -22.54 3.75
CA GLY A 850 -4.11 -21.59 4.08
C GLY A 850 -5.36 -22.18 4.68
N THR A 851 -5.29 -23.43 5.16
CA THR A 851 -6.43 -24.08 5.76
C THR A 851 -6.59 -23.61 7.21
N SER A 852 -7.43 -24.30 7.97
CA SER A 852 -7.60 -23.96 9.38
C SER A 852 -6.29 -24.12 10.14
N GLU A 853 -5.51 -25.15 9.83
CA GLU A 853 -4.29 -25.44 10.58
C GLU A 853 -3.30 -24.30 10.49
N THR A 854 -3.00 -23.82 9.28
CA THR A 854 -2.00 -22.77 9.13
C THR A 854 -2.54 -21.41 9.57
N ARG A 855 -3.81 -21.12 9.27
CA ARG A 855 -4.38 -19.83 9.63
C ARG A 855 -4.45 -19.67 11.13
N ARG A 856 -4.19 -18.46 11.60
CA ARG A 856 -4.19 -18.17 13.03
C ARG A 856 -5.60 -18.03 13.60
N ASP A 857 -6.63 -17.98 12.75
CA ASP A 857 -7.99 -17.76 13.23
C ASP A 857 -8.47 -18.87 14.16
N VAL A 858 -7.92 -20.08 14.00
CA VAL A 858 -8.33 -21.22 14.82
C VAL A 858 -7.83 -21.05 16.24
N SER A 859 -8.30 -21.91 17.15
CA SER A 859 -8.03 -21.76 18.57
C SER A 859 -7.73 -23.13 19.17
N LYS A 860 -7.73 -23.19 20.50
CA LYS A 860 -7.48 -24.42 21.23
C LYS A 860 -8.61 -25.43 20.97
N PHE A 861 -8.27 -26.71 21.13
CA PHE A 861 -9.13 -27.85 20.85
C PHE A 861 -9.93 -27.68 19.57
N HIS A 862 -9.28 -27.18 18.53
CA HIS A 862 -9.87 -27.06 17.20
C HIS A 862 -9.03 -27.74 16.13
N LYS A 863 -7.71 -27.61 16.19
CA LYS A 863 -6.85 -28.23 15.19
C LYS A 863 -6.68 -29.73 15.43
N ASN A 864 -6.62 -30.14 16.70
CA ASN A 864 -6.42 -31.56 17.01
C ASN A 864 -7.61 -32.39 16.57
N MET A 865 -8.83 -31.90 16.81
CA MET A 865 -10.03 -32.67 16.48
C MET A 865 -10.15 -32.85 14.96
N ILE A 866 -9.99 -31.76 14.21
CA ILE A 866 -10.07 -31.87 12.75
C ILE A 866 -8.90 -32.70 12.21
N LYS A 867 -7.73 -32.59 12.84
CA LYS A 867 -6.60 -33.44 12.44
C LYS A 867 -6.96 -34.91 12.59
N THR A 868 -7.51 -35.29 13.75
CA THR A 868 -7.87 -36.68 13.97
C THR A 868 -8.94 -37.15 12.99
N TYR A 869 -9.97 -36.32 12.77
CA TYR A 869 -11.05 -36.71 11.87
C TYR A 869 -10.55 -36.88 10.44
N LYS A 870 -9.72 -35.93 9.97
CA LYS A 870 -9.18 -36.03 8.62
C LYS A 870 -8.25 -37.23 8.49
N THR A 871 -7.43 -37.50 9.50
CA THR A 871 -6.55 -38.66 9.44
C THR A 871 -7.36 -39.95 9.38
N ARG A 872 -8.45 -40.03 10.13
CA ARG A 872 -9.32 -41.21 10.04
C ARG A 872 -9.93 -41.33 8.65
N LEU A 873 -10.45 -40.22 8.13
CA LEU A 873 -11.07 -40.25 6.80
C LEU A 873 -10.06 -40.61 5.72
N SER A 874 -8.77 -40.37 5.98
CA SER A 874 -7.73 -40.75 5.02
C SER A 874 -7.81 -42.23 4.68
N GLU A 875 -7.64 -43.10 5.67
CA GLU A 875 -7.77 -44.53 5.40
C GLU A 875 -9.22 -44.95 5.22
N MET A 876 -10.19 -44.15 5.66
CA MET A 876 -11.58 -44.50 5.40
C MET A 876 -11.91 -44.40 3.91
N LEU A 877 -11.26 -43.49 3.19
CA LEU A 877 -11.54 -43.29 1.77
C LEU A 877 -10.41 -43.75 0.84
N SER A 878 -9.24 -44.11 1.38
CA SER A 878 -8.16 -44.56 0.50
C SER A 878 -8.52 -45.86 -0.21
N GLU A 879 -9.08 -46.82 0.52
CA GLU A 879 -9.46 -48.08 -0.10
C GLU A 879 -10.60 -47.90 -1.10
N GLY A 880 -11.57 -47.06 -0.77
CA GLY A 880 -12.67 -46.78 -1.67
C GLY A 880 -13.93 -47.55 -1.37
N ARG A 881 -14.90 -46.89 -0.78
CA ARG A 881 -16.20 -47.49 -0.49
C ARG A 881 -17.37 -46.66 -1.02
N MET A 882 -17.26 -45.33 -0.97
CA MET A 882 -18.28 -44.42 -1.48
C MET A 882 -19.61 -44.55 -0.73
N ASN A 883 -19.64 -45.38 0.30
CA ASN A 883 -20.86 -45.57 1.08
C ASN A 883 -20.64 -45.60 2.59
N SER A 884 -19.40 -45.70 3.06
CA SER A 884 -19.15 -45.76 4.50
C SER A 884 -19.51 -44.44 5.16
N ASN A 885 -20.38 -44.50 6.17
CA ASN A 885 -20.85 -43.30 6.86
C ASN A 885 -20.61 -43.36 8.36
N GLN A 886 -19.79 -44.30 8.84
CA GLN A 886 -19.50 -44.39 10.27
C GLN A 886 -18.67 -43.22 10.78
N VAL A 887 -18.12 -42.41 9.88
CA VAL A 887 -17.30 -41.27 10.31
C VAL A 887 -18.13 -40.29 11.13
N CYS A 888 -19.38 -40.03 10.72
CA CYS A 888 -20.22 -39.12 11.46
C CYS A 888 -20.55 -39.67 12.85
N ILE A 889 -20.86 -40.96 12.94
CA ILE A 889 -21.16 -41.56 14.24
C ILE A 889 -19.95 -41.50 15.16
N ASP A 890 -18.76 -41.81 14.61
CA ASP A 890 -17.55 -41.74 15.42
C ASP A 890 -17.27 -40.31 15.89
N ILE A 891 -17.51 -39.33 15.01
CA ILE A 891 -17.32 -37.94 15.39
C ILE A 891 -18.29 -37.54 16.50
N LEU A 892 -19.55 -37.99 16.39
CA LEU A 892 -20.51 -37.71 17.45
C LEU A 892 -20.07 -38.33 18.77
N ARG A 893 -19.58 -39.57 18.73
CA ARG A 893 -19.12 -40.22 19.96
C ARG A 893 -17.94 -39.48 20.56
N SER A 894 -16.99 -39.05 19.72
CA SER A 894 -15.82 -38.34 20.24
C SER A 894 -16.19 -36.98 20.80
N LEU A 895 -17.09 -36.25 20.13
CA LEU A 895 -17.44 -34.91 20.59
C LEU A 895 -18.32 -34.95 21.84
N GLU A 896 -19.27 -35.88 21.88
CA GLU A 896 -20.21 -35.93 23.00
C GLU A 896 -19.51 -36.24 24.33
N THR A 897 -18.29 -36.76 24.28
CA THR A 897 -17.55 -37.02 25.52
C THR A 897 -17.23 -35.73 26.24
N ASP A 898 -16.90 -34.67 25.51
CA ASP A 898 -16.50 -33.41 26.11
C ASP A 898 -17.35 -32.21 25.69
N LEU A 899 -18.22 -32.35 24.69
CA LEU A 899 -19.00 -31.20 24.23
C LEU A 899 -19.87 -30.64 25.34
N ARG A 900 -20.53 -31.51 26.09
CA ARG A 900 -21.38 -31.05 27.18
C ARG A 900 -20.55 -30.65 28.40
N SER A 901 -19.46 -31.36 28.67
CA SER A 901 -18.69 -31.13 29.89
C SER A 901 -17.85 -29.85 29.82
N GLU A 902 -17.47 -29.40 28.62
CA GLU A 902 -16.63 -28.21 28.52
C GLU A 902 -17.36 -26.93 28.93
N PHE A 903 -18.69 -26.98 29.06
CA PHE A 903 -19.46 -25.75 29.27
C PHE A 903 -19.01 -24.99 30.51
N ASP A 904 -18.47 -25.68 31.50
CA ASP A 904 -17.87 -25.00 32.64
C ASP A 904 -16.59 -24.29 32.20
N SER A 905 -16.44 -23.04 32.65
CA SER A 905 -15.28 -22.24 32.23
C SER A 905 -13.98 -22.89 32.66
N ARG A 906 -13.92 -23.36 33.91
CA ARG A 906 -12.81 -24.11 34.49
C ARG A 906 -11.44 -23.59 34.08
N SER A 907 -11.27 -22.27 34.07
CA SER A 907 -10.01 -21.62 33.71
C SER A 907 -9.55 -22.03 32.30
N SER A 908 -10.37 -21.64 31.33
CA SER A 908 -10.12 -22.01 29.95
C SER A 908 -8.81 -21.39 29.44
N PRO A 909 -8.14 -22.06 28.49
CA PRO A 909 -6.86 -21.55 28.00
C PRO A 909 -6.98 -20.31 27.13
N LEU A 910 -7.02 -19.13 27.76
CA LEU A 910 -7.04 -17.88 27.01
C LEU A 910 -5.84 -17.74 26.10
N GLU A 911 -4.72 -18.38 26.45
CA GLU A 911 -3.45 -18.19 25.74
C GLU A 911 -3.49 -18.67 24.30
N LEU A 912 -4.49 -19.46 23.90
CA LEU A 912 -4.54 -19.96 22.53
C LEU A 912 -5.95 -19.94 21.97
N PHE A 913 -6.78 -18.99 22.40
CA PHE A 913 -8.11 -18.83 21.84
C PHE A 913 -8.17 -17.80 20.73
N MET A 914 -7.37 -16.75 20.81
CA MET A 914 -7.46 -15.66 19.85
C MET A 914 -6.56 -15.91 18.65
N LEU A 915 -6.37 -14.88 17.84
CA LEU A 915 -5.76 -15.00 16.53
C LEU A 915 -4.83 -13.81 16.34
N SER A 916 -4.39 -13.57 15.11
CA SER A 916 -3.40 -12.53 14.84
C SER A 916 -3.98 -11.14 14.94
N ARG A 917 -5.18 -11.03 15.54
CA ARG A 917 -5.87 -9.76 15.69
C ARG A 917 -5.04 -8.74 16.46
N MET A 918 -4.64 -7.67 15.79
CA MET A 918 -3.87 -6.60 16.41
C MET A 918 -4.77 -5.41 16.68
N HIS A 919 -4.21 -4.40 17.34
CA HIS A 919 -4.93 -3.15 17.59
C HIS A 919 -5.08 -2.42 16.25
N HIS A 920 -6.24 -2.59 15.63
CA HIS A 920 -6.44 -2.11 14.27
C HIS A 920 -6.60 -0.60 14.26
N SER A 921 -6.39 0.00 13.09
CA SER A 921 -6.40 1.45 12.95
C SER A 921 -7.57 1.99 12.15
N ASN A 922 -8.00 1.30 11.09
CA ASN A 922 -9.09 1.77 10.25
C ASN A 922 -10.41 1.28 10.84
N TYR A 923 -11.24 2.22 11.29
CA TYR A 923 -12.51 1.88 11.91
C TYR A 923 -13.42 3.11 11.86
N LYS A 924 -14.72 2.86 12.05
CA LYS A 924 -15.70 3.93 12.15
C LYS A 924 -16.05 4.24 13.61
N SER A 925 -16.50 3.23 14.35
CA SER A 925 -16.70 3.35 15.80
C SER A 925 -15.98 2.20 16.49
N ALA A 926 -15.89 1.07 15.80
CA ALA A 926 -15.16 -0.09 16.30
C ALA A 926 -14.91 -1.03 15.13
N ASP A 927 -13.64 -1.35 14.88
CA ASP A 927 -13.31 -2.28 13.80
C ASP A 927 -13.96 -3.63 14.08
N ASN A 928 -14.56 -4.22 13.04
CA ASN A 928 -15.40 -5.42 13.19
C ASN A 928 -16.44 -5.14 14.27
N PRO A 929 -17.48 -4.35 13.95
CA PRO A 929 -18.33 -3.73 14.99
C PRO A 929 -18.65 -4.60 16.20
N ASN A 930 -18.26 -4.12 17.37
CA ASN A 930 -18.37 -4.86 18.62
C ASN A 930 -18.36 -3.86 19.77
N MET A 931 -18.12 -4.35 20.99
CA MET A 931 -18.30 -3.52 22.17
C MET A 931 -17.20 -2.46 22.29
N TYR A 932 -15.96 -2.89 22.51
CA TYR A 932 -14.91 -1.94 22.87
C TYR A 932 -13.58 -2.23 22.19
N LEU A 933 -13.61 -2.79 20.98
CA LEU A 933 -12.38 -3.01 20.24
C LEU A 933 -11.89 -1.70 19.64
N VAL A 934 -10.57 -1.56 19.55
CA VAL A 934 -9.88 -0.35 19.09
C VAL A 934 -10.05 0.78 20.11
N THR A 935 -11.29 1.04 20.52
CA THR A 935 -11.55 2.15 21.44
C THR A 935 -10.82 1.96 22.76
N GLU A 936 -10.85 0.75 23.31
CA GLU A 936 -10.13 0.47 24.55
C GLU A 936 -8.64 0.29 24.28
N LYS A 939 -9.25 1.39 27.67
CA LYS A 939 -9.40 1.27 29.12
C LYS A 939 -8.06 0.93 29.77
N ASN A 940 -8.01 -0.23 30.43
CA ASN A 940 -6.80 -0.68 31.12
C ASN A 940 -6.12 -1.74 30.27
N ASN A 941 -5.31 -1.28 29.31
CA ASN A 941 -4.48 -2.16 28.48
C ASN A 941 -3.08 -1.57 28.39
N PRO A 942 -2.34 -1.55 29.50
CA PRO A 942 -0.99 -0.98 29.47
C PRO A 942 0.06 -1.94 28.95
N GLU A 943 -0.10 -3.23 29.24
CA GLU A 943 0.95 -4.22 29.01
C GLU A 943 1.02 -4.57 27.53
N THR A 944 1.95 -3.92 26.82
CA THR A 944 2.27 -4.25 25.43
C THR A 944 1.04 -4.22 24.54
N ILE A 945 0.32 -3.10 24.59
CA ILE A 945 -0.86 -2.89 23.76
C ILE A 945 -0.62 -1.65 22.91
N GLU A 946 -0.62 -1.83 21.59
CA GLU A 946 -0.42 -0.74 20.64
C GLU A 946 -0.79 -1.27 19.26
N LEU A 947 -0.95 -0.33 18.32
CA LEU A 947 -1.30 -0.69 16.96
C LEU A 947 -0.18 -1.52 16.32
N GLY A 948 -0.50 -2.76 15.98
CA GLY A 948 0.48 -3.67 15.40
C GLY A 948 0.99 -4.75 16.33
N GLU A 949 0.26 -5.06 17.40
CA GLU A 949 0.68 -6.07 18.37
C GLU A 949 -0.34 -7.19 18.38
N ARG A 950 0.13 -8.42 18.17
CA ARG A 950 -0.75 -9.58 18.25
C ARG A 950 -1.33 -9.70 19.65
N TYR A 951 -2.64 -9.96 19.72
CA TYR A 951 -3.37 -9.89 20.97
C TYR A 951 -4.05 -11.21 21.28
N TYR A 952 -3.99 -11.61 22.55
CA TYR A 952 -4.70 -12.77 23.06
C TYR A 952 -5.65 -12.32 24.17
N PHE A 953 -6.91 -12.72 24.07
CA PHE A 953 -7.90 -12.42 25.10
C PHE A 953 -9.04 -13.42 24.97
N ALA A 954 -10.08 -13.22 25.78
CA ALA A 954 -11.24 -14.08 25.76
C ALA A 954 -12.50 -13.24 25.85
N TYR A 955 -13.58 -13.76 25.28
CA TYR A 955 -14.88 -13.11 25.34
C TYR A 955 -15.40 -13.03 26.77
N ASN A 960 -23.96 -19.72 34.84
CA ASN A 960 -24.83 -20.80 35.27
C ASN A 960 -25.89 -21.11 34.21
N VAL A 961 -25.48 -21.06 32.94
CA VAL A 961 -26.40 -21.33 31.83
C VAL A 961 -25.76 -22.32 30.85
N PRO A 962 -25.58 -23.58 31.24
CA PRO A 962 -25.06 -24.57 30.29
C PRO A 962 -26.10 -24.90 29.24
N TRP A 963 -25.63 -25.46 28.11
CA TRP A 963 -26.47 -25.80 26.97
C TRP A 963 -27.21 -24.56 26.47
N THR A 964 -26.44 -23.60 25.97
CA THR A 964 -26.99 -22.32 25.54
C THR A 964 -27.99 -22.51 24.41
N LYS A 965 -29.04 -21.72 24.43
CA LYS A 965 -30.13 -21.81 23.46
C LYS A 965 -30.03 -20.68 22.44
N LYS A 966 -30.48 -20.98 21.21
CA LYS A 966 -30.57 -20.02 20.13
C LYS A 966 -29.20 -19.51 19.71
N LEU A 967 -29.14 -18.68 18.67
CA LEU A 967 -27.92 -18.03 18.23
C LEU A 967 -28.03 -16.54 18.53
N VAL A 968 -27.02 -15.98 19.19
CA VAL A 968 -27.07 -14.60 19.64
C VAL A 968 -25.91 -13.81 19.04
N ASN A 969 -25.46 -14.21 17.85
CA ASN A 969 -24.38 -13.51 17.14
C ASN A 969 -23.13 -13.46 18.02
N ILE A 970 -22.53 -14.63 18.21
CA ILE A 970 -21.57 -14.80 19.30
C ILE A 970 -20.25 -14.15 18.92
N LYS A 971 -20.16 -12.84 19.20
CA LYS A 971 -18.94 -12.06 19.17
C LYS A 971 -18.96 -11.03 20.29
N THR A 972 -19.60 -11.38 21.41
CA THR A 972 -20.05 -10.42 22.41
C THR A 972 -18.93 -9.56 22.98
N TYR A 973 -17.99 -10.18 23.69
CA TYR A 973 -16.93 -9.44 24.38
C TYR A 973 -15.66 -9.53 23.54
N GLU A 974 -15.49 -8.55 22.65
CA GLU A 974 -14.29 -8.45 21.83
C GLU A 974 -13.76 -7.03 21.95
N THR A 975 -12.65 -6.87 22.66
CA THR A 975 -12.06 -5.56 22.92
C THR A 975 -10.55 -5.71 23.00
N ILE A 976 -9.88 -4.62 23.37
CA ILE A 976 -8.43 -4.62 23.58
C ILE A 976 -8.20 -4.19 25.02
N ILE A 977 -7.96 -5.15 25.90
CA ILE A 977 -7.75 -4.89 27.32
C ILE A 977 -6.40 -5.47 27.72
N ASP A 978 -6.03 -5.33 29.00
CA ASP A 978 -4.75 -5.82 29.50
C ASP A 978 -4.53 -7.28 29.11
N ARG A 979 -3.46 -7.54 28.37
CA ARG A 979 -3.15 -8.88 27.89
C ARG A 979 -2.50 -9.69 28.99
N SER A 980 -3.23 -10.67 29.51
CA SER A 980 -2.74 -11.55 30.57
C SER A 980 -2.75 -12.99 30.07
N PHE A 981 -2.43 -13.91 30.98
CA PHE A 981 -2.43 -15.35 30.70
C PHE A 981 -3.18 -16.10 31.79
N LYS A 982 -4.30 -15.55 32.25
CA LYS A 982 -5.08 -16.15 33.31
C LYS A 982 -6.55 -15.83 33.09
N LEU A 983 -7.42 -16.65 33.70
CA LEU A 983 -8.85 -16.48 33.56
C LEU A 983 -9.54 -17.04 34.80
N GLY A 984 -10.81 -16.68 34.95
CA GLY A 984 -11.61 -17.14 36.06
C GLY A 984 -12.15 -18.54 35.83
N SER A 985 -13.01 -18.97 36.76
CA SER A 985 -13.56 -20.31 36.74
C SER A 985 -15.03 -20.21 37.13
N ASN A 986 -15.62 -21.37 37.48
CA ASN A 986 -17.01 -21.51 37.93
C ASN A 986 -17.98 -20.62 37.15
N GLN A 987 -17.83 -20.62 35.83
CA GLN A 987 -18.71 -19.90 34.93
C GLN A 987 -19.21 -20.84 33.85
N ARG A 988 -20.40 -20.56 33.35
CA ARG A 988 -21.04 -21.34 32.28
C ARG A 988 -21.23 -20.48 31.04
N ILE A 989 -20.19 -19.71 30.68
CA ILE A 989 -20.28 -18.82 29.54
C ILE A 989 -20.50 -19.61 28.25
N PHE A 990 -21.18 -18.97 27.31
CA PHE A 990 -21.41 -19.57 26.00
C PHE A 990 -20.08 -19.84 25.30
N TYR A 991 -20.14 -20.65 24.25
CA TYR A 991 -18.95 -21.02 23.50
C TYR A 991 -19.04 -20.56 22.05
N GLU A 992 -17.87 -20.37 21.46
CA GLU A 992 -17.72 -19.67 20.19
C GLU A 992 -17.76 -20.67 19.03
N VAL A 993 -17.28 -20.24 17.87
CA VAL A 993 -17.43 -20.91 16.58
C VAL A 993 -16.67 -22.23 16.55
N TYR A 994 -16.04 -22.61 17.66
CA TYR A 994 -15.28 -23.87 17.69
C TYR A 994 -16.12 -25.04 17.21
N PHE A 995 -17.21 -25.34 17.93
CA PHE A 995 -18.02 -26.52 17.61
C PHE A 995 -18.73 -26.36 16.27
N LYS A 996 -19.29 -25.18 16.01
CA LYS A 996 -20.01 -24.96 14.76
C LYS A 996 -19.10 -25.12 13.56
N ARG A 997 -17.88 -24.57 13.63
CA ARG A 997 -16.94 -24.67 12.52
C ARG A 997 -16.43 -26.10 12.37
N LEU A 998 -16.21 -26.80 13.49
CA LEU A 998 -15.83 -28.20 13.39
C LEU A 998 -16.90 -29.02 12.66
N THR A 999 -18.16 -28.81 13.05
CA THR A 999 -19.26 -29.53 12.40
C THR A 999 -19.39 -29.11 10.93
N SER A 1000 -19.18 -27.83 10.64
CA SER A 1000 -19.27 -27.36 9.26
C SER A 1000 -18.20 -27.98 8.38
N GLU A 1001 -16.96 -28.03 8.87
CA GLU A 1001 -15.90 -28.69 8.12
C GLU A 1001 -16.19 -30.17 7.94
N ILE A 1002 -16.70 -30.82 8.99
CA ILE A 1002 -16.99 -32.25 8.91
C ILE A 1002 -18.07 -32.52 7.86
N VAL A 1003 -19.16 -31.74 7.89
CA VAL A 1003 -20.23 -31.94 6.93
C VAL A 1003 -19.80 -31.51 5.53
N ASN A 1004 -18.79 -30.65 5.43
CA ASN A 1004 -18.16 -30.43 4.13
C ASN A 1004 -17.40 -31.65 3.66
N LEU A 1005 -16.79 -32.38 4.60
CA LEU A 1005 -16.08 -33.62 4.24
C LEU A 1005 -17.06 -34.70 3.78
N LEU A 1006 -18.20 -34.82 4.47
CA LEU A 1006 -19.18 -35.84 4.15
C LEU A 1006 -20.25 -35.25 3.24
N ASP A 1007 -21.32 -36.01 2.96
CA ASP A 1007 -22.32 -35.60 2.00
C ASP A 1007 -23.75 -35.71 2.53
N ASN A 1008 -23.98 -36.60 3.48
CA ASN A 1008 -25.33 -36.84 3.98
C ASN A 1008 -25.71 -35.80 5.03
N LYS A 1009 -26.89 -35.20 4.89
CA LYS A 1009 -27.40 -34.20 5.81
C LYS A 1009 -28.60 -34.73 6.59
N VAL A 1010 -28.55 -36.01 6.98
CA VAL A 1010 -29.65 -36.62 7.69
C VAL A 1010 -29.82 -36.00 9.07
N LEU A 1011 -28.70 -35.66 9.72
CA LEU A 1011 -28.73 -35.07 11.06
C LEU A 1011 -28.13 -33.67 11.06
N CYS A 1012 -28.05 -33.02 9.90
CA CYS A 1012 -27.40 -31.72 9.80
C CYS A 1012 -28.11 -30.67 10.65
N ILE A 1013 -29.44 -30.63 10.59
CA ILE A 1013 -30.19 -29.68 11.39
C ILE A 1013 -30.06 -30.01 12.87
N SER A 1014 -30.13 -31.29 13.22
CA SER A 1014 -30.12 -31.72 14.62
C SER A 1014 -28.77 -31.52 15.29
N PHE A 1015 -27.72 -31.19 14.55
CA PHE A 1015 -26.43 -30.92 15.16
C PHE A 1015 -26.50 -29.76 16.12
N PHE A 1016 -27.18 -28.68 15.73
CA PHE A 1016 -27.24 -27.48 16.56
C PHE A 1016 -28.64 -26.88 16.64
N GLN A 1017 -29.68 -27.58 16.17
CA GLN A 1017 -31.03 -27.04 16.30
C GLN A 1017 -31.42 -26.90 17.77
N ARG A 1018 -31.06 -27.89 18.60
CA ARG A 1018 -31.31 -27.79 20.03
C ARG A 1018 -30.48 -26.67 20.66
N MET A 1019 -29.20 -26.57 20.30
CA MET A 1019 -28.32 -25.59 20.94
C MET A 1019 -28.45 -24.21 20.28
N PHE A 1020 -28.09 -24.11 19.00
CA PHE A 1020 -28.12 -22.84 18.30
C PHE A 1020 -29.27 -22.73 17.32
N GLY A 1021 -29.35 -23.65 16.36
CA GLY A 1021 -30.39 -23.62 15.35
C GLY A 1021 -29.90 -23.04 14.04
N SER A 1022 -29.54 -23.90 13.09
CA SER A 1022 -28.99 -23.48 11.81
C SER A 1022 -28.79 -24.72 10.96
N ARG A 1023 -28.44 -24.49 9.70
CA ARG A 1023 -28.14 -25.54 8.74
C ARG A 1023 -26.83 -25.22 8.03
N PRO A 1024 -25.94 -26.20 7.89
CA PRO A 1024 -24.65 -25.93 7.22
C PRO A 1024 -24.86 -25.52 5.77
N THR A 1025 -23.97 -24.64 5.29
CA THR A 1025 -24.07 -24.14 3.92
C THR A 1025 -23.82 -25.27 2.92
N PHE A 1026 -22.72 -25.99 3.09
CA PHE A 1026 -22.34 -27.09 2.20
C PHE A 1026 -22.29 -26.61 0.74
N TYR A 1027 -21.37 -25.67 0.50
CA TYR A 1027 -21.21 -25.09 -0.83
C TYR A 1027 -20.82 -26.15 -1.85
N ILE B 29 -5.43 20.69 40.92
CA ILE B 29 -4.26 19.93 40.49
C ILE B 29 -3.21 19.93 41.60
N SER B 30 -2.54 18.80 41.78
CA SER B 30 -1.54 18.69 42.85
C SER B 30 -0.37 19.62 42.61
N HIS B 31 0.12 19.71 41.36
CA HIS B 31 1.26 20.53 41.02
C HIS B 31 0.78 21.84 40.39
N ALA B 32 1.25 22.97 40.94
CA ALA B 32 0.90 24.30 40.48
C ALA B 32 -0.61 24.50 40.45
N PRO B 33 -1.27 24.58 41.62
CA PRO B 33 -2.73 24.74 41.67
C PRO B 33 -3.18 26.13 41.19
N ILE B 36 -8.66 24.58 38.24
CA ILE B 36 -8.64 24.11 36.85
C ILE B 36 -9.63 24.91 36.01
N THR B 37 -10.85 25.04 36.52
CA THR B 37 -11.94 25.76 35.85
C THR B 37 -12.15 25.22 34.44
N TYR B 38 -12.49 23.93 34.37
CA TYR B 38 -12.71 23.27 33.09
C TYR B 38 -13.94 23.86 32.39
N HIS B 39 -13.86 23.94 31.07
CA HIS B 39 -14.96 24.46 30.27
C HIS B 39 -15.75 23.31 29.64
N ASP B 40 -16.93 23.65 29.12
CA ASP B 40 -17.76 22.66 28.46
C ASP B 40 -17.14 22.14 27.17
N ASP B 41 -16.38 22.99 26.47
CA ASP B 41 -15.76 22.59 25.22
C ASP B 41 -14.69 21.53 25.46
N TRP B 42 -13.72 21.82 26.32
CA TRP B 42 -12.65 20.88 26.65
C TRP B 42 -13.04 20.00 27.83
N GLU B 43 -14.21 19.36 27.74
CA GLU B 43 -14.69 18.46 28.77
C GLU B 43 -14.07 17.06 28.69
N PRO B 44 -14.04 16.41 27.52
CA PRO B 44 -13.48 15.06 27.46
C PRO B 44 -11.96 14.99 27.40
N VAL B 45 -11.26 16.06 27.72
CA VAL B 45 -9.81 16.12 27.63
C VAL B 45 -9.17 16.25 29.00
N MET B 46 -9.65 17.20 29.82
CA MET B 46 -8.97 17.54 31.07
C MET B 46 -8.84 16.35 32.01
N SER B 47 -9.81 15.44 32.00
CA SER B 47 -9.79 14.30 32.92
C SER B 47 -8.55 13.44 32.72
N GLN B 48 -8.19 13.18 31.46
CA GLN B 48 -6.95 12.46 31.18
C GLN B 48 -5.75 13.40 31.14
N LEU B 49 -5.97 14.68 30.86
CA LEU B 49 -4.86 15.63 30.78
C LEU B 49 -4.19 15.82 32.12
N VAL B 50 -4.97 15.89 33.21
CA VAL B 50 -4.36 16.06 34.52
C VAL B 50 -3.54 14.83 34.89
N GLU B 51 -4.05 13.63 34.59
CA GLU B 51 -3.30 12.42 34.87
C GLU B 51 -2.02 12.35 34.06
N PHE B 52 -2.08 12.74 32.78
CA PHE B 52 -0.88 12.77 31.97
C PHE B 52 0.12 13.80 32.48
N TYR B 53 -0.38 14.96 32.93
CA TYR B 53 0.50 16.03 33.39
C TYR B 53 1.22 15.64 34.69
N ASN B 54 0.50 15.02 35.63
CA ASN B 54 1.06 14.76 36.95
C ASN B 54 2.35 13.93 36.88
N GLU B 55 2.52 13.13 35.84
CA GLU B 55 3.73 12.33 35.72
C GLU B 55 4.96 13.19 35.43
N VAL B 56 4.78 14.33 34.76
CA VAL B 56 5.91 15.15 34.32
C VAL B 56 6.07 16.36 35.23
N ALA B 57 4.95 16.85 35.77
CA ALA B 57 4.96 18.07 36.56
C ALA B 57 5.82 17.97 37.81
N SER B 58 6.12 16.75 38.26
CA SER B 58 6.98 16.59 39.42
C SER B 58 8.42 17.00 39.13
N TRP B 59 8.82 17.06 37.87
CA TRP B 59 10.19 17.37 37.49
C TRP B 59 10.31 18.57 36.57
N LEU B 60 9.40 18.70 35.59
CA LEU B 60 9.45 19.82 34.67
C LEU B 60 9.20 21.14 35.37
N LEU B 61 8.24 21.17 36.32
CA LEU B 61 7.88 22.41 36.99
C LEU B 61 9.01 22.93 37.86
N ARG B 62 9.81 22.03 38.45
CA ARG B 62 10.91 22.47 39.31
C ARG B 62 11.95 23.27 38.52
N ASP B 63 12.28 22.82 37.31
CA ASP B 63 13.24 23.53 36.49
C ASP B 63 12.57 24.71 35.78
N GLU B 64 13.35 25.76 35.55
CA GLU B 64 12.83 26.95 34.90
C GLU B 64 12.53 26.69 33.43
N THR B 65 11.57 27.42 32.90
CA THR B 65 11.12 27.26 31.53
C THR B 65 10.93 28.64 30.90
N SER B 66 11.03 28.68 29.56
CA SER B 66 10.95 29.96 28.86
C SER B 66 9.60 30.65 29.05
N PRO B 67 8.45 30.01 28.83
CA PRO B 67 7.18 30.68 29.16
C PRO B 67 6.99 30.76 30.66
N ILE B 68 6.19 31.74 31.08
CA ILE B 68 5.81 31.88 32.48
C ILE B 68 4.96 30.66 32.84
N PRO B 69 5.02 30.16 34.08
CA PRO B 69 4.17 29.00 34.43
C PRO B 69 2.69 29.35 34.49
N ASP B 70 2.18 29.93 33.40
CA ASP B 70 0.76 30.22 33.26
C ASP B 70 0.20 29.83 31.90
N LYS B 71 1.03 29.70 30.86
CA LYS B 71 0.56 29.38 29.52
C LYS B 71 0.29 27.88 29.37
N PHE B 72 -0.60 27.38 30.22
CA PHE B 72 -1.00 25.98 30.19
C PHE B 72 -2.49 25.80 29.89
N PHE B 73 -3.35 26.51 30.61
CA PHE B 73 -4.80 26.36 30.44
C PHE B 73 -5.49 27.68 30.11
N ILE B 74 -4.74 28.70 29.70
CA ILE B 74 -5.36 29.98 29.37
C ILE B 74 -6.21 29.87 28.10
N GLN B 75 -5.75 29.11 27.11
CA GLN B 75 -6.53 28.90 25.89
C GLN B 75 -7.49 27.72 26.03
N LEU B 76 -8.29 27.74 27.09
CA LEU B 76 -9.27 26.68 27.33
C LEU B 76 -10.65 27.29 27.55
N LYS B 77 -10.70 28.52 28.04
CA LYS B 77 -11.97 29.19 28.28
C LYS B 77 -12.69 29.45 26.97
N GLN B 78 -14.04 29.50 27.06
CA GLN B 78 -14.96 29.74 25.95
C GLN B 78 -14.96 28.57 24.98
N PRO B 79 -16.10 28.29 24.34
CA PRO B 79 -16.16 27.14 23.42
C PRO B 79 -15.36 27.40 22.16
N LEU B 80 -15.05 26.30 21.47
CA LEU B 80 -14.29 26.31 20.23
C LEU B 80 -15.18 25.95 19.04
N ARG B 81 -16.42 26.45 19.05
CA ARG B 81 -17.41 26.09 18.05
C ARG B 81 -17.36 26.95 16.80
N ASN B 82 -16.52 27.99 16.77
CA ASN B 82 -16.41 28.85 15.59
C ASN B 82 -14.98 29.11 15.14
N LYS B 83 -13.96 28.75 15.92
CA LYS B 83 -12.57 28.87 15.48
C LYS B 83 -12.21 27.62 14.70
N ARG B 84 -12.59 27.61 13.42
CA ARG B 84 -12.41 26.45 12.56
C ARG B 84 -11.03 26.38 11.92
N VAL B 85 -10.16 27.37 12.15
CA VAL B 85 -8.80 27.35 11.66
C VAL B 85 -7.87 27.49 12.87
N CYS B 86 -7.04 26.48 13.09
CA CYS B 86 -6.12 26.44 14.23
C CYS B 86 -4.69 26.35 13.73
N VAL B 87 -3.82 27.21 14.24
CA VAL B 87 -2.41 27.25 13.88
C VAL B 87 -1.60 26.72 15.04
N CYS B 88 -0.60 25.88 14.75
CA CYS B 88 0.22 25.27 15.79
C CYS B 88 1.70 25.48 15.48
N GLY B 89 2.48 25.70 16.52
CA GLY B 89 3.92 25.84 16.37
C GLY B 89 4.63 25.09 17.48
N ILE B 90 5.86 24.66 17.19
CA ILE B 90 6.61 23.83 18.12
C ILE B 90 7.53 24.64 19.04
N ASP B 91 7.90 25.86 18.65
CA ASP B 91 8.83 26.65 19.45
C ASP B 91 8.09 27.77 20.17
N PRO B 92 7.95 27.69 21.50
CA PRO B 92 7.31 28.81 22.22
C PRO B 92 8.26 29.94 22.52
N TYR B 93 9.07 30.31 21.53
CA TYR B 93 9.95 31.48 21.55
C TYR B 93 11.04 31.39 22.62
N PRO B 94 12.07 32.24 22.55
CA PRO B 94 13.04 32.32 23.65
C PRO B 94 12.45 32.99 24.88
N LYS B 95 13.32 33.32 25.85
CA LYS B 95 12.93 33.85 27.16
C LYS B 95 11.78 34.85 27.11
N ASP B 96 11.74 35.68 26.08
CA ASP B 96 10.63 36.62 25.88
C ASP B 96 9.43 35.89 25.25
N GLY B 97 8.98 34.85 25.95
CA GLY B 97 7.86 34.07 25.46
C GLY B 97 6.53 34.75 25.68
N THR B 98 5.50 34.24 25.00
CA THR B 98 4.17 34.83 25.08
C THR B 98 3.06 33.80 25.23
N GLY B 99 3.35 32.50 25.18
CA GLY B 99 2.30 31.50 25.27
C GLY B 99 1.79 31.05 23.91
N VAL B 100 0.67 31.62 23.48
CA VAL B 100 0.16 31.29 22.15
C VAL B 100 1.14 31.78 21.10
N PRO B 101 1.36 31.06 20.01
CA PRO B 101 2.40 31.45 19.06
C PRO B 101 2.07 32.76 18.35
N PHE B 102 3.12 33.50 18.03
CA PHE B 102 3.03 34.72 17.22
C PHE B 102 2.15 35.77 17.90
N GLU B 103 2.55 36.14 19.12
CA GLU B 103 1.79 37.10 19.91
C GLU B 103 2.63 38.23 20.50
N SER B 104 3.94 38.22 20.32
CA SER B 104 4.79 39.25 20.93
C SER B 104 4.54 40.60 20.27
N PRO B 105 4.11 41.63 21.03
CA PRO B 105 3.84 42.96 20.46
C PRO B 105 5.10 43.81 20.31
N ASN B 106 6.11 43.28 19.61
CA ASN B 106 7.35 44.00 19.42
C ASN B 106 7.76 44.03 17.95
N PHE B 107 7.29 43.04 17.19
CA PHE B 107 7.58 42.84 15.76
C PHE B 107 9.04 42.47 15.52
N THR B 108 9.86 42.38 16.56
CA THR B 108 11.26 42.02 16.40
C THR B 108 11.47 40.54 16.13
N LYS B 109 10.44 39.71 16.33
CA LYS B 109 10.57 38.29 16.10
C LYS B 109 10.77 38.00 14.62
N LYS B 110 11.69 37.09 14.32
CA LYS B 110 11.93 36.71 12.92
C LYS B 110 10.72 36.02 12.32
N SER B 111 10.07 35.15 13.09
CA SER B 111 8.92 34.42 12.56
C SER B 111 7.72 35.33 12.32
N ILE B 112 7.43 36.22 13.27
CA ILE B 112 6.30 37.14 13.13
C ILE B 112 6.54 38.10 11.98
N LYS B 113 7.78 38.62 11.86
CA LYS B 113 8.07 39.60 10.83
C LYS B 113 7.85 39.05 9.43
N GLU B 114 8.30 37.81 9.18
CA GLU B 114 8.14 37.23 7.86
C GLU B 114 6.66 36.94 7.56
N ILE B 115 5.90 36.49 8.55
CA ILE B 115 4.48 36.25 8.36
C ILE B 115 3.77 37.55 8.00
N ALA B 116 4.08 38.62 8.73
CA ALA B 116 3.48 39.92 8.45
C ALA B 116 3.88 40.45 7.09
N SER B 117 5.15 40.22 6.70
CA SER B 117 5.59 40.64 5.38
C SER B 117 4.85 39.89 4.28
N SER B 118 4.65 38.58 4.46
CA SER B 118 3.89 37.82 3.47
C SER B 118 2.44 38.29 3.40
N ILE B 119 1.83 38.58 4.55
CA ILE B 119 0.45 39.06 4.57
C ILE B 119 0.36 40.41 3.86
N SER B 120 1.31 41.31 4.12
CA SER B 120 1.32 42.60 3.45
C SER B 120 1.53 42.45 1.95
N ARG B 121 2.40 41.53 1.54
CA ARG B 121 2.60 41.27 0.13
C ARG B 121 1.34 40.76 -0.54
N LEU B 122 0.59 39.90 0.15
CA LEU B 122 -0.64 39.36 -0.42
C LEU B 122 -1.75 40.41 -0.47
N THR B 123 -1.84 41.26 0.55
CA THR B 123 -2.95 42.20 0.67
C THR B 123 -2.51 43.66 0.51
N GLY B 124 -1.57 44.13 1.33
CA GLY B 124 -1.13 45.50 1.24
C GLY B 124 -1.73 46.43 2.28
N VAL B 125 -1.79 45.97 3.53
CA VAL B 125 -2.33 46.77 4.62
C VAL B 125 -1.19 47.56 5.25
N ILE B 126 -1.40 48.85 5.46
CA ILE B 126 -0.34 49.72 5.99
C ILE B 126 -0.39 49.85 7.51
N ASP B 127 -1.51 49.51 8.15
CA ASP B 127 -1.64 49.63 9.59
C ASP B 127 -0.73 48.61 10.26
N TYR B 128 0.37 49.08 10.85
CA TYR B 128 1.35 48.23 11.52
C TYR B 128 1.33 48.53 13.01
N LYS B 129 0.82 47.57 13.79
CA LYS B 129 0.82 47.68 15.24
C LYS B 129 1.21 46.37 15.92
N GLY B 130 1.76 45.42 15.18
CA GLY B 130 2.10 44.12 15.72
C GLY B 130 1.18 43.03 15.22
N TYR B 131 1.64 42.27 14.23
CA TYR B 131 0.82 41.23 13.63
C TYR B 131 0.74 40.02 14.56
N ASN B 132 -0.48 39.51 14.76
CA ASN B 132 -0.69 38.36 15.62
C ASN B 132 -1.85 37.53 15.09
N LEU B 133 -1.67 36.20 15.11
CA LEU B 133 -2.68 35.27 14.62
C LEU B 133 -3.58 34.75 15.75
N ASN B 134 -4.09 35.67 16.57
CA ASN B 134 -4.94 35.25 17.68
C ASN B 134 -6.27 35.97 17.72
N ILE B 135 -6.31 37.25 17.37
CA ILE B 135 -7.55 38.04 17.46
C ILE B 135 -8.25 37.90 16.12
N ILE B 136 -8.97 36.79 15.98
CA ILE B 136 -9.78 36.49 14.81
C ILE B 136 -11.08 35.86 15.29
N ASP B 137 -12.19 36.22 14.64
CA ASP B 137 -13.48 35.66 15.01
C ASP B 137 -13.61 34.18 14.67
N GLY B 138 -12.68 33.62 13.90
CA GLY B 138 -12.76 32.22 13.53
C GLY B 138 -11.44 31.48 13.48
N VAL B 139 -10.42 32.01 14.17
CA VAL B 139 -9.11 31.39 14.21
C VAL B 139 -8.61 31.38 15.65
N ILE B 140 -8.11 30.23 16.09
CA ILE B 140 -7.54 30.07 17.42
C ILE B 140 -6.08 29.65 17.26
N PRO B 141 -5.15 30.23 18.01
CA PRO B 141 -3.76 29.76 17.95
C PRO B 141 -3.47 28.71 19.01
N TRP B 142 -2.63 27.74 18.65
CA TRP B 142 -2.25 26.66 19.53
C TRP B 142 -0.75 26.47 19.52
N ASN B 143 -0.23 25.93 20.61
CA ASN B 143 1.20 25.67 20.77
C ASN B 143 1.41 24.17 20.89
N TYR B 144 2.30 23.63 20.05
CA TYR B 144 2.53 22.18 20.04
C TYR B 144 3.06 21.70 21.39
N TYR B 145 4.13 22.32 21.87
CA TYR B 145 4.66 22.07 23.20
C TYR B 145 4.33 23.27 24.06
N LEU B 146 3.52 23.05 25.11
CA LEU B 146 3.01 24.16 25.90
C LEU B 146 4.15 24.92 26.59
N SER B 147 5.15 24.21 27.10
CA SER B 147 6.26 24.82 27.79
C SER B 147 7.58 24.22 27.32
N CYS B 148 8.59 25.08 27.21
CA CYS B 148 9.93 24.65 26.82
C CYS B 148 10.95 25.51 27.55
N LYS B 149 12.15 24.97 27.72
CA LYS B 149 13.19 25.64 28.47
C LYS B 149 13.85 26.74 27.64
N LEU B 150 14.63 27.59 28.30
CA LEU B 150 15.31 28.70 27.65
C LEU B 150 16.30 28.21 26.62
N GLY B 151 16.04 28.48 25.34
CA GLY B 151 16.95 28.06 24.29
C GLY B 151 17.00 26.57 24.07
N GLU B 152 15.98 25.84 24.52
CA GLU B 152 15.94 24.38 24.41
C GLU B 152 14.72 24.00 23.56
N THR B 153 14.93 23.94 22.24
CA THR B 153 13.89 23.54 21.30
C THR B 153 14.16 22.12 20.83
N LYS B 154 13.07 21.37 20.62
CA LYS B 154 13.11 19.97 20.16
C LYS B 154 13.66 19.07 21.26
N SER B 155 14.11 19.67 22.37
CA SER B 155 14.59 18.88 23.50
C SER B 155 13.47 18.27 24.31
N HIS B 156 12.34 18.97 24.42
CA HIS B 156 11.18 18.48 25.18
C HIS B 156 10.30 17.57 24.33
N ALA B 157 10.91 16.58 23.70
CA ALA B 157 10.17 15.59 22.94
C ALA B 157 9.63 14.47 23.82
N ILE B 158 9.92 14.50 25.11
CA ILE B 158 9.46 13.49 26.05
C ILE B 158 8.63 14.06 27.19
N TYR B 159 8.80 15.33 27.54
CA TYR B 159 8.05 15.89 28.65
C TYR B 159 6.59 16.14 28.28
N TRP B 160 6.35 16.64 27.06
CA TRP B 160 5.01 16.97 26.60
C TRP B 160 4.49 16.02 25.54
N ASP B 161 5.18 14.89 25.32
CA ASP B 161 4.80 14.01 24.21
C ASP B 161 3.44 13.37 24.43
N LYS B 162 3.16 12.92 25.66
CA LYS B 162 1.89 12.26 25.92
C LYS B 162 0.73 13.25 26.00
N ILE B 163 0.96 14.41 26.59
CA ILE B 163 -0.10 15.42 26.70
C ILE B 163 -0.48 15.95 25.32
N SER B 164 0.49 16.05 24.41
CA SER B 164 0.25 16.66 23.10
C SER B 164 -0.78 15.88 22.29
N LYS B 165 -0.71 14.55 22.33
CA LYS B 165 -1.65 13.74 21.55
C LYS B 165 -3.08 13.98 21.99
N LEU B 166 -3.33 13.90 23.29
CA LEU B 166 -4.68 14.12 23.81
C LEU B 166 -5.14 15.55 23.55
N LEU B 167 -4.23 16.52 23.70
CA LEU B 167 -4.61 17.92 23.48
C LEU B 167 -4.98 18.17 22.03
N LEU B 168 -4.24 17.58 21.10
CA LEU B 168 -4.53 17.72 19.67
C LEU B 168 -5.73 16.91 19.24
N GLN B 169 -6.11 15.88 20.00
CA GLN B 169 -7.27 15.07 19.63
C GLN B 169 -8.54 15.91 19.58
N HIS B 170 -8.76 16.75 20.61
CA HIS B 170 -9.97 17.56 20.65
C HIS B 170 -10.01 18.57 19.52
N ILE B 171 -8.87 19.17 19.19
CA ILE B 171 -8.80 20.10 18.07
C ILE B 171 -9.11 19.38 16.77
N THR B 172 -8.56 18.18 16.60
CA THR B 172 -8.88 17.36 15.44
C THR B 172 -10.36 17.01 15.37
N LYS B 173 -11.01 16.86 16.52
CA LYS B 173 -12.42 16.46 16.52
C LYS B 173 -13.30 17.46 15.77
N HIS B 174 -13.01 18.74 15.90
CA HIS B 174 -13.80 19.78 15.23
C HIS B 174 -12.89 20.91 14.76
N VAL B 175 -12.49 20.84 13.48
CA VAL B 175 -11.68 21.89 12.88
C VAL B 175 -11.81 21.75 11.36
N SER B 176 -11.63 22.86 10.66
CA SER B 176 -11.68 22.85 9.20
C SER B 176 -10.31 22.58 8.60
N VAL B 177 -9.29 23.30 9.03
CA VAL B 177 -7.92 23.11 8.57
C VAL B 177 -6.97 23.44 9.70
N LEU B 178 -5.85 22.73 9.74
CA LEU B 178 -4.82 22.93 10.74
C LEU B 178 -3.55 23.43 10.07
N TYR B 179 -3.00 24.52 10.58
CA TYR B 179 -1.81 25.14 10.00
C TYR B 179 -0.59 24.68 10.80
N CYS B 180 0.18 23.77 10.21
CA CYS B 180 1.41 23.27 10.80
C CYS B 180 2.59 23.90 10.08
N LEU B 181 3.49 24.53 10.84
CA LEU B 181 4.69 25.12 10.29
C LEU B 181 5.90 24.48 10.97
N GLY B 182 6.89 24.09 10.16
CA GLY B 182 8.05 23.41 10.68
C GLY B 182 8.58 22.34 9.75
N LYS B 183 7.75 21.92 8.77
CA LYS B 183 8.13 20.96 7.73
C LYS B 183 8.51 19.65 8.42
N THR B 184 9.76 19.19 8.32
CA THR B 184 10.15 17.92 8.95
C THR B 184 10.02 17.97 10.46
N ASP B 185 9.95 19.16 11.04
CA ASP B 185 9.68 19.28 12.47
C ASP B 185 8.30 18.72 12.82
N PHE B 186 7.32 18.96 11.97
CA PHE B 186 5.96 18.48 12.16
C PHE B 186 5.65 17.26 11.31
N SER B 187 6.67 16.50 10.89
CA SER B 187 6.44 15.33 10.06
C SER B 187 5.62 14.28 10.81
N ASN B 188 5.92 14.07 12.09
CA ASN B 188 5.23 13.06 12.90
C ASN B 188 3.97 13.68 13.49
N ILE B 189 2.94 13.77 12.66
CA ILE B 189 1.65 14.30 13.09
C ILE B 189 0.50 13.34 12.85
N ARG B 190 0.62 12.39 11.92
CA ARG B 190 -0.44 11.42 11.72
C ARG B 190 -0.57 10.48 12.91
N ALA B 191 0.54 10.20 13.60
CA ALA B 191 0.49 9.36 14.78
C ALA B 191 -0.36 9.99 15.88
N LYS B 192 -0.21 11.30 16.07
CA LYS B 192 -1.04 12.03 17.02
C LYS B 192 -2.40 12.40 16.46
N LEU B 193 -2.66 12.11 15.18
CA LEU B 193 -3.93 12.42 14.53
C LEU B 193 -4.87 11.23 14.75
N GLU B 194 -5.76 11.35 15.73
CA GLU B 194 -6.68 10.26 16.02
C GLU B 194 -7.80 10.16 14.98
N SER B 195 -8.20 11.29 14.40
CA SER B 195 -9.26 11.30 13.42
C SER B 195 -8.78 11.95 12.12
N PRO B 196 -9.31 11.52 10.98
CA PRO B 196 -8.89 12.11 9.69
C PRO B 196 -9.47 13.51 9.52
N VAL B 197 -8.59 14.50 9.36
CA VAL B 197 -8.99 15.89 9.15
C VAL B 197 -8.08 16.52 8.11
N THR B 198 -8.48 17.71 7.66
CA THR B 198 -7.68 18.48 6.72
C THR B 198 -6.61 19.26 7.48
N THR B 199 -5.36 19.07 7.10
CA THR B 199 -4.25 19.78 7.72
C THR B 199 -3.15 19.98 6.69
N ILE B 200 -2.40 21.07 6.86
CA ILE B 200 -1.32 21.43 5.96
C ILE B 200 -0.05 21.65 6.78
N VAL B 201 1.06 21.13 6.29
CA VAL B 201 2.37 21.29 6.92
C VAL B 201 3.20 22.20 6.02
N GLY B 202 3.57 23.37 6.55
CA GLY B 202 4.30 24.37 5.79
C GLY B 202 5.71 24.57 6.32
N TYR B 203 6.54 25.17 5.46
CA TYR B 203 7.91 25.46 5.83
C TYR B 203 7.98 26.52 6.91
N HIS B 204 8.89 26.33 7.84
CA HIS B 204 9.05 27.33 8.89
C HIS B 204 9.75 28.57 8.35
N PRO B 205 9.48 29.73 8.94
CA PRO B 205 10.09 30.98 8.42
C PRO B 205 11.61 30.97 8.43
N ALA B 206 12.23 30.27 9.38
CA ALA B 206 13.70 30.23 9.42
C ALA B 206 14.25 29.59 8.16
N ALA B 207 13.76 28.40 7.80
CA ALA B 207 14.16 27.69 6.59
C ALA B 207 15.68 27.55 6.47
N ARG B 208 16.17 27.38 5.25
CA ARG B 208 17.59 27.29 4.96
C ARG B 208 18.05 28.32 3.96
N ASP B 209 17.26 28.60 2.93
CA ASP B 209 17.58 29.61 1.93
C ASP B 209 16.40 30.56 1.75
N HIS B 210 15.76 30.93 2.88
CA HIS B 210 14.58 31.79 2.87
C HIS B 210 13.48 31.23 1.98
N GLN B 211 13.27 29.91 2.07
CA GLN B 211 12.29 29.25 1.21
C GLN B 211 10.90 29.30 1.83
N PHE B 212 10.46 30.49 2.22
CA PHE B 212 9.10 30.70 2.71
C PHE B 212 8.36 31.80 1.97
N GLU B 213 9.06 32.87 1.58
CA GLU B 213 8.44 33.94 0.83
C GLU B 213 8.29 33.61 -0.65
N LYS B 214 9.02 32.62 -1.14
CA LYS B 214 8.93 32.24 -2.55
C LYS B 214 7.53 31.75 -2.89
N ASP B 215 6.98 30.87 -2.06
CA ASP B 215 5.63 30.34 -2.27
C ASP B 215 5.12 29.76 -0.97
N ARG B 216 4.07 30.34 -0.42
CA ARG B 216 3.43 29.85 0.79
C ARG B 216 2.02 29.34 0.57
N SER B 217 1.28 29.91 -0.38
CA SER B 217 -0.07 29.46 -0.74
C SER B 217 -1.00 29.52 0.48
N PHE B 218 -1.00 30.67 1.15
CA PHE B 218 -1.88 30.86 2.30
C PHE B 218 -3.34 30.78 1.89
N GLU B 219 -3.70 31.42 0.78
CA GLU B 219 -5.09 31.50 0.35
C GLU B 219 -5.73 30.13 0.16
N ILE B 220 -4.94 29.06 0.11
CA ILE B 220 -5.50 27.71 0.05
C ILE B 220 -6.44 27.49 1.24
N ILE B 221 -5.97 27.80 2.46
CA ILE B 221 -6.86 27.68 3.60
C ILE B 221 -8.04 28.63 3.44
N ASN B 222 -7.78 29.82 2.87
CA ASN B 222 -8.87 30.77 2.63
C ASN B 222 -9.92 30.22 1.69
N VAL B 223 -9.54 29.28 0.81
CA VAL B 223 -10.53 28.63 -0.04
C VAL B 223 -10.92 27.27 0.52
N LEU B 224 -10.13 26.69 1.43
CA LEU B 224 -10.48 25.37 1.97
C LEU B 224 -11.79 25.43 2.73
N LEU B 225 -11.98 26.48 3.54
CA LEU B 225 -13.27 26.67 4.20
C LEU B 225 -14.41 26.74 3.21
N GLU B 226 -14.15 27.28 2.01
CA GLU B 226 -15.18 27.30 0.97
C GLU B 226 -15.52 25.90 0.50
N LEU B 227 -14.53 25.01 0.44
CA LEU B 227 -14.80 23.64 -0.01
C LEU B 227 -15.68 22.88 0.98
N ASP B 228 -15.67 23.29 2.25
CA ASP B 228 -16.47 22.66 3.28
C ASP B 228 -17.77 23.42 3.55
N ASN B 229 -18.24 24.20 2.58
CA ASN B 229 -19.47 25.00 2.72
C ASN B 229 -19.40 25.92 3.94
N LYS B 230 -18.24 26.54 4.14
CA LYS B 230 -18.04 27.48 5.24
C LYS B 230 -17.50 28.79 4.67
N THR B 231 -17.82 29.88 5.37
CA THR B 231 -17.43 31.20 4.89
C THR B 231 -15.91 31.35 4.90
N PRO B 232 -15.33 31.92 3.85
CA PRO B 232 -13.88 32.16 3.86
C PRO B 232 -13.51 33.24 4.86
N ILE B 233 -12.29 33.14 5.38
CA ILE B 233 -11.80 34.05 6.41
C ILE B 233 -10.71 34.91 5.79
N ASN B 234 -10.94 36.22 5.78
CA ASN B 234 -9.90 37.18 5.41
C ASN B 234 -9.09 37.53 6.65
N TRP B 235 -7.78 37.40 6.56
CA TRP B 235 -6.91 37.54 7.72
C TRP B 235 -6.57 39.02 7.96
N ALA B 236 -7.63 39.80 8.16
CA ALA B 236 -7.49 41.20 8.52
C ALA B 236 -8.54 41.62 9.55
N GLN B 237 -9.28 40.68 10.14
CA GLN B 237 -10.33 41.00 11.10
C GLN B 237 -9.70 41.28 12.45
N GLY B 238 -9.81 42.53 12.91
CA GLY B 238 -9.24 42.92 14.18
C GLY B 238 -7.75 43.17 14.10
N PHE B 239 -7.28 44.18 14.81
CA PHE B 239 -5.86 44.52 14.79
C PHE B 239 -5.46 45.29 16.05
N THR C 2 0.24 24.06 -0.68
CA THR C 2 1.68 24.14 -0.49
C THR C 2 2.32 25.14 -1.47
N SER C 3 2.26 24.81 -2.75
CA SER C 3 2.83 25.64 -3.80
C SER C 3 1.71 26.29 -4.61
N SER C 4 2.10 27.02 -5.65
CA SER C 4 1.12 27.66 -6.53
C SER C 4 0.32 26.64 -7.32
N ALA C 5 0.95 25.52 -7.72
CA ALA C 5 0.22 24.50 -8.45
C ALA C 5 -0.91 23.90 -7.62
N ASP C 6 -0.65 23.64 -6.34
CA ASP C 6 -1.70 23.12 -5.46
C ASP C 6 -2.82 24.14 -5.28
N LEU C 7 -2.48 25.42 -5.18
CA LEU C 7 -3.50 26.46 -5.06
C LEU C 7 -4.38 26.52 -6.30
N THR C 8 -3.76 26.46 -7.49
CA THR C 8 -4.54 26.45 -8.72
C THR C 8 -5.42 25.22 -8.80
N ASN C 9 -4.89 24.06 -8.39
CA ASN C 9 -5.67 22.82 -8.41
C ASN C 9 -6.88 22.93 -7.49
N LEU C 10 -6.69 23.49 -6.29
CA LEU C 10 -7.82 23.64 -5.37
C LEU C 10 -8.84 24.65 -5.90
N LYS C 11 -8.37 25.74 -6.50
CA LYS C 11 -9.29 26.72 -7.06
C LYS C 11 -10.13 26.11 -8.17
N GLU C 12 -9.51 25.34 -9.07
CA GLU C 12 -10.28 24.73 -10.15
C GLU C 12 -11.16 23.60 -9.63
N LEU C 13 -10.74 22.91 -8.57
CA LEU C 13 -11.61 21.92 -7.94
C LEU C 13 -12.88 22.59 -7.41
N LEU C 14 -12.71 23.73 -6.73
CA LEU C 14 -13.88 24.47 -6.26
C LEU C 14 -14.75 24.94 -7.41
N SER C 15 -14.13 25.40 -8.50
CA SER C 15 -14.89 25.89 -9.64
C SER C 15 -15.73 24.78 -10.29
N LEU C 16 -15.12 23.62 -10.54
CA LEU C 16 -15.88 22.53 -11.15
C LEU C 16 -16.83 21.85 -10.18
N TYR C 17 -16.63 21.97 -8.87
CA TYR C 17 -17.54 21.32 -7.93
C TYR C 17 -18.96 21.86 -8.07
N LYS C 18 -19.10 23.19 -8.20
CA LYS C 18 -20.42 23.79 -8.28
C LYS C 18 -21.10 23.47 -9.62
N SER C 19 -20.32 23.50 -10.71
CA SER C 19 -20.88 23.25 -12.05
C SER C 19 -20.70 21.79 -12.42
N LEU C 20 -21.42 20.93 -11.70
CA LEU C 20 -21.37 19.49 -11.92
C LEU C 20 -22.63 18.93 -12.55
N ARG C 21 -23.79 19.55 -12.31
CA ARG C 21 -25.04 19.08 -12.90
C ARG C 21 -25.11 19.30 -14.40
N PHE C 22 -24.22 20.12 -14.96
CA PHE C 22 -24.21 20.41 -16.39
C PHE C 22 -23.26 19.51 -17.17
N SER C 23 -22.66 18.52 -16.51
CA SER C 23 -21.75 17.59 -17.19
C SER C 23 -22.35 16.20 -17.28
N ALA C 27 -16.24 16.44 -17.28
CA ALA C 27 -15.76 17.19 -16.12
C ALA C 27 -16.06 16.44 -14.83
N ILE C 28 -17.24 15.80 -14.78
CA ILE C 28 -17.61 15.03 -13.60
C ILE C 28 -16.71 13.82 -13.44
N GLU C 29 -16.29 13.21 -14.55
CA GLU C 29 -15.38 12.08 -14.49
C GLU C 29 -14.03 12.50 -13.90
N LYS C 30 -13.51 13.65 -14.32
CA LYS C 30 -12.26 14.15 -13.76
C LYS C 30 -12.46 14.68 -12.34
N TYR C 31 -13.70 15.04 -11.99
CA TYR C 31 -13.98 15.55 -10.65
C TYR C 31 -13.70 14.50 -9.59
N ASN C 32 -14.01 13.24 -9.87
CA ASN C 32 -13.72 12.17 -8.92
C ASN C 32 -12.22 12.03 -8.68
N SER C 33 -11.42 12.15 -9.75
CA SER C 33 -9.97 12.11 -9.58
C SER C 33 -9.45 13.32 -8.82
N LEU C 34 -10.14 14.46 -8.94
CA LEU C 34 -9.77 15.63 -8.16
C LEU C 34 -9.95 15.38 -6.67
N VAL C 35 -11.02 14.68 -6.30
CA VAL C 35 -11.25 14.33 -4.90
C VAL C 35 -10.18 13.37 -4.40
N GLU C 36 -9.72 12.46 -5.28
CA GLU C 36 -8.70 11.49 -4.88
C GLU C 36 -7.41 12.18 -4.47
N TRP C 37 -6.99 13.20 -5.24
CA TRP C 37 -5.79 13.95 -4.86
C TRP C 37 -5.99 14.69 -3.54
N GLY C 38 -7.17 15.29 -3.35
CA GLY C 38 -7.43 16.01 -2.12
C GLY C 38 -7.49 15.12 -0.89
N THR C 39 -7.98 13.89 -1.05
CA THR C 39 -8.08 12.96 0.08
C THR C 39 -6.74 12.44 0.54
N SER C 40 -5.66 12.70 -0.20
CA SER C 40 -4.33 12.21 0.16
C SER C 40 -3.44 13.29 0.72
N THR C 41 -3.28 14.42 0.01
CA THR C 41 -2.40 15.48 0.46
C THR C 41 -2.87 16.08 1.78
N TYR C 42 -4.17 16.32 1.91
CA TYR C 42 -4.75 16.88 3.13
C TYR C 42 -5.45 15.82 3.97
N TRP C 43 -5.39 14.56 3.55
CA TRP C 43 -5.92 13.40 4.28
C TRP C 43 -7.44 13.37 4.26
N LYS C 44 -8.06 14.45 3.81
CA LYS C 44 -9.50 14.55 3.57
C LYS C 44 -9.78 15.94 3.03
N ILE C 45 -10.95 16.09 2.40
CA ILE C 45 -11.42 17.37 1.88
C ILE C 45 -12.92 17.47 2.13
N GLY C 46 -13.50 18.61 1.76
CA GLY C 46 -14.90 18.88 1.99
C GLY C 46 -15.86 18.26 1.01
N VAL C 47 -15.37 17.53 0.01
CA VAL C 47 -16.21 16.87 -0.98
C VAL C 47 -15.81 15.41 -1.06
N GLN C 48 -16.75 14.59 -1.56
CA GLN C 48 -16.58 13.15 -1.62
C GLN C 48 -16.50 12.69 -3.07
N LYS C 49 -15.74 11.61 -3.28
CA LYS C 49 -15.57 11.04 -4.61
C LYS C 49 -16.82 10.29 -5.05
N THR C 55 -27.32 15.28 -14.45
CA THR C 55 -27.54 15.75 -15.80
C THR C 55 -28.86 16.50 -15.91
N SER C 56 -28.98 17.60 -15.18
CA SER C 56 -30.20 18.40 -15.21
C SER C 56 -29.85 19.85 -14.89
N ILE C 57 -30.75 20.75 -15.31
CA ILE C 57 -30.56 22.17 -15.02
C ILE C 57 -30.79 22.42 -13.54
N SER C 58 -29.93 23.23 -12.94
CA SER C 58 -30.20 23.72 -11.59
C SER C 58 -31.53 24.48 -11.60
N ASP C 59 -32.30 24.32 -10.52
CA ASP C 59 -33.71 24.69 -10.49
C ASP C 59 -33.98 26.05 -11.14
N TYR C 60 -33.43 27.11 -10.56
CA TYR C 60 -33.52 28.49 -11.10
C TYR C 60 -34.97 28.78 -11.48
N TYR C 61 -35.22 29.43 -12.61
CA TYR C 61 -36.57 29.67 -13.15
C TYR C 61 -37.60 30.06 -12.10
N LEU C 79 -40.56 35.07 -23.00
CA LEU C 79 -39.81 33.84 -23.19
C LEU C 79 -40.72 32.65 -23.39
N PRO C 80 -41.00 32.32 -24.67
CA PRO C 80 -41.75 31.11 -24.99
C PRO C 80 -40.87 29.93 -25.39
N VAL C 81 -41.35 28.71 -25.18
CA VAL C 81 -40.55 27.51 -25.47
C VAL C 81 -40.50 27.28 -26.96
N TYR C 82 -39.29 27.27 -27.52
CA TYR C 82 -39.08 26.80 -28.89
C TYR C 82 -39.15 25.28 -28.86
N PHE C 83 -40.25 24.73 -29.36
CA PHE C 83 -40.50 23.30 -29.22
C PHE C 83 -39.46 22.50 -30.00
N GLY C 84 -38.92 21.47 -29.36
CA GLY C 84 -37.88 20.65 -29.95
C GLY C 84 -37.09 19.88 -28.91
N SER C 85 -35.81 19.62 -29.19
CA SER C 85 -34.92 18.93 -28.25
C SER C 85 -34.02 19.98 -27.62
N VAL C 86 -34.15 20.16 -26.31
CA VAL C 86 -33.43 21.21 -25.58
C VAL C 86 -32.19 20.61 -24.93
N PHE C 87 -31.10 21.37 -24.93
CA PHE C 87 -29.84 20.97 -24.33
C PHE C 87 -29.20 22.20 -23.69
N ILE C 88 -28.32 21.95 -22.72
CA ILE C 88 -27.66 23.00 -21.97
C ILE C 88 -26.16 22.77 -21.99
N TYR C 89 -25.40 23.86 -22.08
CA TYR C 89 -23.94 23.79 -22.02
C TYR C 89 -23.43 25.03 -21.31
N SER C 90 -22.43 24.82 -20.43
CA SER C 90 -21.78 25.91 -19.73
C SER C 90 -20.27 25.82 -19.68
N LYS C 91 -19.69 24.63 -19.86
CA LYS C 91 -18.24 24.45 -19.75
C LYS C 91 -17.54 24.66 -21.08
N GLY C 92 -17.95 23.92 -22.11
CA GLY C 92 -17.34 24.03 -23.42
C GLY C 92 -16.99 22.68 -24.02
N MET C 95 -23.00 18.57 -25.17
CA MET C 95 -24.11 19.41 -24.73
C MET C 95 -25.17 18.57 -24.02
N VAL C 96 -25.13 18.58 -22.69
CA VAL C 96 -25.99 17.71 -21.88
C VAL C 96 -27.42 18.24 -21.89
N GLU C 97 -28.37 17.32 -21.74
CA GLU C 97 -29.79 17.63 -21.67
C GLU C 97 -30.27 17.58 -20.22
N LEU C 98 -31.24 18.44 -19.90
CA LEU C 98 -31.78 18.43 -18.54
C LEU C 98 -32.57 17.17 -18.26
N GLY C 99 -33.25 16.61 -19.27
CA GLY C 99 -34.07 15.43 -19.03
C GLY C 99 -33.25 14.21 -18.66
N SER C 100 -32.13 13.99 -19.34
CA SER C 100 -31.27 12.85 -19.08
C SER C 100 -29.88 13.16 -19.62
N GLY C 101 -28.96 12.23 -19.41
CA GLY C 101 -27.59 12.42 -19.85
C GLY C 101 -27.43 12.29 -21.35
N ASN C 102 -27.99 13.24 -22.09
CA ASN C 102 -27.98 13.23 -23.55
C ASN C 102 -27.03 14.33 -24.02
N SER C 103 -25.77 13.95 -24.25
CA SER C 103 -24.75 14.86 -24.76
C SER C 103 -24.28 14.33 -26.11
N PHE C 104 -24.67 14.99 -27.19
CA PHE C 104 -24.36 14.57 -28.54
C PHE C 104 -23.40 15.55 -29.19
N GLN C 105 -23.01 15.24 -30.42
CA GLN C 105 -22.13 16.10 -31.19
C GLN C 105 -22.90 17.30 -31.76
N ILE C 106 -22.16 18.25 -32.31
CA ILE C 106 -22.75 19.46 -32.86
C ILE C 106 -22.22 19.68 -34.27
N PRO C 107 -22.99 20.28 -35.17
CA PRO C 107 -22.47 20.56 -36.52
C PRO C 107 -21.38 21.63 -36.48
N ASP C 108 -20.33 21.40 -37.28
CA ASP C 108 -19.22 22.31 -37.53
C ASP C 108 -18.82 23.16 -36.33
N GLU C 109 -18.71 22.53 -35.17
CA GLU C 109 -18.27 23.13 -33.90
C GLU C 109 -18.91 24.52 -33.69
N ILE C 110 -20.24 24.51 -33.64
CA ILE C 110 -20.99 25.76 -33.43
C ILE C 110 -20.67 26.34 -32.06
N ARG C 111 -20.50 25.49 -31.05
CA ARG C 111 -20.23 25.98 -29.70
C ARG C 111 -18.93 26.76 -29.63
N SER C 112 -17.87 26.23 -30.25
CA SER C 112 -16.61 26.96 -30.29
C SER C 112 -16.63 28.11 -31.30
N ALA C 113 -17.43 27.98 -32.36
CA ALA C 113 -17.57 29.07 -33.32
C ALA C 113 -18.21 30.28 -32.67
N CYS C 114 -19.09 30.07 -31.70
CA CYS C 114 -19.68 31.16 -30.92
C CYS C 114 -18.81 31.59 -29.75
N ASN C 115 -17.54 31.20 -29.76
CA ASN C 115 -16.57 31.51 -28.70
C ASN C 115 -17.12 30.93 -27.39
N LYS C 116 -17.03 31.66 -26.28
CA LYS C 116 -17.53 31.18 -24.99
C LYS C 116 -18.25 32.35 -24.31
N VAL C 117 -19.58 32.36 -24.42
CA VAL C 117 -20.37 33.40 -23.76
C VAL C 117 -20.21 33.32 -22.25
N LEU C 118 -20.08 32.09 -21.72
CA LEU C 118 -19.93 31.91 -20.28
C LEU C 118 -18.68 32.62 -19.76
N ASP C 119 -17.53 32.35 -20.39
CA ASP C 119 -16.28 32.94 -19.92
C ASP C 119 -16.17 34.41 -20.29
N SER C 120 -16.54 34.76 -21.53
CA SER C 120 -16.40 36.14 -21.99
C SER C 120 -17.32 37.07 -21.21
N ASP C 121 -18.55 36.65 -20.93
CA ASP C 121 -19.53 37.45 -20.22
C ASP C 121 -20.01 36.65 -19.01
N ASN C 122 -19.44 36.93 -17.85
CA ASN C 122 -19.83 36.23 -16.63
C ASN C 122 -21.21 36.70 -16.17
N GLY C 123 -21.99 35.76 -15.63
CA GLY C 123 -23.33 36.06 -15.16
C GLY C 123 -24.36 35.12 -15.74
N ILE C 124 -24.19 34.74 -17.00
CA ILE C 124 -25.09 33.77 -17.62
C ILE C 124 -24.76 32.37 -17.12
N ASP C 125 -25.77 31.50 -17.12
CA ASP C 125 -25.61 30.15 -16.61
C ASP C 125 -26.30 29.16 -17.54
N PHE C 126 -25.64 28.03 -17.79
CA PHE C 126 -26.13 26.91 -18.60
C PHE C 126 -26.85 27.36 -19.87
N LEU C 127 -26.09 27.97 -20.80
CA LEU C 127 -26.69 28.45 -22.05
C LEU C 127 -27.42 27.32 -22.76
N ARG C 128 -28.64 27.61 -23.22
CA ARG C 128 -29.56 26.60 -23.72
C ARG C 128 -29.69 26.71 -25.23
N PHE C 129 -29.51 25.58 -25.91
CA PHE C 129 -29.74 25.46 -27.35
C PHE C 129 -30.82 24.43 -27.61
N VAL C 130 -31.76 24.74 -28.49
CA VAL C 130 -32.85 23.84 -28.84
C VAL C 130 -32.74 23.50 -30.32
N LEU C 131 -32.79 22.20 -30.63
CA LEU C 131 -32.76 21.71 -31.99
C LEU C 131 -34.19 21.42 -32.45
N LEU C 132 -34.53 21.91 -33.64
CA LEU C 132 -35.87 21.72 -34.20
C LEU C 132 -35.70 21.41 -35.68
N ASN C 133 -35.95 20.15 -36.05
CA ASN C 133 -35.84 19.68 -37.43
C ASN C 133 -34.45 19.96 -38.00
N ASN C 134 -33.44 19.47 -37.29
CA ASN C 134 -32.03 19.61 -37.66
C ASN C 134 -31.58 21.06 -37.74
N ARG C 135 -32.29 21.97 -37.08
CA ARG C 135 -31.93 23.37 -37.02
C ARG C 135 -31.70 23.75 -35.56
N TRP C 136 -30.53 24.32 -35.27
CA TRP C 136 -30.17 24.68 -33.90
C TRP C 136 -30.66 26.08 -33.58
N ILE C 137 -31.42 26.20 -32.50
CA ILE C 137 -31.98 27.47 -32.04
C ILE C 137 -31.61 27.64 -30.57
N MET C 138 -31.51 28.88 -30.13
CA MET C 138 -31.25 29.20 -28.73
C MET C 138 -32.50 29.80 -28.11
N GLU C 139 -32.93 29.23 -26.99
CA GLU C 139 -34.09 29.70 -26.26
C GLU C 139 -33.64 30.69 -25.18
N ASP C 140 -34.55 31.02 -24.26
CA ASP C 140 -34.24 31.94 -23.18
C ASP C 140 -33.14 31.38 -22.28
N ALA C 141 -32.27 32.27 -21.81
CA ALA C 141 -31.19 31.92 -20.90
C ALA C 141 -31.34 32.68 -19.60
N ILE C 142 -30.88 32.06 -18.51
CA ILE C 142 -30.98 32.64 -17.17
C ILE C 142 -29.64 33.26 -16.81
N SER C 143 -29.68 34.53 -16.39
CA SER C 143 -28.47 35.23 -15.98
C SER C 143 -28.30 35.18 -14.47
N GLN C 146 -27.61 38.04 -13.10
CA GLN C 146 -27.58 39.34 -13.77
C GLN C 146 -28.97 39.71 -14.29
N SER C 147 -29.02 40.22 -15.52
CA SER C 147 -30.26 40.62 -16.17
C SER C 147 -30.31 40.06 -17.57
N PRO C 148 -31.51 39.84 -18.11
CA PRO C 148 -31.62 39.34 -19.49
C PRO C 148 -31.12 40.31 -20.56
N VAL C 149 -30.87 41.58 -20.20
CA VAL C 149 -30.44 42.56 -21.19
C VAL C 149 -29.10 42.17 -21.78
N ASN C 150 -28.15 41.76 -20.93
CA ASN C 150 -26.84 41.36 -21.44
C ASN C 150 -26.92 40.09 -22.27
N ILE C 151 -27.79 39.17 -21.89
CA ILE C 151 -27.99 37.95 -22.69
C ILE C 151 -28.53 38.31 -24.07
N PHE C 152 -29.49 39.22 -24.13
CA PHE C 152 -30.03 39.66 -25.42
C PHE C 152 -28.96 40.37 -26.24
N LYS C 153 -28.13 41.18 -25.60
CA LYS C 153 -27.04 41.84 -26.32
C LYS C 153 -26.05 40.83 -26.88
N LEU C 154 -25.72 39.80 -26.10
CA LEU C 154 -24.83 38.76 -26.59
C LEU C 154 -25.46 37.99 -27.75
N ALA C 155 -26.76 37.73 -27.67
CA ALA C 155 -27.45 37.06 -28.77
C ALA C 155 -27.44 37.92 -30.04
N SER C 156 -27.61 39.23 -29.88
CA SER C 156 -27.50 40.12 -31.03
C SER C 156 -26.08 40.13 -31.59
N GLU C 157 -25.08 40.11 -30.71
CA GLU C 157 -23.69 40.10 -31.17
C GLU C 157 -23.38 38.84 -31.97
N TYR C 158 -23.69 37.67 -31.41
CA TYR C 158 -23.48 36.39 -32.09
C TYR C 158 -24.85 35.96 -32.63
N GLY C 159 -25.09 36.24 -33.90
CA GLY C 159 -26.42 36.08 -34.46
C GLY C 159 -26.75 34.68 -34.90
N LEU C 160 -27.50 33.96 -34.07
CA LEU C 160 -28.05 32.66 -34.42
C LEU C 160 -29.58 32.69 -34.47
N ASN C 161 -30.22 33.11 -33.38
CA ASN C 161 -31.66 33.30 -33.33
C ASN C 161 -31.99 34.03 -32.02
N ILE C 162 -33.26 34.39 -31.87
CA ILE C 162 -33.73 35.09 -30.68
C ILE C 162 -34.97 34.38 -30.16
N PRO C 163 -35.08 34.14 -28.84
CA PRO C 163 -36.30 33.52 -28.32
C PRO C 163 -37.52 34.41 -28.51
N ASN C 164 -37.47 35.62 -27.94
CA ASN C 164 -38.50 36.64 -28.14
C ASN C 164 -38.05 37.93 -27.46
N TYR C 165 -38.88 38.97 -27.53
CA TYR C 165 -38.52 40.27 -26.99
C TYR C 165 -39.44 40.71 -25.86
N LEU C 166 -39.73 39.81 -24.92
CA LEU C 166 -40.53 40.16 -23.75
C LEU C 166 -39.73 40.86 -22.67
N GLU C 167 -38.41 40.94 -22.82
CA GLU C 167 -37.53 41.57 -21.83
C GLU C 167 -37.69 40.96 -20.45
N TYR C 181 -53.09 29.54 -23.86
CA TYR C 181 -51.91 30.21 -24.36
C TYR C 181 -52.15 30.81 -25.74
N SER C 182 -52.94 31.88 -25.79
CA SER C 182 -53.26 32.54 -27.05
C SER C 182 -53.16 34.06 -26.93
N ILE C 183 -52.43 34.56 -25.93
CA ILE C 183 -52.26 35.99 -25.72
C ILE C 183 -50.78 36.27 -25.48
N MET C 184 -50.42 37.54 -25.67
CA MET C 184 -49.05 38.03 -25.46
C MET C 184 -48.08 37.36 -26.41
N GLU C 185 -47.81 36.07 -26.20
CA GLU C 185 -46.92 35.33 -27.10
C GLU C 185 -47.54 35.13 -28.47
N ARG C 186 -48.87 35.14 -28.58
CA ARG C 186 -49.52 34.99 -29.87
C ARG C 186 -49.28 36.20 -30.76
N SER C 187 -49.17 37.39 -30.19
CA SER C 187 -48.92 38.59 -30.98
C SER C 187 -47.58 38.51 -31.69
N PHE C 188 -46.55 38.03 -30.99
CA PHE C 188 -45.24 37.87 -31.62
C PHE C 188 -45.26 36.70 -32.58
N ASP C 189 -44.72 36.91 -33.78
CA ASP C 189 -44.76 35.92 -34.84
C ASP C 189 -43.35 35.45 -35.16
N ASP C 190 -43.22 34.14 -35.44
CA ASP C 190 -41.94 33.56 -35.81
C ASP C 190 -42.19 32.33 -36.67
N THR C 191 -41.15 31.90 -37.38
CA THR C 191 -41.24 30.75 -38.26
C THR C 191 -41.25 29.42 -37.52
N PHE C 192 -41.03 29.43 -36.21
CA PHE C 192 -40.99 28.20 -35.41
C PHE C 192 -41.94 28.31 -34.24
N PRO C 193 -42.51 27.19 -33.79
CA PRO C 193 -43.50 27.25 -32.70
C PRO C 193 -42.86 27.72 -31.39
N LYS C 194 -43.65 28.48 -30.63
CA LYS C 194 -43.23 29.01 -29.33
C LYS C 194 -44.45 29.00 -28.42
N ILE C 195 -44.26 28.58 -27.15
CA ILE C 195 -45.42 28.55 -26.25
C ILE C 195 -45.22 29.41 -25.02
N SER C 196 -44.36 28.98 -24.08
CA SER C 196 -44.12 29.77 -22.88
C SER C 196 -43.04 29.21 -21.96
N ILE C 197 -42.12 30.06 -21.51
CA ILE C 197 -41.43 29.89 -20.23
C ILE C 197 -41.95 30.90 -19.21
N SER C 198 -41.84 32.18 -19.52
CA SER C 198 -42.24 33.25 -18.62
C SER C 198 -42.30 34.54 -19.43
N TYR C 199 -42.47 35.67 -18.73
CA TYR C 199 -42.55 36.97 -19.36
C TYR C 199 -41.62 38.02 -18.74
N ILE C 200 -41.05 37.75 -17.57
CA ILE C 200 -40.16 38.70 -16.88
C ILE C 200 -40.85 40.04 -16.68
N MET C 218 -58.06 15.09 -28.83
CA MET C 218 -58.71 15.12 -30.13
C MET C 218 -58.77 13.72 -30.75
N TYR C 219 -59.05 13.67 -32.05
CA TYR C 219 -59.18 12.41 -32.78
C TYR C 219 -58.26 12.44 -33.99
N ILE C 220 -57.43 11.40 -34.13
CA ILE C 220 -56.55 11.26 -35.26
C ILE C 220 -57.22 10.39 -36.31
N GLU C 221 -56.76 10.52 -37.55
CA GLU C 221 -57.38 9.81 -38.67
C GLU C 221 -56.43 8.78 -39.28
N SER C 222 -55.25 9.19 -39.71
CA SER C 222 -54.30 8.29 -40.36
C SER C 222 -52.89 8.67 -39.92
N ILE C 223 -51.89 8.10 -40.60
CA ILE C 223 -50.49 8.35 -40.31
C ILE C 223 -49.80 8.81 -41.59
N LYS C 224 -48.95 9.82 -41.45
CA LYS C 224 -48.22 10.38 -42.60
C LYS C 224 -46.91 10.97 -42.08
N VAL C 225 -45.79 10.32 -42.38
CA VAL C 225 -44.49 10.80 -41.96
C VAL C 225 -44.04 11.93 -42.87
N ASP C 226 -43.34 12.90 -42.29
CA ASP C 226 -42.88 14.07 -43.01
C ASP C 226 -41.43 13.87 -43.47
N ARG C 227 -40.83 14.92 -44.03
CA ARG C 227 -39.45 14.88 -44.49
C ARG C 227 -38.82 16.24 -44.21
N ILE C 228 -37.60 16.22 -43.67
CA ILE C 228 -36.92 17.45 -43.28
C ILE C 228 -35.62 17.62 -44.06
N GLY C 229 -34.69 16.67 -43.88
CA GLY C 229 -33.38 16.76 -44.47
C GLY C 229 -32.98 15.46 -45.15
N ASP C 230 -31.67 15.26 -45.25
CA ASP C 230 -31.12 14.09 -45.92
C ASP C 230 -31.37 12.85 -45.06
N ASN C 231 -32.24 11.97 -45.55
CA ASN C 231 -32.58 10.71 -44.86
C ASN C 231 -33.07 10.97 -43.43
N ILE C 232 -33.83 12.04 -43.26
CA ILE C 232 -34.42 12.40 -41.98
C ILE C 232 -35.92 12.58 -42.17
N PHE C 233 -36.71 11.89 -41.34
CA PHE C 233 -38.17 11.92 -41.45
C PHE C 233 -38.74 12.05 -40.06
N ILE C 234 -39.18 13.25 -39.71
CA ILE C 234 -39.76 13.49 -38.37
C ILE C 234 -41.12 12.78 -38.29
N PRO C 235 -41.49 12.23 -37.14
CA PRO C 235 -42.82 11.62 -37.01
C PRO C 235 -43.92 12.67 -37.11
N SER C 236 -45.05 12.24 -37.66
CA SER C 236 -46.21 13.13 -37.81
C SER C 236 -47.46 12.28 -37.97
N VAL C 237 -48.52 12.68 -37.27
CA VAL C 237 -49.81 12.01 -37.34
C VAL C 237 -50.88 13.08 -37.56
N ILE C 238 -51.83 12.79 -38.47
CA ILE C 238 -52.86 13.73 -38.87
C ILE C 238 -54.09 13.52 -38.01
N THR C 239 -54.62 14.60 -37.45
CA THR C 239 -55.82 14.56 -36.63
C THR C 239 -57.02 15.10 -37.40
N LYS C 240 -58.18 14.96 -36.78
CA LYS C 240 -59.43 15.43 -37.38
C LYS C 240 -59.52 16.95 -37.36
N GLY C 242 -57.49 17.96 -39.71
CA GLY C 242 -56.42 18.12 -40.69
C GLY C 242 -55.23 18.91 -40.15
N LYS C 243 -54.69 18.46 -39.04
CA LYS C 243 -53.55 19.10 -38.40
C LYS C 243 -52.53 18.05 -38.00
N LYS C 244 -51.27 18.49 -37.87
CA LYS C 244 -50.16 17.62 -37.52
C LYS C 244 -49.87 17.72 -36.04
N ILE C 245 -49.86 16.58 -35.35
CA ILE C 245 -49.59 16.55 -33.92
C ILE C 245 -48.09 16.59 -33.70
N LEU C 246 -47.66 17.39 -32.73
CA LEU C 246 -46.24 17.58 -32.43
C LEU C 246 -45.73 16.35 -31.70
N VAL C 247 -45.38 15.32 -32.49
CA VAL C 247 -44.85 14.07 -31.95
C VAL C 247 -43.48 13.80 -32.57
N LYS C 248 -42.74 14.87 -32.88
CA LYS C 248 -41.45 14.72 -33.53
C LYS C 248 -40.44 13.95 -32.68
N ASP C 249 -40.62 13.91 -31.37
CA ASP C 249 -39.76 13.12 -30.50
C ASP C 249 -40.26 11.67 -30.48
N VAL C 250 -39.42 10.75 -30.98
CA VAL C 250 -39.86 9.36 -31.11
C VAL C 250 -40.09 8.73 -29.75
N ASP C 251 -39.28 9.09 -28.75
CA ASP C 251 -39.38 8.46 -27.44
C ASP C 251 -40.75 8.70 -26.82
N HIS C 252 -41.25 9.94 -26.90
CA HIS C 252 -42.61 10.21 -26.43
C HIS C 252 -43.62 9.38 -27.21
N LEU C 253 -43.39 9.21 -28.51
CA LEU C 253 -44.22 8.29 -29.28
C LEU C 253 -43.93 6.84 -28.92
N ILE C 254 -42.67 6.53 -28.59
CA ILE C 254 -42.32 5.16 -28.20
C ILE C 254 -42.91 4.83 -26.84
N ARG C 255 -42.79 5.75 -25.88
CA ARG C 255 -43.30 5.51 -24.53
C ARG C 255 -44.83 5.54 -24.49
N SER C 256 -45.47 6.13 -25.50
CA SER C 256 -46.93 6.21 -25.55
C SER C 256 -47.35 5.94 -27.00
N LYS C 257 -47.60 4.67 -27.31
CA LYS C 257 -48.06 4.30 -28.64
C LYS C 257 -49.54 4.62 -28.76
N VAL C 258 -49.89 5.39 -29.80
CA VAL C 258 -51.27 5.83 -30.03
C VAL C 258 -51.78 5.14 -31.29
N ARG C 259 -52.83 4.35 -31.14
CA ARG C 259 -53.43 3.67 -32.29
C ARG C 259 -54.13 4.68 -33.20
N GLU C 260 -54.03 4.45 -34.50
CA GLU C 260 -54.67 5.33 -35.46
C GLU C 260 -56.20 5.22 -35.36
N HIS C 261 -56.88 6.22 -35.94
CA HIS C 261 -58.33 6.35 -35.90
C HIS C 261 -58.89 6.06 -34.51
N THR C 262 -58.25 6.67 -33.51
CA THR C 262 -58.65 6.52 -32.11
C THR C 262 -58.50 7.86 -31.41
N PHE C 263 -59.44 8.15 -30.52
CA PHE C 263 -59.39 9.41 -29.77
C PHE C 263 -58.19 9.40 -28.83
N VAL C 264 -57.42 10.49 -28.85
CA VAL C 264 -56.21 10.62 -28.06
C VAL C 264 -56.27 11.93 -27.28
N LYS C 265 -55.83 11.89 -26.03
CA LYS C 265 -55.85 13.06 -25.15
C LYS C 265 -54.70 13.99 -25.56
N VAL C 266 -54.98 14.87 -26.51
CA VAL C 266 -54.01 15.83 -27.01
C VAL C 266 -54.63 17.22 -26.91
N LYS C 267 -53.83 18.20 -26.49
CA LYS C 267 -54.27 19.57 -26.29
C LYS C 267 -53.50 20.50 -27.20
N LYS C 268 -54.23 21.45 -27.80
CA LYS C 268 -53.64 22.45 -28.69
C LYS C 268 -53.69 23.81 -28.01
N LYS C 269 -52.55 24.51 -28.02
CA LYS C 269 -52.46 25.82 -27.35
C LYS C 269 -52.76 26.94 -28.35
N ASN C 270 -51.99 27.02 -29.42
CA ASN C 270 -52.22 28.07 -30.42
C ASN C 270 -52.20 27.56 -31.86
N THR C 271 -51.26 26.67 -32.19
CA THR C 271 -51.10 26.24 -33.58
C THR C 271 -51.32 24.75 -33.76
N PHE C 272 -50.71 23.91 -32.91
CA PHE C 272 -50.81 22.46 -33.05
C PHE C 272 -51.12 21.83 -31.71
N SER C 273 -51.57 20.58 -31.76
CA SER C 273 -51.94 19.81 -30.58
C SER C 273 -50.81 18.88 -30.16
N ILE C 274 -50.81 18.54 -28.88
CA ILE C 274 -49.80 17.64 -28.31
C ILE C 274 -50.39 16.97 -27.08
N LEU C 275 -49.89 15.77 -26.77
CA LEU C 275 -50.35 15.02 -25.62
C LEU C 275 -49.98 15.72 -24.33
N GLY C 287 -41.02 -3.00 -26.66
CA GLY C 287 -40.69 -3.72 -27.86
C GLY C 287 -41.89 -4.05 -28.72
N GLU C 288 -42.97 -4.48 -28.06
CA GLU C 288 -44.19 -4.82 -28.80
C GLU C 288 -44.80 -3.59 -29.47
N VAL C 289 -44.78 -2.45 -28.78
CA VAL C 289 -45.26 -1.22 -29.39
C VAL C 289 -44.32 -0.77 -30.50
N ILE C 290 -43.01 -0.99 -30.33
CA ILE C 290 -42.04 -0.60 -31.34
C ILE C 290 -42.26 -1.41 -32.62
N LYS C 291 -42.66 -2.67 -32.48
CA LYS C 291 -42.97 -3.47 -33.66
C LYS C 291 -44.16 -2.88 -34.42
N ARG C 292 -45.20 -2.47 -33.69
CA ARG C 292 -46.34 -1.82 -34.35
C ARG C 292 -45.93 -0.53 -35.04
N ILE C 293 -45.07 0.26 -34.39
CA ILE C 293 -44.63 1.52 -34.97
C ILE C 293 -43.83 1.27 -36.24
N ILE C 294 -42.91 0.31 -36.21
CA ILE C 294 -42.07 0.04 -37.38
C ILE C 294 -42.89 -0.57 -38.50
N ASP C 295 -43.93 -1.35 -38.18
CA ASP C 295 -44.75 -1.93 -39.22
C ASP C 295 -45.67 -0.89 -39.86
N THR C 296 -46.23 0.00 -39.04
CA THR C 296 -47.19 0.98 -39.56
C THR C 296 -46.52 2.08 -40.36
N ILE C 297 -45.38 2.59 -39.87
CA ILE C 297 -44.77 3.79 -40.45
C ILE C 297 -43.81 3.32 -41.53
N GLY C 298 -44.36 3.09 -42.72
CA GLY C 298 -43.58 2.86 -43.92
C GLY C 298 -42.65 1.66 -43.90
N ARG C 299 -42.83 0.77 -42.92
CA ARG C 299 -42.04 -0.45 -42.80
C ARG C 299 -40.56 -0.16 -42.60
N ASP C 300 -39.91 0.39 -43.64
CA ASP C 300 -38.47 0.63 -43.61
C ASP C 300 -38.15 2.06 -43.18
N TYR C 301 -38.56 2.39 -41.94
CA TYR C 301 -38.27 3.69 -41.33
C TYR C 301 -37.72 3.42 -39.93
N TYR C 302 -36.41 3.23 -39.84
CA TYR C 302 -35.78 2.90 -38.58
C TYR C 302 -35.62 4.16 -37.72
N VAL C 303 -35.13 3.96 -36.50
CA VAL C 303 -34.88 5.05 -35.56
C VAL C 303 -33.41 5.41 -35.61
N ASN C 304 -33.11 6.65 -35.98
CA ASN C 304 -31.74 7.16 -36.05
C ASN C 304 -31.43 8.12 -34.92
N GLY C 305 -32.20 8.07 -33.83
CA GLY C 305 -32.03 8.99 -32.72
C GLY C 305 -33.35 9.55 -32.24
N LYS C 306 -33.50 10.88 -32.32
CA LYS C 306 -34.76 11.51 -31.98
C LYS C 306 -35.80 11.40 -33.10
N TYR C 307 -35.37 11.11 -34.32
CA TYR C 307 -36.27 11.06 -35.47
C TYR C 307 -36.17 9.69 -36.12
N PHE C 308 -36.84 9.54 -37.26
CA PHE C 308 -36.78 8.35 -38.08
C PHE C 308 -35.84 8.57 -39.27
N SER C 309 -35.55 7.48 -39.97
CA SER C 309 -34.69 7.55 -41.14
C SER C 309 -34.96 6.33 -42.02
N LYS C 310 -34.96 6.56 -43.33
CA LYS C 310 -35.14 5.47 -44.28
C LYS C 310 -33.82 4.78 -44.58
N VAL C 311 -33.89 3.70 -45.35
CA VAL C 311 -32.67 3.00 -45.74
C VAL C 311 -31.78 3.89 -46.60
N GLY C 312 -32.38 4.63 -47.53
CA GLY C 312 -31.64 5.59 -48.34
C GLY C 312 -30.48 5.00 -49.11
N ILE C 313 -30.77 4.14 -50.08
CA ILE C 313 -29.71 3.53 -50.87
C ILE C 313 -29.04 4.61 -51.73
N ALA C 314 -27.73 4.74 -51.57
CA ALA C 314 -26.97 5.75 -52.31
C ALA C 314 -25.50 5.39 -52.28
N GLY C 315 -24.74 6.00 -53.16
CA GLY C 315 -23.30 5.78 -53.22
C GLY C 315 -22.50 7.02 -52.88
N LEU C 316 -21.87 7.62 -53.88
CA LEU C 316 -21.05 8.81 -53.65
C LEU C 316 -21.88 10.05 -53.37
N LYS C 317 -23.19 10.02 -53.64
CA LYS C 317 -24.03 11.19 -53.42
C LYS C 317 -24.07 11.56 -51.95
N GLN C 318 -24.25 10.58 -51.07
CA GLN C 318 -24.27 10.85 -49.63
C GLN C 318 -22.91 11.34 -49.15
N LEU C 319 -21.83 10.76 -49.68
CA LEU C 319 -20.50 11.20 -49.28
C LEU C 319 -20.26 12.65 -49.68
N THR C 320 -20.69 13.04 -50.88
CA THR C 320 -20.53 14.43 -51.31
C THR C 320 -21.42 15.37 -50.51
N ASN C 321 -22.66 14.94 -50.21
CA ASN C 321 -23.57 15.79 -49.47
C ASN C 321 -23.08 16.04 -48.04
N LYS C 322 -22.57 15.00 -47.38
CA LYS C 322 -22.10 15.17 -46.00
C LYS C 322 -20.83 16.01 -45.95
N LEU C 323 -19.96 15.88 -46.95
CA LEU C 323 -18.72 16.63 -46.99
C LEU C 323 -18.88 18.02 -47.57
N ASP C 324 -20.08 18.37 -48.05
CA ASP C 324 -20.36 19.68 -48.64
C ASP C 324 -19.40 19.98 -49.80
N ILE C 325 -19.19 18.99 -50.67
CA ILE C 325 -18.32 19.14 -51.82
C ILE C 325 -19.13 18.85 -53.09
N ASN C 326 -18.53 19.18 -54.23
CA ASN C 326 -19.18 18.95 -55.51
C ASN C 326 -19.30 17.46 -55.80
N GLU C 327 -20.44 17.07 -56.37
CA GLU C 327 -20.67 15.67 -56.71
C GLU C 327 -19.70 15.24 -57.81
N CYS C 328 -19.10 14.07 -57.63
CA CYS C 328 -18.16 13.54 -58.61
C CYS C 328 -18.60 12.17 -59.11
N VAL C 331 -13.23 8.29 -60.58
CA VAL C 331 -12.74 7.93 -59.25
C VAL C 331 -11.79 9.01 -58.73
N ASP C 332 -10.90 9.47 -59.61
CA ASP C 332 -9.93 10.49 -59.22
C ASP C 332 -10.58 11.86 -59.03
N GLU C 333 -11.79 12.06 -59.57
CA GLU C 333 -12.47 13.35 -59.40
C GLU C 333 -12.77 13.63 -57.94
N LEU C 334 -13.23 12.61 -57.20
CA LEU C 334 -13.51 12.79 -55.78
C LEU C 334 -12.24 13.11 -55.00
N VAL C 335 -11.14 12.43 -55.33
CA VAL C 335 -9.87 12.69 -54.65
C VAL C 335 -9.40 14.10 -54.93
N ASP C 336 -9.51 14.56 -56.19
CA ASP C 336 -9.11 15.91 -56.52
C ASP C 336 -9.99 16.94 -55.81
N GLU C 337 -11.30 16.68 -55.74
CA GLU C 337 -12.19 17.60 -55.04
C GLU C 337 -11.85 17.69 -53.56
N ILE C 338 -11.54 16.54 -52.95
CA ILE C 338 -11.13 16.55 -51.54
C ILE C 338 -9.84 17.32 -51.36
N ASN C 339 -8.87 17.11 -52.26
CA ASN C 339 -7.58 17.79 -52.16
C ASN C 339 -7.72 19.29 -52.34
N LYS C 340 -8.67 19.73 -53.17
CA LYS C 340 -8.83 21.16 -53.43
C LYS C 340 -9.20 21.92 -52.17
N SER C 341 -10.11 21.37 -51.36
CA SER C 341 -10.57 22.02 -50.15
C SER C 341 -9.73 21.55 -48.95
N GLY C 342 -9.02 22.49 -48.33
CA GLY C 342 -8.16 22.13 -47.21
C GLY C 342 -8.94 21.70 -45.99
N THR C 343 -10.06 22.37 -45.70
CA THR C 343 -10.84 22.04 -44.51
C THR C 343 -11.42 20.64 -44.59
N VAL C 344 -11.95 20.26 -45.75
CA VAL C 344 -12.49 18.91 -45.91
C VAL C 344 -11.38 17.88 -45.84
N LYS C 345 -10.19 18.21 -46.37
CA LYS C 345 -9.06 17.30 -46.27
C LYS C 345 -8.65 17.10 -44.81
N ARG C 346 -8.65 18.17 -44.02
CA ARG C 346 -8.35 18.04 -42.59
C ARG C 346 -9.41 17.21 -41.88
N LYS C 347 -10.69 17.42 -42.22
CA LYS C 347 -11.75 16.62 -41.62
C LYS C 347 -11.58 15.15 -41.96
N ILE C 348 -11.20 14.85 -43.21
CA ILE C 348 -10.97 13.47 -43.61
C ILE C 348 -9.80 12.87 -42.84
N LYS C 349 -8.67 13.57 -42.81
CA LYS C 349 -7.52 13.11 -42.03
C LYS C 349 -7.52 13.73 -40.64
N ASN C 350 -8.69 13.70 -39.98
CA ASN C 350 -8.79 14.03 -38.57
C ASN C 350 -9.78 13.17 -37.81
N GLN C 351 -10.39 12.18 -38.46
CA GLN C 351 -11.41 11.35 -37.82
C GLN C 351 -11.32 9.94 -38.38
N SER C 352 -11.74 8.97 -37.58
CA SER C 352 -11.68 7.57 -37.99
C SER C 352 -12.71 7.30 -39.09
N VAL C 353 -12.39 6.29 -39.92
CA VAL C 353 -13.27 5.93 -41.03
C VAL C 353 -14.63 5.46 -40.52
N PHE C 354 -14.63 4.62 -39.49
CA PHE C 354 -15.88 4.08 -38.96
C PHE C 354 -16.79 5.19 -38.45
N ASP C 355 -16.23 6.13 -37.70
CA ASP C 355 -17.04 7.20 -37.11
C ASP C 355 -17.64 8.09 -38.19
N LEU C 356 -16.83 8.49 -39.17
CA LEU C 356 -17.34 9.37 -40.22
C LEU C 356 -18.37 8.66 -41.09
N SER C 357 -18.16 7.36 -41.36
CA SER C 357 -19.13 6.60 -42.12
C SER C 357 -20.45 6.48 -41.37
N ARG C 358 -20.39 6.21 -40.06
CA ARG C 358 -21.61 6.14 -39.26
C ARG C 358 -22.32 7.48 -39.23
N GLU C 359 -21.58 8.58 -39.13
CA GLU C 359 -22.19 9.91 -39.17
C GLU C 359 -22.83 10.17 -40.52
N CYS C 360 -22.17 9.76 -41.61
CA CYS C 360 -22.72 9.96 -42.94
C CYS C 360 -24.02 9.19 -43.13
N LEU C 361 -24.08 7.95 -42.68
CA LEU C 361 -25.30 7.18 -42.81
C LEU C 361 -26.31 7.47 -41.71
N GLY C 362 -25.92 8.21 -40.67
CA GLY C 362 -26.85 8.59 -39.63
C GLY C 362 -27.28 7.48 -38.71
N TYR C 363 -26.58 6.35 -38.71
CA TYR C 363 -26.94 5.25 -37.81
C TYR C 363 -26.74 5.69 -36.36
N PRO C 364 -27.68 5.36 -35.47
CA PRO C 364 -27.51 5.72 -34.06
C PRO C 364 -26.28 5.04 -33.47
N GLU C 365 -25.59 5.76 -32.58
CA GLU C 365 -24.35 5.25 -32.00
C GLU C 365 -24.62 4.03 -31.11
N ALA C 366 -25.68 4.09 -30.30
CA ALA C 366 -25.93 3.02 -29.34
C ALA C 366 -26.27 1.70 -30.04
N ASP C 367 -27.23 1.74 -30.98
CA ASP C 367 -27.67 0.51 -31.63
C ASP C 367 -26.58 -0.07 -32.51
N PHE C 368 -25.86 0.78 -33.25
CA PHE C 368 -24.88 0.28 -34.20
C PHE C 368 -23.70 -0.38 -33.49
N ILE C 369 -23.28 0.18 -32.36
CA ILE C 369 -22.19 -0.43 -31.60
C ILE C 369 -22.58 -1.83 -31.13
N THR C 370 -23.81 -1.97 -30.62
CA THR C 370 -24.28 -3.28 -30.18
C THR C 370 -24.36 -4.25 -31.34
N LEU C 371 -24.88 -3.80 -32.49
CA LEU C 371 -24.96 -4.68 -33.66
C LEU C 371 -23.59 -5.13 -34.12
N VAL C 372 -22.62 -4.21 -34.13
CA VAL C 372 -21.26 -4.56 -34.53
C VAL C 372 -20.64 -5.54 -33.54
N ASN C 373 -20.85 -5.30 -32.24
CA ASN C 373 -20.30 -6.18 -31.21
C ASN C 373 -20.90 -7.57 -31.30
N ASN C 374 -22.17 -7.68 -31.72
CA ASN C 374 -22.84 -8.98 -31.82
C ASN C 374 -22.69 -9.60 -33.20
N MET C 375 -21.63 -9.27 -33.93
CA MET C 375 -21.40 -9.79 -35.28
C MET C 375 -20.04 -10.45 -35.36
N ARG C 376 -19.77 -11.05 -36.51
CA ARG C 376 -18.58 -11.86 -36.75
C ARG C 376 -17.94 -11.52 -38.09
N PHE C 377 -17.69 -10.22 -38.30
CA PHE C 377 -17.11 -9.75 -39.56
C PHE C 377 -15.86 -10.53 -39.92
N LYS C 378 -15.58 -10.60 -41.23
CA LYS C 378 -14.40 -11.29 -41.75
C LYS C 378 -13.53 -10.31 -42.51
N ILE C 379 -13.27 -9.14 -41.89
CA ILE C 379 -12.59 -8.05 -42.56
C ILE C 379 -11.20 -8.49 -42.99
N GLU C 380 -10.87 -8.22 -44.25
CA GLU C 380 -9.53 -8.42 -44.77
C GLU C 380 -9.15 -7.23 -45.64
N ASN C 381 -7.90 -6.77 -45.50
CA ASN C 381 -7.40 -5.61 -46.21
C ASN C 381 -8.29 -4.38 -45.97
N CYS C 382 -8.73 -4.22 -44.72
CA CYS C 382 -9.57 -3.10 -44.31
C CYS C 382 -10.85 -3.01 -45.14
N LYS C 383 -11.43 -4.17 -45.43
CA LYS C 383 -12.68 -4.22 -46.20
C LYS C 383 -13.49 -5.42 -45.76
N VAL C 384 -14.77 -5.20 -45.49
CA VAL C 384 -15.67 -6.28 -45.08
C VAL C 384 -16.02 -7.12 -46.29
N VAL C 385 -15.93 -8.44 -46.14
CA VAL C 385 -16.21 -9.36 -47.25
C VAL C 385 -17.59 -9.97 -47.08
N ASN C 386 -17.82 -10.68 -45.97
CA ASN C 386 -19.08 -11.37 -45.72
C ASN C 386 -19.42 -11.25 -44.24
N PHE C 387 -20.20 -10.22 -43.90
CA PHE C 387 -20.66 -10.05 -42.54
C PHE C 387 -21.77 -11.05 -42.22
N ASN C 388 -21.93 -11.33 -40.93
CA ASN C 388 -22.98 -12.23 -40.46
C ASN C 388 -23.30 -11.92 -39.01
N ILE C 389 -24.44 -12.41 -38.56
CA ILE C 389 -24.91 -12.21 -37.20
C ILE C 389 -24.66 -13.48 -36.40
N GLU C 390 -24.39 -13.31 -35.11
CA GLU C 390 -24.15 -14.44 -34.21
C GLU C 390 -25.22 -14.54 -33.12
N ASN C 391 -25.47 -13.47 -32.38
CA ASN C 391 -26.45 -13.48 -31.32
C ASN C 391 -27.78 -12.95 -31.85
N THR C 392 -28.84 -13.74 -31.69
CA THR C 392 -30.17 -13.37 -32.16
C THR C 392 -30.90 -12.45 -31.18
N ASN C 393 -30.42 -12.35 -29.93
CA ASN C 393 -31.10 -11.52 -28.94
C ASN C 393 -31.13 -10.06 -29.37
N CYS C 394 -30.03 -9.55 -29.93
CA CYS C 394 -30.01 -8.17 -30.41
C CYS C 394 -31.01 -7.94 -31.54
N LEU C 395 -31.46 -9.01 -32.21
CA LEU C 395 -32.50 -8.88 -33.22
C LEU C 395 -33.87 -8.56 -32.64
N ASN C 396 -34.01 -8.62 -31.32
CA ASN C 396 -35.30 -8.30 -30.70
C ASN C 396 -35.68 -6.85 -30.96
N ASN C 397 -34.72 -5.95 -30.91
CA ASN C 397 -35.00 -4.54 -31.17
C ASN C 397 -35.28 -4.34 -32.66
N PRO C 398 -36.43 -3.77 -33.04
CA PRO C 398 -36.71 -3.59 -34.47
C PRO C 398 -35.72 -2.70 -35.18
N SER C 399 -35.10 -1.74 -34.48
CA SER C 399 -34.16 -0.83 -35.12
C SER C 399 -32.95 -1.58 -35.66
N ILE C 400 -32.43 -2.54 -34.89
CA ILE C 400 -31.30 -3.32 -35.35
C ILE C 400 -31.68 -4.21 -36.53
N GLU C 401 -32.92 -4.73 -36.53
CA GLU C 401 -33.38 -5.53 -37.64
C GLU C 401 -33.38 -4.74 -38.94
N THR C 402 -33.94 -3.54 -38.91
CA THR C 402 -33.94 -2.70 -40.11
C THR C 402 -32.54 -2.28 -40.50
N ILE C 403 -31.70 -1.93 -39.52
CA ILE C 403 -30.32 -1.53 -39.81
C ILE C 403 -29.55 -2.69 -40.41
N TYR C 404 -29.72 -3.89 -39.85
CA TYR C 404 -29.05 -5.07 -40.41
C TYR C 404 -29.52 -5.37 -41.82
N GLY C 405 -30.74 -4.97 -42.16
CA GLY C 405 -31.23 -5.16 -43.52
C GLY C 405 -30.47 -4.34 -44.53
N ASN C 406 -30.12 -3.10 -44.16
CA ASN C 406 -29.38 -2.20 -45.04
C ASN C 406 -27.89 -2.16 -44.72
N PHE C 407 -27.36 -3.22 -44.10
CA PHE C 407 -25.95 -3.26 -43.77
C PHE C 407 -25.06 -3.31 -45.01
N ASN C 408 -25.60 -3.78 -46.14
CA ASN C 408 -24.81 -3.81 -47.37
C ASN C 408 -24.42 -2.41 -47.82
N GLN C 409 -25.35 -1.45 -47.71
CA GLN C 409 -25.02 -0.07 -48.05
C GLN C 409 -23.91 0.46 -47.14
N PHE C 410 -23.99 0.16 -45.85
CA PHE C 410 -22.96 0.63 -44.92
C PHE C 410 -21.60 0.03 -45.26
N VAL C 411 -21.55 -1.27 -45.56
CA VAL C 411 -20.25 -1.88 -45.85
C VAL C 411 -19.70 -1.37 -47.17
N SER C 412 -20.56 -1.12 -48.16
CA SER C 412 -20.09 -0.56 -49.42
C SER C 412 -19.53 0.84 -49.23
N ILE C 413 -20.23 1.68 -48.44
CA ILE C 413 -19.75 3.04 -48.21
C ILE C 413 -18.47 3.02 -47.39
N PHE C 414 -18.38 2.12 -46.42
CA PHE C 414 -17.14 1.97 -45.64
C PHE C 414 -15.98 1.56 -46.51
N ASN C 415 -16.20 0.62 -47.44
CA ASN C 415 -15.14 0.22 -48.37
C ASN C 415 -14.73 1.39 -49.25
N THR C 416 -15.70 2.15 -49.75
CA THR C 416 -15.37 3.31 -50.59
C THR C 416 -14.57 4.34 -49.81
N VAL C 417 -14.96 4.61 -48.57
CA VAL C 417 -14.23 5.58 -47.75
C VAL C 417 -12.81 5.10 -47.47
N THR C 418 -12.65 3.82 -47.16
CA THR C 418 -11.31 3.28 -46.93
C THR C 418 -10.45 3.39 -48.17
N ASP C 419 -11.02 3.08 -49.34
CA ASP C 419 -10.26 3.21 -50.59
C ASP C 419 -9.87 4.65 -50.85
N VAL C 420 -10.79 5.59 -50.61
CA VAL C 420 -10.51 7.00 -50.84
C VAL C 420 -9.40 7.48 -49.91
N LYS C 421 -9.47 7.11 -48.64
CA LYS C 421 -8.44 7.54 -47.69
C LYS C 421 -7.10 6.88 -47.98
N LYS C 422 -7.10 5.64 -48.47
CA LYS C 422 -5.85 4.99 -48.88
C LYS C 422 -5.24 5.70 -50.07
N ARG C 423 -6.07 6.10 -51.05
CA ARG C 423 -5.55 6.82 -52.21
C ARG C 423 -5.00 8.19 -51.79
N LEU C 424 -5.68 8.87 -50.88
CA LEU C 424 -5.22 10.17 -50.41
C LEU C 424 -3.94 10.05 -49.59
CA CA F . 7.92 -19.32 -7.47
CA CA G . 12.53 -5.63 29.01
CA CA H . 13.65 -6.95 28.34
#